data_8ZCX
#
_entry.id   8ZCX
#
_cell.length_a   102.669
_cell.length_b   146.744
_cell.length_c   149.528
_cell.angle_alpha   90.00
_cell.angle_beta   90.00
_cell.angle_gamma   90.00
#
_symmetry.space_group_name_H-M   'P 21 21 21'
#
loop_
_entity.id
_entity.type
_entity.pdbx_description
1 polymer 'Aldehyde dehydrogenase'
2 water water
#
_entity_poly.entity_id   1
_entity_poly.type   'polypeptide(L)'
_entity_poly.pdbx_seq_one_letter_code
;MSDSRYTDLGLQPLAGEWRHGRAGRRLKVSNPFDGSLLLEIEQADRDDLDAAYAKAAEVQPAWAALGPSARAAVLYKAVE
VFDRRHEEIVDWIIRESGSTRLKAEIEWGAARAITLESASFPARVHGRIVESDVPGKESRVYRSAIGVVGVISPWNFPLH
LTQRSIAPALALGNAVVVKPASDTPVCGGLLLARIFEEAGLPAGLFSVVVGPGSEIGDAFVEHPVPGLVTFTGSTPVGRN
IGRIASGGAHLKHVALELGGNSPFVVLGDADLEQAVSAAVFGKFLHQGQICMAINRIIVEDSLYDAFAARFVERVKGLRV
GDPQRADTAVGPIVNARQLEGLLEKIRLARQEGAKPLYEGGVDGQLLAPHVFGEVTATMEIARDEIFGPLVGLLRARDEA
HALELANASEYGLSSAVFSRDLERAVRFARQLRAGMTHVNDIPVNDEANAPFGGEKNSGLGRFNGDWAIEEFTTDHWISV
QHAPRQYPF
;
_entity_poly.pdbx_strand_id   A,B,C,D
#
# COMPACT_ATOMS: atom_id res chain seq x y z
N SER A 4 1.53 -5.90 -46.08
CA SER A 4 2.56 -4.96 -46.39
C SER A 4 3.26 -4.39 -45.14
N ARG A 5 4.56 -4.16 -45.31
CA ARG A 5 5.34 -3.36 -44.39
C ARG A 5 4.88 -1.92 -44.47
N TYR A 6 5.09 -1.19 -43.37
CA TYR A 6 4.74 0.21 -43.30
C TYR A 6 5.45 0.96 -44.42
N THR A 7 4.73 1.89 -45.08
CA THR A 7 5.34 2.74 -46.11
C THR A 7 5.08 4.21 -45.78
N ASP A 8 5.74 5.10 -46.55
CA ASP A 8 5.62 6.54 -46.38
C ASP A 8 5.98 6.92 -44.95
N LEU A 9 7.04 6.30 -44.43
CA LEU A 9 7.42 6.47 -43.04
C LEU A 9 7.96 7.89 -42.80
N GLY A 10 8.20 8.64 -43.90
CA GLY A 10 8.65 10.02 -43.81
C GLY A 10 7.57 10.95 -43.26
N LEU A 11 6.30 10.52 -43.34
CA LEU A 11 5.19 11.35 -42.90
C LEU A 11 5.23 11.47 -41.37
N GLN A 12 4.94 12.68 -40.88
CA GLN A 12 4.95 12.97 -39.46
C GLN A 12 3.50 13.03 -38.94
N PRO A 13 3.19 12.36 -37.80
CA PRO A 13 1.87 12.51 -37.18
C PRO A 13 1.79 13.84 -36.43
N LEU A 14 1.12 14.82 -37.06
CA LEU A 14 1.08 16.19 -36.55
C LEU A 14 -0.38 16.61 -36.40
N ALA A 15 -0.79 16.90 -35.17
CA ALA A 15 -2.16 17.38 -34.90
C ALA A 15 -3.19 16.42 -35.50
N GLY A 16 -2.91 15.12 -35.46
CA GLY A 16 -3.88 14.11 -35.91
C GLY A 16 -3.86 13.92 -37.41
N GLU A 17 -2.94 14.58 -38.11
CA GLU A 17 -2.81 14.33 -39.58
C GLU A 17 -1.38 13.87 -39.88
N TRP A 18 -1.24 12.79 -40.63
CA TRP A 18 0.12 12.40 -41.06
C TRP A 18 0.45 13.27 -42.27
N ARG A 19 1.61 13.93 -42.27
CA ARG A 19 1.90 14.89 -43.37
C ARG A 19 3.36 15.35 -43.30
N HIS A 20 3.76 16.23 -44.23
CA HIS A 20 5.13 16.73 -44.21
C HIS A 20 5.23 17.93 -43.29
N GLY A 21 6.45 18.15 -42.82
CA GLY A 21 6.77 19.30 -42.03
C GLY A 21 6.72 20.58 -42.85
N ARG A 22 6.47 21.66 -42.12
CA ARG A 22 6.19 23.00 -42.64
C ARG A 22 7.46 23.84 -42.75
N ALA A 23 8.57 23.30 -42.21
CA ALA A 23 9.83 24.02 -42.06
C ALA A 23 10.52 24.22 -43.43
N GLY A 24 10.31 23.28 -44.35
CA GLY A 24 10.83 23.40 -45.71
C GLY A 24 12.29 22.94 -45.82
N ARG A 25 12.76 22.19 -44.81
CA ARG A 25 14.09 21.61 -44.80
C ARG A 25 13.97 20.08 -44.77
N ARG A 26 14.93 19.38 -45.40
CA ARG A 26 14.84 17.93 -45.57
C ARG A 26 15.98 17.26 -44.83
N LEU A 27 15.63 16.18 -44.13
CA LEU A 27 16.60 15.42 -43.35
C LEU A 27 16.80 14.07 -44.02
N LYS A 28 18.05 13.68 -44.19
CA LYS A 28 18.36 12.37 -44.67
C LYS A 28 18.66 11.45 -43.50
N VAL A 29 18.04 10.28 -43.53
CA VAL A 29 18.26 9.25 -42.54
C VAL A 29 18.98 8.11 -43.22
N SER A 30 20.13 7.72 -42.66
CA SER A 30 21.07 6.85 -43.35
C SER A 30 21.54 5.73 -42.42
N ASN A 31 21.89 4.60 -43.03
CA ASN A 31 22.43 3.44 -42.32
C ASN A 31 23.87 3.74 -41.89
N PRO A 32 24.23 3.58 -40.60
CA PRO A 32 25.62 3.83 -40.18
C PRO A 32 26.61 2.85 -40.81
N PHE A 33 26.17 1.62 -41.08
CA PHE A 33 27.06 0.61 -41.65
C PHE A 33 27.43 1.00 -43.09
N ASP A 34 26.45 0.91 -44.02
CA ASP A 34 26.70 1.09 -45.44
C ASP A 34 26.80 2.57 -45.79
N GLY A 35 26.20 3.42 -44.96
CA GLY A 35 26.03 4.83 -45.31
C GLY A 35 24.86 5.05 -46.27
N SER A 36 24.16 3.94 -46.64
CA SER A 36 23.10 4.00 -47.64
C SER A 36 21.88 4.72 -47.08
N LEU A 37 21.20 5.48 -47.94
CA LEU A 37 20.11 6.35 -47.52
C LEU A 37 18.84 5.51 -47.28
N LEU A 38 18.31 5.62 -46.04
CA LEU A 38 17.10 4.92 -45.63
C LEU A 38 15.86 5.65 -46.17
N LEU A 39 15.65 6.89 -45.73
CA LEU A 39 14.51 7.68 -46.14
C LEU A 39 14.79 9.16 -45.84
N GLU A 40 13.86 10.03 -46.28
CA GLU A 40 14.02 11.47 -46.17
C GLU A 40 12.75 12.06 -45.58
N ILE A 41 12.92 13.05 -44.68
CA ILE A 41 11.82 13.63 -43.92
C ILE A 41 11.84 15.14 -44.10
N GLU A 42 10.64 15.74 -44.27
CA GLU A 42 10.46 17.17 -44.23
C GLU A 42 10.42 17.65 -42.78
N GLN A 43 11.36 18.51 -42.41
CA GLN A 43 11.49 18.98 -41.03
C GLN A 43 10.27 19.82 -40.66
N ALA A 44 9.97 19.89 -39.34
CA ALA A 44 8.80 20.59 -38.83
C ALA A 44 9.22 21.92 -38.22
N ASP A 45 8.36 22.94 -38.39
CA ASP A 45 8.64 24.28 -37.89
C ASP A 45 7.97 24.46 -36.52
N ARG A 46 8.15 25.65 -35.93
CA ARG A 46 7.61 25.95 -34.61
C ARG A 46 6.08 26.07 -34.65
N ASP A 47 5.54 26.43 -35.82
CA ASP A 47 4.09 26.49 -35.99
C ASP A 47 3.51 25.07 -35.90
N ASP A 48 4.28 24.09 -36.40
CA ASP A 48 3.90 22.68 -36.30
C ASP A 48 3.84 22.26 -34.84
N LEU A 49 4.86 22.62 -34.06
CA LEU A 49 4.99 22.19 -32.67
C LEU A 49 3.79 22.70 -31.85
N ASP A 50 3.43 23.97 -32.05
CA ASP A 50 2.30 24.57 -31.35
C ASP A 50 1.01 23.79 -31.66
N ALA A 51 0.86 23.36 -32.92
CA ALA A 51 -0.33 22.62 -33.34
C ALA A 51 -0.41 21.26 -32.62
N ALA A 52 0.75 20.57 -32.50
CA ALA A 52 0.79 19.23 -31.90
C ALA A 52 0.35 19.27 -30.43
N TYR A 53 0.84 20.28 -29.67
CA TYR A 53 0.48 20.44 -28.27
C TYR A 53 -0.99 20.84 -28.16
N ALA A 54 -1.46 21.71 -29.07
CA ALA A 54 -2.83 22.21 -29.02
C ALA A 54 -3.80 21.04 -29.19
N LYS A 55 -3.48 20.17 -30.18
CA LYS A 55 -4.34 19.05 -30.53
C LYS A 55 -4.36 18.05 -29.40
N ALA A 56 -3.19 17.78 -28.83
CA ALA A 56 -3.07 16.82 -27.74
C ALA A 56 -3.94 17.26 -26.56
N ALA A 57 -3.94 18.56 -26.26
CA ALA A 57 -4.66 19.08 -25.12
C ALA A 57 -6.18 18.95 -25.32
N GLU A 58 -6.65 19.08 -26.56
CA GLU A 58 -8.09 19.15 -26.81
C GLU A 58 -8.69 17.73 -26.81
N VAL A 59 -7.96 16.75 -27.37
CA VAL A 59 -8.51 15.40 -27.58
C VAL A 59 -8.30 14.55 -26.32
N GLN A 60 -7.44 15.00 -25.40
CA GLN A 60 -7.03 14.18 -24.25
C GLN A 60 -8.24 13.90 -23.33
N PRO A 61 -9.08 14.89 -22.98
CA PRO A 61 -10.20 14.66 -22.06
C PRO A 61 -11.14 13.51 -22.49
N ALA A 62 -11.42 13.42 -23.78
CA ALA A 62 -12.29 12.37 -24.29
C ALA A 62 -11.65 10.99 -24.06
N TRP A 63 -10.33 10.90 -24.28
CA TRP A 63 -9.57 9.68 -24.05
C TRP A 63 -9.59 9.32 -22.56
N ALA A 64 -9.41 10.34 -21.70
CA ALA A 64 -9.41 10.14 -20.25
C ALA A 64 -10.81 9.81 -19.73
N ALA A 65 -11.84 10.26 -20.45
CA ALA A 65 -13.22 10.06 -20.00
C ALA A 65 -13.66 8.61 -20.26
N LEU A 66 -12.96 7.91 -21.17
CA LEU A 66 -13.27 6.52 -21.48
C LEU A 66 -13.06 5.65 -20.25
N GLY A 67 -13.70 4.47 -20.25
CA GLY A 67 -13.49 3.48 -19.23
C GLY A 67 -12.09 2.87 -19.31
N PRO A 68 -11.58 2.29 -18.20
CA PRO A 68 -10.28 1.61 -18.20
C PRO A 68 -10.14 0.50 -19.25
N SER A 69 -11.23 -0.23 -19.51
CA SER A 69 -11.20 -1.37 -20.42
C SER A 69 -10.92 -0.92 -21.86
N ALA A 70 -11.52 0.22 -22.25
CA ALA A 70 -11.35 0.77 -23.58
C ALA A 70 -9.88 1.12 -23.83
N ARG A 71 -9.26 1.84 -22.89
CA ARG A 71 -7.89 2.27 -23.04
C ARG A 71 -6.97 1.05 -22.98
N ALA A 72 -7.31 0.08 -22.14
CA ALA A 72 -6.50 -1.13 -22.01
C ALA A 72 -6.54 -1.91 -23.32
N ALA A 73 -7.69 -1.90 -23.98
CA ALA A 73 -7.89 -2.71 -25.18
C ALA A 73 -6.93 -2.26 -26.30
N VAL A 74 -6.70 -0.95 -26.39
CA VAL A 74 -5.76 -0.41 -27.37
C VAL A 74 -4.38 -1.00 -27.11
N LEU A 75 -3.96 -0.99 -25.83
CA LEU A 75 -2.63 -1.46 -25.46
C LEU A 75 -2.46 -2.93 -25.82
N TYR A 76 -3.53 -3.73 -25.64
CA TYR A 76 -3.48 -5.16 -25.92
C TYR A 76 -3.26 -5.38 -27.42
N LYS A 77 -3.94 -4.59 -28.25
CA LYS A 77 -3.83 -4.70 -29.70
C LYS A 77 -2.39 -4.39 -30.14
N ALA A 78 -1.74 -3.43 -29.47
CA ALA A 78 -0.38 -3.03 -29.83
C ALA A 78 0.58 -4.19 -29.61
N VAL A 79 0.31 -5.00 -28.59
CA VAL A 79 1.13 -6.16 -28.31
C VAL A 79 1.06 -7.13 -29.50
N GLU A 80 -0.13 -7.31 -30.07
CA GLU A 80 -0.34 -8.23 -31.19
C GLU A 80 0.46 -7.76 -32.41
N VAL A 81 0.49 -6.44 -32.62
CA VAL A 81 1.25 -5.84 -33.71
C VAL A 81 2.75 -6.11 -33.51
N PHE A 82 3.23 -6.04 -32.26
CA PHE A 82 4.64 -6.24 -31.96
C PHE A 82 5.07 -7.65 -32.36
N ASP A 83 4.24 -8.65 -32.06
CA ASP A 83 4.46 -10.01 -32.53
C ASP A 83 4.29 -10.05 -34.04
N ARG A 84 3.35 -9.25 -34.53
CA ARG A 84 2.88 -9.35 -35.90
C ARG A 84 3.98 -8.90 -36.86
N ARG A 85 4.67 -7.81 -36.48
CA ARG A 85 5.70 -7.19 -37.28
C ARG A 85 7.06 -7.32 -36.60
N HIS A 86 7.28 -8.45 -35.89
CA HIS A 86 8.50 -8.70 -35.14
C HIS A 86 9.72 -8.37 -36.01
N GLU A 87 9.82 -9.04 -37.18
CA GLU A 87 11.00 -8.92 -38.05
C GLU A 87 11.13 -7.49 -38.58
N GLU A 88 9.99 -6.90 -38.97
CA GLU A 88 9.98 -5.55 -39.54
C GLU A 88 10.59 -4.56 -38.53
N ILE A 89 10.13 -4.64 -37.26
CA ILE A 89 10.58 -3.72 -36.21
C ILE A 89 12.07 -3.94 -35.94
N VAL A 90 12.47 -5.21 -35.78
CA VAL A 90 13.86 -5.55 -35.50
C VAL A 90 14.76 -5.01 -36.63
N ASP A 91 14.27 -5.13 -37.89
CA ASP A 91 15.04 -4.71 -39.05
C ASP A 91 15.30 -3.20 -38.99
N TRP A 92 14.27 -2.43 -38.62
CA TRP A 92 14.41 -0.97 -38.54
C TRP A 92 15.45 -0.55 -37.48
N ILE A 93 15.51 -1.30 -36.36
CA ILE A 93 16.44 -1.00 -35.27
C ILE A 93 17.88 -1.19 -35.78
N ILE A 94 18.14 -2.34 -36.46
CA ILE A 94 19.46 -2.64 -37.00
C ILE A 94 19.83 -1.57 -38.02
N ARG A 95 18.87 -1.27 -38.92
CA ARG A 95 19.05 -0.36 -40.04
C ARG A 95 19.38 1.06 -39.55
N GLU A 96 18.50 1.63 -38.71
CA GLU A 96 18.56 3.05 -38.40
C GLU A 96 19.69 3.30 -37.39
N SER A 97 19.67 2.59 -36.26
CA SER A 97 20.53 2.92 -35.12
C SER A 97 21.89 2.23 -35.26
N GLY A 98 21.97 1.20 -36.10
CA GLY A 98 23.20 0.43 -36.27
C GLY A 98 23.33 -0.67 -35.21
N SER A 99 22.23 -0.97 -34.52
CA SER A 99 22.23 -1.98 -33.48
C SER A 99 22.44 -3.37 -34.10
N THR A 100 23.17 -4.22 -33.38
CA THR A 100 23.37 -5.59 -33.81
C THR A 100 22.05 -6.36 -33.71
N ARG A 101 21.96 -7.47 -34.46
CA ARG A 101 20.77 -8.29 -34.49
C ARG A 101 20.49 -8.85 -33.10
N LEU A 102 21.56 -9.15 -32.36
CA LEU A 102 21.46 -9.67 -31.01
C LEU A 102 20.80 -8.61 -30.11
N LYS A 103 21.34 -7.37 -30.18
CA LYS A 103 20.89 -6.27 -29.34
C LYS A 103 19.50 -5.80 -29.79
N ALA A 104 19.22 -5.87 -31.10
CA ALA A 104 17.95 -5.38 -31.64
C ALA A 104 16.80 -6.23 -31.13
N GLU A 105 17.01 -7.54 -31.08
CA GLU A 105 16.01 -8.49 -30.62
C GLU A 105 15.68 -8.22 -29.14
N ILE A 106 16.71 -7.94 -28.33
CA ILE A 106 16.53 -7.65 -26.91
C ILE A 106 15.65 -6.39 -26.78
N GLU A 107 15.95 -5.36 -27.58
CA GLU A 107 15.19 -4.12 -27.57
C GLU A 107 13.71 -4.42 -27.90
N TRP A 108 13.48 -5.23 -28.91
CA TRP A 108 12.13 -5.56 -29.33
C TRP A 108 11.37 -6.23 -28.17
N GLY A 109 12.00 -7.24 -27.55
CA GLY A 109 11.41 -8.01 -26.45
C GLY A 109 11.08 -7.14 -25.25
N ALA A 110 12.02 -6.25 -24.89
CA ALA A 110 11.82 -5.31 -23.79
C ALA A 110 10.62 -4.41 -24.05
N ALA A 111 10.54 -3.82 -25.27
CA ALA A 111 9.48 -2.90 -25.62
C ALA A 111 8.12 -3.60 -25.60
N ARG A 112 8.07 -4.84 -26.09
CA ARG A 112 6.85 -5.59 -26.12
C ARG A 112 6.35 -5.82 -24.69
N ALA A 113 7.28 -6.09 -23.77
CA ALA A 113 6.95 -6.36 -22.37
C ALA A 113 6.38 -5.10 -21.72
N ILE A 114 6.96 -3.92 -22.03
CA ILE A 114 6.46 -2.66 -21.52
C ILE A 114 4.99 -2.51 -21.94
N THR A 115 4.71 -2.79 -23.23
CA THR A 115 3.39 -2.54 -23.77
C THR A 115 2.37 -3.47 -23.08
N LEU A 116 2.75 -4.73 -22.89
CA LEU A 116 1.88 -5.71 -22.25
C LEU A 116 1.62 -5.31 -20.79
N GLU A 117 2.68 -4.86 -20.11
CA GLU A 117 2.62 -4.45 -18.71
C GLU A 117 1.54 -3.39 -18.54
N SER A 118 1.55 -2.40 -19.46
CA SER A 118 0.82 -1.15 -19.28
C SER A 118 -0.70 -1.36 -19.46
N ALA A 119 -1.08 -2.46 -20.12
CA ALA A 119 -2.50 -2.74 -20.37
C ALA A 119 -3.24 -2.95 -19.04
N SER A 120 -2.52 -3.37 -18.00
CA SER A 120 -3.13 -3.62 -16.69
C SER A 120 -3.22 -2.32 -15.86
N PHE A 121 -2.56 -1.24 -16.30
CA PHE A 121 -2.39 -0.07 -15.45
C PHE A 121 -3.71 0.66 -15.25
N PRO A 122 -4.52 0.89 -16.31
CA PRO A 122 -5.80 1.57 -16.13
C PRO A 122 -6.67 1.04 -14.97
N ALA A 123 -6.64 -0.28 -14.75
CA ALA A 123 -7.50 -0.90 -13.74
C ALA A 123 -7.02 -0.58 -12.32
N ARG A 124 -5.71 -0.34 -12.15
CA ARG A 124 -5.12 -0.35 -10.81
C ARG A 124 -5.16 1.03 -10.14
N VAL A 125 -5.46 2.08 -10.92
CA VAL A 125 -5.39 3.44 -10.39
C VAL A 125 -6.57 3.67 -9.45
N HIS A 126 -6.27 4.24 -8.27
CA HIS A 126 -7.21 4.37 -7.15
C HIS A 126 -7.21 5.80 -6.63
N GLY A 127 -8.39 6.33 -6.29
CA GLY A 127 -8.46 7.42 -5.35
C GLY A 127 -8.50 6.90 -3.91
N ARG A 128 -8.65 7.82 -2.93
CA ARG A 128 -8.71 7.46 -1.52
C ARG A 128 -9.79 8.28 -0.81
N ILE A 129 -10.27 7.75 0.33
CA ILE A 129 -11.12 8.50 1.25
C ILE A 129 -10.39 8.61 2.58
N VAL A 130 -10.32 9.82 3.14
CA VAL A 130 -9.52 10.10 4.31
C VAL A 130 -10.42 10.59 5.43
N GLU A 131 -10.07 10.24 6.68
CA GLU A 131 -10.90 10.58 7.83
C GLU A 131 -10.69 12.06 8.18
N SER A 132 -11.66 12.65 8.87
CA SER A 132 -11.57 14.06 9.28
C SER A 132 -11.97 14.23 10.76
N ASP A 133 -11.28 15.16 11.45
CA ASP A 133 -11.64 15.51 12.82
C ASP A 133 -12.87 16.42 12.83
N VAL A 134 -13.08 17.17 11.75
CA VAL A 134 -14.21 18.09 11.67
C VAL A 134 -15.48 17.28 11.49
N PRO A 135 -16.52 17.49 12.33
CA PRO A 135 -17.79 16.78 12.19
C PRO A 135 -18.45 17.07 10.85
N GLY A 136 -18.84 16.00 10.15
CA GLY A 136 -19.62 16.13 8.93
C GLY A 136 -18.73 16.37 7.70
N LYS A 137 -17.40 16.25 7.88
CA LYS A 137 -16.45 16.51 6.79
C LYS A 137 -15.88 15.19 6.27
N GLU A 138 -15.92 15.03 4.95
CA GLU A 138 -15.33 13.88 4.27
C GLU A 138 -14.27 14.38 3.29
N SER A 139 -13.08 13.78 3.34
CA SER A 139 -11.99 14.09 2.43
C SER A 139 -11.88 13.02 1.34
N ARG A 140 -12.03 13.45 0.09
CA ARG A 140 -11.88 12.58 -1.07
C ARG A 140 -10.65 13.01 -1.85
N VAL A 141 -9.83 12.03 -2.27
CA VAL A 141 -8.69 12.31 -3.13
C VAL A 141 -8.89 11.57 -4.43
N TYR A 142 -8.99 12.32 -5.55
CA TYR A 142 -9.18 11.72 -6.89
C TYR A 142 -7.83 11.65 -7.65
N ARG A 143 -7.57 10.51 -8.31
CA ARG A 143 -6.39 10.34 -9.16
C ARG A 143 -6.80 10.56 -10.61
N SER A 144 -6.09 11.44 -11.30
CA SER A 144 -6.41 11.74 -12.70
C SER A 144 -5.14 11.86 -13.52
N ALA A 145 -5.30 11.76 -14.83
CA ALA A 145 -4.20 11.89 -15.74
C ALA A 145 -3.62 13.30 -15.66
N ILE A 146 -2.32 13.42 -15.94
CA ILE A 146 -1.63 14.69 -15.93
C ILE A 146 -2.27 15.59 -16.98
N GLY A 147 -2.43 15.06 -18.19
CA GLY A 147 -2.85 15.86 -19.34
C GLY A 147 -2.04 15.48 -20.59
N VAL A 148 -1.02 16.31 -20.92
CA VAL A 148 -0.15 16.06 -22.06
C VAL A 148 1.28 15.91 -21.55
N VAL A 149 1.97 14.90 -22.07
CA VAL A 149 3.34 14.62 -21.67
C VAL A 149 4.22 14.71 -22.90
N GLY A 150 5.31 15.49 -22.79
CA GLY A 150 6.31 15.56 -23.85
C GLY A 150 7.49 14.65 -23.54
N VAL A 151 7.89 13.85 -24.55
CA VAL A 151 8.93 12.84 -24.36
C VAL A 151 10.09 13.17 -25.31
N ILE A 152 11.27 13.32 -24.73
CA ILE A 152 12.49 13.48 -25.50
C ILE A 152 13.20 12.14 -25.56
N SER A 153 13.41 11.66 -26.80
CA SER A 153 13.88 10.31 -27.03
C SER A 153 15.37 10.33 -27.38
N PRO A 154 16.16 9.37 -26.85
CA PRO A 154 17.56 9.23 -27.24
C PRO A 154 17.77 8.29 -28.42
N TRP A 155 19.01 8.23 -28.88
CA TRP A 155 19.33 7.49 -30.09
C TRP A 155 19.94 6.13 -29.70
N ASN A 156 20.34 6.00 -28.43
CA ASN A 156 20.97 4.78 -27.92
C ASN A 156 20.00 3.59 -28.07
N PHE A 157 18.91 3.61 -27.28
CA PHE A 157 17.84 2.62 -27.42
C PHE A 157 16.54 3.35 -27.72
N PRO A 158 16.40 3.92 -28.94
CA PRO A 158 15.28 4.82 -29.21
C PRO A 158 13.91 4.17 -28.97
N LEU A 159 13.71 2.96 -29.54
CA LEU A 159 12.40 2.29 -29.53
C LEU A 159 11.95 2.01 -28.08
N HIS A 160 12.77 1.26 -27.34
CA HIS A 160 12.38 0.74 -26.04
C HIS A 160 12.24 1.89 -25.02
N LEU A 161 13.17 2.85 -25.06
CA LEU A 161 13.16 3.95 -24.10
C LEU A 161 11.99 4.90 -24.38
N THR A 162 11.58 5.04 -25.66
CA THR A 162 10.40 5.84 -26.00
C THR A 162 9.17 5.18 -25.39
N GLN A 163 8.98 3.89 -25.67
CA GLN A 163 7.75 3.18 -25.28
C GLN A 163 7.64 3.15 -23.75
N ARG A 164 8.78 3.15 -23.06
CA ARG A 164 8.84 3.13 -21.62
C ARG A 164 8.03 4.31 -21.05
N SER A 165 8.01 5.44 -21.78
CA SER A 165 7.22 6.61 -21.37
C SER A 165 5.84 6.59 -22.03
N ILE A 166 5.80 6.23 -23.31
CA ILE A 166 4.60 6.39 -24.13
C ILE A 166 3.48 5.50 -23.58
N ALA A 167 3.78 4.20 -23.39
CA ALA A 167 2.75 3.19 -23.13
C ALA A 167 2.02 3.46 -21.80
N PRO A 168 2.72 3.61 -20.65
CA PRO A 168 2.01 3.86 -19.41
C PRO A 168 1.28 5.20 -19.46
N ALA A 169 1.95 6.24 -19.98
CA ALA A 169 1.32 7.56 -20.04
C ALA A 169 -0.01 7.47 -20.77
N LEU A 170 0.00 6.83 -21.95
CA LEU A 170 -1.20 6.74 -22.78
C LEU A 170 -2.26 5.91 -22.06
N ALA A 171 -1.84 4.80 -21.45
CA ALA A 171 -2.75 3.90 -20.79
C ALA A 171 -3.47 4.63 -19.66
N LEU A 172 -2.73 5.50 -18.95
CA LEU A 172 -3.26 6.18 -17.78
C LEU A 172 -4.09 7.41 -18.19
N GLY A 173 -4.36 7.56 -19.51
CA GLY A 173 -5.31 8.56 -20.00
C GLY A 173 -4.65 9.89 -20.38
N ASN A 174 -3.32 9.92 -20.41
CA ASN A 174 -2.61 11.11 -20.88
C ASN A 174 -2.55 11.13 -22.41
N ALA A 175 -2.21 12.31 -22.95
CA ALA A 175 -1.77 12.44 -24.34
C ALA A 175 -0.27 12.73 -24.38
N VAL A 176 0.34 12.48 -25.53
CA VAL A 176 1.78 12.47 -25.63
C VAL A 176 2.24 13.07 -26.99
N VAL A 177 3.37 13.84 -26.91
CA VAL A 177 4.10 14.35 -28.08
C VAL A 177 5.59 13.98 -27.93
N VAL A 178 6.16 13.40 -28.98
CA VAL A 178 7.51 12.87 -28.91
C VAL A 178 8.41 13.67 -29.86
N LYS A 179 9.58 14.07 -29.35
CA LYS A 179 10.61 14.70 -30.15
C LYS A 179 11.81 13.79 -30.17
N PRO A 180 11.99 12.99 -31.23
CA PRO A 180 13.03 11.96 -31.25
C PRO A 180 14.40 12.53 -31.56
N ALA A 181 15.42 11.69 -31.42
CA ALA A 181 16.77 12.06 -31.83
C ALA A 181 16.81 12.14 -33.37
N SER A 182 17.61 13.09 -33.88
CA SER A 182 17.67 13.34 -35.32
C SER A 182 18.28 12.14 -36.07
N ASP A 183 19.17 11.39 -35.39
CA ASP A 183 19.82 10.23 -35.99
C ASP A 183 18.83 9.05 -36.08
N THR A 184 17.86 9.00 -35.16
CA THR A 184 16.92 7.87 -35.11
C THR A 184 15.48 8.39 -35.01
N PRO A 185 14.95 9.07 -36.05
CA PRO A 185 13.58 9.55 -36.02
C PRO A 185 12.53 8.44 -36.10
N VAL A 186 12.83 7.38 -36.87
CA VAL A 186 11.86 6.30 -37.09
C VAL A 186 11.67 5.52 -35.80
N CYS A 187 12.75 4.92 -35.28
CA CYS A 187 12.67 4.19 -33.99
C CYS A 187 12.52 5.24 -32.89
N GLY A 188 12.23 6.47 -33.29
CA GLY A 188 12.07 7.60 -32.35
C GLY A 188 10.61 7.75 -32.03
N GLY A 189 9.80 6.77 -32.41
CA GLY A 189 8.35 6.84 -32.23
C GLY A 189 7.64 7.27 -33.50
N LEU A 190 8.38 7.58 -34.57
CA LEU A 190 7.69 7.80 -35.86
C LEU A 190 7.05 6.46 -36.19
N LEU A 191 7.78 5.37 -35.93
CA LEU A 191 7.25 4.01 -36.17
C LEU A 191 6.27 3.64 -35.04
N LEU A 192 6.62 3.94 -33.79
CA LEU A 192 5.70 3.61 -32.69
C LEU A 192 4.31 4.19 -32.96
N ALA A 193 4.25 5.33 -33.67
CA ALA A 193 2.97 6.00 -33.94
C ALA A 193 2.07 5.14 -34.85
N ARG A 194 2.67 4.46 -35.85
CA ARG A 194 1.92 3.63 -36.77
C ARG A 194 1.35 2.44 -36.02
N ILE A 195 2.16 1.86 -35.12
CA ILE A 195 1.74 0.70 -34.33
C ILE A 195 0.52 1.08 -33.50
N PHE A 196 0.59 2.24 -32.82
CA PHE A 196 -0.49 2.67 -31.94
C PHE A 196 -1.71 3.01 -32.79
N GLU A 197 -1.48 3.56 -33.99
CA GLU A 197 -2.58 3.88 -34.89
C GLU A 197 -3.26 2.57 -35.33
N GLU A 198 -2.45 1.58 -35.72
CA GLU A 198 -2.97 0.28 -36.11
C GLU A 198 -3.71 -0.38 -34.93
N ALA A 199 -3.30 -0.05 -33.69
CA ALA A 199 -3.91 -0.65 -32.50
C ALA A 199 -5.17 0.12 -32.09
N GLY A 200 -5.52 1.17 -32.83
CA GLY A 200 -6.83 1.82 -32.68
C GLY A 200 -6.76 3.06 -31.77
N LEU A 201 -5.54 3.56 -31.52
CA LEU A 201 -5.36 4.80 -30.75
C LEU A 201 -6.06 5.94 -31.51
N PRO A 202 -6.97 6.70 -30.85
CA PRO A 202 -7.59 7.88 -31.48
C PRO A 202 -6.58 8.91 -31.99
N ALA A 203 -6.97 9.64 -33.03
CA ALA A 203 -6.07 10.57 -33.72
C ALA A 203 -5.86 11.81 -32.87
N GLY A 204 -4.62 12.28 -32.81
CA GLY A 204 -4.30 13.52 -32.12
C GLY A 204 -3.61 13.27 -30.78
N LEU A 205 -3.73 12.05 -30.24
CA LEU A 205 -3.19 11.75 -28.90
C LEU A 205 -1.67 11.54 -28.98
N PHE A 206 -1.17 11.07 -30.14
CA PHE A 206 0.25 10.74 -30.30
C PHE A 206 0.83 11.49 -31.50
N SER A 207 1.64 12.50 -31.21
CA SER A 207 2.27 13.32 -32.24
C SER A 207 3.79 13.17 -32.18
N VAL A 208 4.43 13.20 -33.36
CA VAL A 208 5.88 13.21 -33.46
C VAL A 208 6.31 14.44 -34.27
N VAL A 209 7.18 15.28 -33.65
CA VAL A 209 7.79 16.42 -34.34
C VAL A 209 9.29 16.18 -34.51
N VAL A 210 9.68 16.01 -35.78
CA VAL A 210 11.06 15.99 -36.23
C VAL A 210 11.34 17.31 -36.92
N GLY A 211 12.24 18.10 -36.35
CA GLY A 211 12.52 19.42 -36.86
C GLY A 211 13.97 19.82 -36.65
N PRO A 212 14.40 21.00 -37.15
CA PRO A 212 15.74 21.49 -36.92
C PRO A 212 15.93 21.84 -35.45
N GLY A 213 16.95 21.21 -34.83
CA GLY A 213 17.20 21.36 -33.40
C GLY A 213 17.42 22.82 -33.00
N SER A 214 17.86 23.65 -33.96
CA SER A 214 18.11 25.07 -33.71
C SER A 214 16.80 25.78 -33.33
N GLU A 215 15.76 25.58 -34.14
CA GLU A 215 14.51 26.31 -33.98
C GLU A 215 13.72 25.75 -32.79
N ILE A 216 13.31 24.47 -32.89
CA ILE A 216 12.24 23.92 -32.06
C ILE A 216 12.82 23.32 -30.75
N GLY A 217 14.15 23.30 -30.62
CA GLY A 217 14.82 22.62 -29.51
C GLY A 217 14.29 23.09 -28.15
N ASP A 218 14.54 24.37 -27.82
CA ASP A 218 14.18 24.92 -26.52
C ASP A 218 12.66 25.12 -26.42
N ALA A 219 11.99 25.34 -27.58
CA ALA A 219 10.56 25.66 -27.57
C ALA A 219 9.74 24.48 -27.05
N PHE A 220 10.25 23.25 -27.28
CA PHE A 220 9.59 22.02 -26.84
C PHE A 220 9.46 21.99 -25.31
N VAL A 221 10.56 22.34 -24.63
CA VAL A 221 10.61 22.23 -23.19
C VAL A 221 9.85 23.40 -22.55
N GLU A 222 9.94 24.58 -23.17
CA GLU A 222 9.42 25.80 -22.56
C GLU A 222 7.90 25.89 -22.72
N HIS A 223 7.32 25.06 -23.60
CA HIS A 223 5.93 25.24 -24.04
C HIS A 223 5.00 25.18 -22.83
N PRO A 224 3.91 25.99 -22.80
CA PRO A 224 2.97 25.98 -21.67
C PRO A 224 2.10 24.72 -21.50
N VAL A 225 1.83 24.00 -22.59
CA VAL A 225 0.81 22.94 -22.58
C VAL A 225 1.28 21.74 -21.74
N PRO A 226 2.46 21.14 -22.01
CA PRO A 226 2.83 19.88 -21.37
C PRO A 226 2.92 20.00 -19.85
N GLY A 227 2.23 19.10 -19.13
CA GLY A 227 2.31 19.02 -17.69
C GLY A 227 3.66 18.46 -17.22
N LEU A 228 4.23 17.53 -18.01
CA LEU A 228 5.48 16.89 -17.67
C LEU A 228 6.33 16.73 -18.94
N VAL A 229 7.66 16.76 -18.75
CA VAL A 229 8.60 16.41 -19.80
C VAL A 229 9.52 15.32 -19.28
N THR A 230 9.76 14.30 -20.12
CA THR A 230 10.57 13.15 -19.75
C THR A 230 11.73 13.05 -20.71
N PHE A 231 12.91 12.68 -20.18
CA PHE A 231 14.11 12.53 -20.97
C PHE A 231 15.03 11.52 -20.32
N THR A 232 15.56 10.59 -21.14
CA THR A 232 16.65 9.69 -20.74
C THR A 232 17.76 9.78 -21.81
N GLY A 233 19.01 10.06 -21.38
CA GLY A 233 20.12 10.20 -22.32
C GLY A 233 21.36 10.83 -21.65
N SER A 234 22.09 11.68 -22.41
CA SER A 234 23.33 12.27 -21.90
C SER A 234 23.02 13.16 -20.72
N THR A 235 23.95 13.18 -19.78
CA THR A 235 23.98 14.15 -18.70
C THR A 235 24.06 15.58 -19.26
N PRO A 236 25.04 15.93 -20.16
CA PRO A 236 25.13 17.30 -20.68
C PRO A 236 23.85 17.74 -21.39
N VAL A 237 23.27 16.84 -22.20
CA VAL A 237 22.07 17.15 -22.96
C VAL A 237 20.91 17.32 -21.99
N GLY A 238 20.76 16.37 -21.07
CA GLY A 238 19.69 16.40 -20.09
C GLY A 238 19.81 17.60 -19.14
N ARG A 239 21.07 17.89 -18.77
CA ARG A 239 21.37 19.00 -17.88
C ARG A 239 20.83 20.30 -18.47
N ASN A 240 21.03 20.46 -19.78
CA ASN A 240 20.57 21.61 -20.51
C ASN A 240 19.06 21.74 -20.37
N ILE A 241 18.35 20.60 -20.58
CA ILE A 241 16.89 20.58 -20.53
C ILE A 241 16.43 21.14 -19.19
N GLY A 242 17.22 20.87 -18.13
CA GLY A 242 16.92 21.32 -16.78
C GLY A 242 16.71 22.84 -16.70
N ARG A 243 17.65 23.61 -17.26
CA ARG A 243 17.58 25.07 -17.17
C ARG A 243 16.38 25.56 -17.93
N ILE A 244 16.17 25.01 -19.12
CA ILE A 244 15.09 25.48 -19.96
C ILE A 244 13.80 25.40 -19.14
N ALA A 245 13.67 24.32 -18.35
CA ALA A 245 12.49 24.13 -17.52
C ALA A 245 12.33 25.30 -16.56
N SER A 246 13.33 25.51 -15.70
CA SER A 246 13.21 26.51 -14.66
C SER A 246 13.57 27.91 -15.22
N GLY A 247 14.30 27.95 -16.33
CA GLY A 247 14.69 29.20 -16.99
C GLY A 247 13.49 29.92 -17.62
N GLY A 248 12.52 29.14 -18.12
CA GLY A 248 11.41 29.72 -18.88
C GLY A 248 10.41 30.44 -17.98
N ALA A 249 9.47 31.16 -18.61
CA ALA A 249 8.50 31.98 -17.88
C ALA A 249 7.57 31.10 -17.01
N HIS A 250 6.99 30.05 -17.58
CA HIS A 250 6.25 29.10 -16.77
C HIS A 250 7.19 28.00 -16.26
N LEU A 251 6.79 27.40 -15.14
CA LEU A 251 7.56 26.34 -14.49
C LEU A 251 6.97 24.98 -14.86
N LYS A 252 7.81 24.04 -15.32
CA LYS A 252 7.34 22.75 -15.82
C LYS A 252 7.96 21.62 -14.99
N HIS A 253 7.16 20.59 -14.68
CA HIS A 253 7.69 19.36 -14.09
C HIS A 253 8.51 18.60 -15.14
N VAL A 254 9.67 18.11 -14.71
CA VAL A 254 10.55 17.37 -15.60
C VAL A 254 11.01 16.12 -14.88
N ALA A 255 11.01 14.99 -15.62
CA ALA A 255 11.52 13.72 -15.12
C ALA A 255 12.83 13.38 -15.85
N LEU A 256 13.95 13.34 -15.09
CA LEU A 256 15.27 13.31 -15.69
C LEU A 256 16.02 12.05 -15.26
N GLU A 257 16.38 11.25 -16.27
CA GLU A 257 17.13 10.01 -16.14
C GLU A 257 18.48 10.16 -16.83
N LEU A 258 19.54 10.53 -16.08
CA LEU A 258 20.82 10.94 -16.70
C LEU A 258 21.84 9.81 -16.58
N GLY A 259 22.45 9.44 -17.72
CA GLY A 259 23.41 8.34 -17.78
C GLY A 259 24.69 8.69 -17.02
N GLY A 260 25.37 7.65 -16.55
CA GLY A 260 26.57 7.82 -15.75
C GLY A 260 27.60 6.70 -15.96
N ASN A 261 28.78 6.90 -15.39
CA ASN A 261 29.82 5.89 -15.35
C ASN A 261 29.47 4.84 -14.28
N SER A 262 29.20 3.60 -14.71
CA SER A 262 28.72 2.56 -13.79
C SER A 262 29.84 1.56 -13.49
N PRO A 263 30.19 1.35 -12.20
CA PRO A 263 31.35 0.56 -11.84
C PRO A 263 31.07 -0.93 -11.65
N PHE A 264 31.97 -1.76 -12.19
CA PHE A 264 31.90 -3.21 -12.07
C PHE A 264 33.00 -3.65 -11.13
N VAL A 265 32.62 -4.11 -9.93
CA VAL A 265 33.58 -4.33 -8.86
C VAL A 265 33.75 -5.83 -8.65
N VAL A 266 35.03 -6.27 -8.63
CA VAL A 266 35.37 -7.68 -8.44
C VAL A 266 36.20 -7.84 -7.17
N LEU A 267 35.62 -8.46 -6.16
CA LEU A 267 36.30 -8.68 -4.88
C LEU A 267 37.20 -9.92 -5.01
N GLY A 268 38.08 -10.08 -4.02
CA GLY A 268 39.10 -11.12 -4.05
C GLY A 268 38.50 -12.52 -4.12
N ASP A 269 37.36 -12.72 -3.46
CA ASP A 269 36.78 -14.05 -3.29
C ASP A 269 35.82 -14.37 -4.46
N ALA A 270 35.71 -13.45 -5.43
CA ALA A 270 34.80 -13.65 -6.56
C ALA A 270 35.16 -14.90 -7.34
N ASP A 271 34.15 -15.56 -7.91
CA ASP A 271 34.39 -16.59 -8.90
C ASP A 271 34.83 -15.91 -10.21
N LEU A 272 36.08 -16.17 -10.62
CA LEU A 272 36.73 -15.36 -11.66
C LEU A 272 36.01 -15.58 -13.01
N GLU A 273 35.67 -16.84 -13.32
CA GLU A 273 34.98 -17.12 -14.59
C GLU A 273 33.71 -16.27 -14.71
N GLN A 274 32.87 -16.24 -13.69
CA GLN A 274 31.62 -15.51 -13.81
C GLN A 274 31.91 -14.03 -14.02
N ALA A 275 32.94 -13.52 -13.32
CA ALA A 275 33.29 -12.11 -13.39
C ALA A 275 33.68 -11.73 -14.83
N VAL A 276 34.53 -12.54 -15.47
CA VAL A 276 35.01 -12.23 -16.82
C VAL A 276 33.83 -12.34 -17.81
N SER A 277 33.08 -13.45 -17.73
CA SER A 277 31.97 -13.70 -18.64
C SER A 277 30.94 -12.56 -18.54
N ALA A 278 30.56 -12.21 -17.30
CA ALA A 278 29.56 -11.16 -17.05
C ALA A 278 30.06 -9.81 -17.58
N ALA A 279 31.34 -9.51 -17.37
CA ALA A 279 31.92 -8.23 -17.78
C ALA A 279 31.88 -8.07 -19.30
N VAL A 280 32.23 -9.14 -20.03
CA VAL A 280 32.29 -9.08 -21.48
C VAL A 280 30.86 -8.96 -22.03
N PHE A 281 29.93 -9.76 -21.47
CA PHE A 281 28.54 -9.80 -21.93
C PHE A 281 27.88 -8.42 -21.73
N GLY A 282 28.16 -7.79 -20.58
CA GLY A 282 27.53 -6.53 -20.21
C GLY A 282 27.95 -5.36 -21.10
N LYS A 283 29.28 -5.12 -21.17
CA LYS A 283 29.82 -3.94 -21.85
C LYS A 283 29.60 -4.03 -23.37
N PHE A 284 30.00 -5.17 -23.98
CA PHE A 284 30.16 -5.23 -25.44
C PHE A 284 28.85 -5.66 -26.10
N LEU A 285 28.17 -6.64 -25.48
CA LEU A 285 26.87 -7.12 -25.98
C LEU A 285 25.73 -6.39 -25.23
N HIS A 286 25.97 -5.11 -24.92
CA HIS A 286 25.02 -4.25 -24.22
C HIS A 286 23.93 -5.09 -23.54
N ILE A 294 27.93 -0.21 -18.11
CA ILE A 294 29.20 -0.51 -17.37
C ILE A 294 30.36 0.11 -18.13
N ASN A 295 31.07 1.03 -17.47
CA ASN A 295 32.08 1.87 -18.13
C ASN A 295 33.47 1.62 -17.53
N ARG A 296 33.49 1.13 -16.28
CA ARG A 296 34.73 0.98 -15.53
C ARG A 296 34.69 -0.35 -14.77
N ILE A 297 35.84 -1.05 -14.76
CA ILE A 297 35.98 -2.30 -14.05
C ILE A 297 37.04 -2.15 -12.95
N ILE A 298 36.65 -2.49 -11.70
CA ILE A 298 37.52 -2.39 -10.56
C ILE A 298 37.75 -3.80 -9.99
N VAL A 299 39.04 -4.17 -9.86
CA VAL A 299 39.40 -5.49 -9.34
C VAL A 299 40.38 -5.32 -8.18
N GLU A 300 40.17 -6.11 -7.12
CA GLU A 300 41.11 -6.22 -6.01
C GLU A 300 42.47 -6.72 -6.53
N ASP A 301 43.56 -6.25 -5.88
CA ASP A 301 44.92 -6.46 -6.36
C ASP A 301 45.16 -7.94 -6.64
N SER A 302 44.77 -8.79 -5.70
CA SER A 302 45.11 -10.21 -5.76
C SER A 302 44.63 -10.81 -7.09
N LEU A 303 43.40 -10.45 -7.51
CA LEU A 303 42.75 -11.10 -8.64
C LEU A 303 42.95 -10.29 -9.94
N TYR A 304 43.56 -9.09 -9.85
CA TYR A 304 43.52 -8.13 -10.95
C TYR A 304 44.15 -8.76 -12.20
N ASP A 305 45.38 -9.27 -12.07
CA ASP A 305 46.18 -9.71 -13.22
C ASP A 305 45.49 -10.87 -13.94
N ALA A 306 45.02 -11.86 -13.18
CA ALA A 306 44.34 -13.01 -13.75
C ALA A 306 43.10 -12.57 -14.53
N PHE A 307 42.33 -11.63 -13.94
CA PHE A 307 41.13 -11.10 -14.59
C PHE A 307 41.53 -10.38 -15.89
N ALA A 308 42.51 -9.49 -15.80
CA ALA A 308 42.93 -8.69 -16.95
C ALA A 308 43.33 -9.60 -18.12
N ALA A 309 44.05 -10.68 -17.81
CA ALA A 309 44.50 -11.64 -18.81
C ALA A 309 43.30 -12.25 -19.52
N ARG A 310 42.37 -12.80 -18.74
CA ARG A 310 41.26 -13.57 -19.29
C ARG A 310 40.31 -12.63 -20.05
N PHE A 311 40.16 -11.39 -19.54
CA PHE A 311 39.24 -10.42 -20.12
C PHE A 311 39.62 -10.15 -21.57
N VAL A 312 40.90 -9.80 -21.82
CA VAL A 312 41.35 -9.39 -23.14
C VAL A 312 41.29 -10.60 -24.10
N GLU A 313 41.50 -11.81 -23.54
CA GLU A 313 41.30 -13.06 -24.26
C GLU A 313 39.91 -13.12 -24.89
N ARG A 314 38.85 -12.88 -24.08
CA ARG A 314 37.48 -12.92 -24.59
C ARG A 314 37.22 -11.73 -25.50
N VAL A 315 37.80 -10.57 -25.17
CA VAL A 315 37.66 -9.36 -25.99
C VAL A 315 38.26 -9.59 -27.39
N LYS A 316 39.42 -10.28 -27.45
CA LYS A 316 40.06 -10.63 -28.72
C LYS A 316 39.09 -11.45 -29.59
N GLY A 317 38.22 -12.25 -28.96
CA GLY A 317 37.40 -13.24 -29.67
C GLY A 317 36.12 -12.63 -30.28
N LEU A 318 35.75 -11.40 -29.87
CA LEU A 318 34.53 -10.77 -30.36
C LEU A 318 34.70 -10.36 -31.82
N ARG A 319 33.65 -10.58 -32.63
CA ARG A 319 33.69 -10.18 -34.04
C ARG A 319 33.12 -8.80 -34.18
N VAL A 320 33.81 -7.98 -34.93
CA VAL A 320 33.31 -6.70 -35.32
C VAL A 320 32.89 -6.82 -36.77
N GLY A 321 31.63 -6.55 -37.07
CA GLY A 321 31.11 -6.82 -38.40
C GLY A 321 29.79 -6.13 -38.69
N ASP A 322 29.12 -6.63 -39.74
CA ASP A 322 27.83 -6.14 -40.17
C ASP A 322 26.79 -6.47 -39.11
N PRO A 323 25.99 -5.48 -38.65
CA PRO A 323 25.05 -5.71 -37.55
C PRO A 323 23.95 -6.73 -37.85
N GLN A 324 23.64 -6.94 -39.14
CA GLN A 324 22.55 -7.82 -39.54
C GLN A 324 22.87 -9.27 -39.16
N ARG A 325 24.15 -9.60 -39.07
CA ARG A 325 24.56 -10.98 -38.84
C ARG A 325 24.35 -11.35 -37.37
N ALA A 326 23.78 -12.55 -37.13
CA ALA A 326 23.54 -13.05 -35.78
C ALA A 326 24.84 -13.25 -35.02
N ASP A 327 25.94 -13.47 -35.74
CA ASP A 327 27.22 -13.71 -35.12
C ASP A 327 27.83 -12.39 -34.63
N THR A 328 27.49 -11.27 -35.29
CA THR A 328 28.18 -10.00 -35.07
C THR A 328 28.00 -9.57 -33.61
N ALA A 329 29.13 -9.49 -32.88
CA ALA A 329 29.13 -9.12 -31.48
C ALA A 329 29.14 -7.59 -31.34
N VAL A 330 29.99 -6.94 -32.13
CA VAL A 330 30.15 -5.50 -32.09
C VAL A 330 29.75 -4.94 -33.45
N GLY A 331 29.04 -3.82 -33.44
CA GLY A 331 28.58 -3.20 -34.67
C GLY A 331 29.08 -1.77 -34.78
N PRO A 332 28.56 -0.99 -35.74
CA PRO A 332 29.07 0.35 -35.99
C PRO A 332 28.58 1.36 -34.97
N ILE A 333 29.42 2.39 -34.73
CA ILE A 333 28.99 3.55 -33.97
C ILE A 333 27.97 4.33 -34.80
N VAL A 334 27.01 4.93 -34.09
CA VAL A 334 25.80 5.48 -34.71
C VAL A 334 26.16 6.65 -35.62
N ASN A 335 27.03 7.56 -35.14
CA ASN A 335 27.21 8.86 -35.78
C ASN A 335 28.69 9.29 -35.69
N ALA A 336 29.04 10.32 -36.48
CA ALA A 336 30.41 10.72 -36.73
C ALA A 336 31.06 11.35 -35.48
N ARG A 337 30.32 12.23 -34.75
CA ARG A 337 30.85 12.81 -33.50
C ARG A 337 31.15 11.69 -32.51
N GLN A 338 30.15 10.84 -32.30
CA GLN A 338 30.26 9.77 -31.34
C GLN A 338 31.56 9.02 -31.60
N LEU A 339 31.82 8.71 -32.90
CA LEU A 339 33.05 8.01 -33.27
C LEU A 339 34.26 8.91 -33.05
N GLU A 340 34.19 10.18 -33.48
CA GLU A 340 35.34 11.07 -33.35
C GLU A 340 35.63 11.34 -31.87
N GLY A 341 34.57 11.49 -31.05
CA GLY A 341 34.72 11.68 -29.62
C GLY A 341 35.32 10.44 -28.96
N LEU A 342 34.86 9.26 -29.44
CA LEU A 342 35.38 7.94 -29.06
C LEU A 342 36.89 7.86 -29.32
N LEU A 343 37.31 8.33 -30.51
CA LEU A 343 38.72 8.31 -30.88
C LEU A 343 39.51 9.31 -30.04
N GLU A 344 38.87 10.47 -29.76
CA GLU A 344 39.50 11.51 -28.95
C GLU A 344 39.70 11.01 -27.51
N LYS A 345 38.68 10.31 -26.97
CA LYS A 345 38.72 9.83 -25.60
C LYS A 345 39.88 8.83 -25.44
N ILE A 346 40.09 7.99 -26.47
CA ILE A 346 41.20 7.04 -26.46
C ILE A 346 42.50 7.84 -26.33
N ARG A 347 42.63 8.95 -27.12
CA ARG A 347 43.85 9.73 -27.18
C ARG A 347 44.23 10.23 -25.78
N LEU A 348 43.26 10.78 -25.09
CA LEU A 348 43.53 11.49 -23.86
C LEU A 348 43.82 10.47 -22.71
N ALA A 349 43.21 9.27 -22.75
CA ALA A 349 43.72 8.17 -21.93
C ALA A 349 45.17 7.88 -22.31
N ARG A 350 45.50 7.99 -23.61
CA ARG A 350 46.87 7.74 -24.08
C ARG A 350 47.82 8.73 -23.42
N GLN A 351 47.44 10.04 -23.46
CA GLN A 351 48.29 11.12 -22.95
C GLN A 351 48.26 11.12 -21.41
N GLU A 352 47.17 10.61 -20.82
CA GLU A 352 47.02 10.64 -19.36
C GLU A 352 47.69 9.39 -18.72
N GLY A 353 48.12 8.42 -19.54
CA GLY A 353 49.09 7.44 -19.08
C GLY A 353 48.45 6.09 -18.72
N ALA A 354 47.22 5.85 -19.19
CA ALA A 354 46.59 4.54 -19.07
C ALA A 354 47.33 3.52 -19.95
N LYS A 355 47.48 2.30 -19.42
CA LYS A 355 48.15 1.24 -20.14
C LYS A 355 47.15 0.51 -21.07
N PRO A 356 47.30 0.62 -22.40
CA PRO A 356 46.41 -0.09 -23.32
C PRO A 356 46.73 -1.59 -23.37
N LEU A 357 45.81 -2.40 -22.82
CA LEU A 357 45.96 -3.86 -22.85
C LEU A 357 45.70 -4.36 -24.27
N TYR A 358 44.56 -3.95 -24.84
CA TYR A 358 44.17 -4.36 -26.18
C TYR A 358 43.65 -3.14 -26.94
N GLU A 359 44.10 -2.97 -28.18
CA GLU A 359 43.59 -1.95 -29.07
C GLU A 359 43.09 -2.60 -30.34
N GLY A 360 41.86 -2.26 -30.72
CA GLY A 360 41.28 -2.74 -31.97
C GLY A 360 41.42 -1.69 -33.07
N GLY A 361 41.37 -2.15 -34.31
CA GLY A 361 41.40 -1.26 -35.45
C GLY A 361 40.02 -0.65 -35.68
N VAL A 362 40.00 0.64 -36.03
CA VAL A 362 38.80 1.28 -36.51
C VAL A 362 38.74 1.15 -38.03
N ASP A 363 37.68 0.50 -38.54
CA ASP A 363 37.45 0.38 -39.96
C ASP A 363 36.12 1.05 -40.31
N GLY A 364 36.20 2.30 -40.79
CA GLY A 364 35.00 3.10 -41.04
C GLY A 364 34.27 3.39 -39.74
N GLN A 365 32.94 3.12 -39.72
CA GLN A 365 32.12 3.32 -38.51
C GLN A 365 32.46 2.24 -37.46
N LEU A 366 32.94 1.06 -37.92
CA LEU A 366 33.20 -0.09 -37.03
C LEU A 366 34.38 0.26 -36.09
N LEU A 367 34.11 0.34 -34.77
CA LEU A 367 35.16 0.55 -33.78
C LEU A 367 35.32 -0.73 -32.97
N ALA A 368 36.49 -1.35 -33.09
CA ALA A 368 36.80 -2.57 -32.37
C ALA A 368 37.01 -2.25 -30.87
N PRO A 369 36.96 -3.27 -29.99
CA PRO A 369 37.16 -3.05 -28.55
C PRO A 369 38.51 -2.42 -28.22
N HIS A 370 38.51 -1.53 -27.20
CA HIS A 370 39.74 -0.99 -26.62
C HIS A 370 39.70 -1.17 -25.11
N VAL A 371 40.75 -1.80 -24.58
CA VAL A 371 40.86 -2.05 -23.14
C VAL A 371 42.11 -1.36 -22.62
N PHE A 372 41.95 -0.61 -21.51
CA PHE A 372 43.06 0.03 -20.83
C PHE A 372 43.19 -0.56 -19.42
N GLY A 373 44.40 -0.45 -18.85
CA GLY A 373 44.70 -0.93 -17.51
C GLY A 373 45.34 0.18 -16.67
N GLU A 374 45.42 -0.08 -15.35
CA GLU A 374 46.08 0.82 -14.41
C GLU A 374 45.45 2.22 -14.49
N VAL A 375 44.14 2.27 -14.68
CA VAL A 375 43.41 3.54 -14.72
C VAL A 375 43.33 4.11 -13.30
N THR A 376 43.25 5.44 -13.20
CA THR A 376 43.09 6.13 -11.91
C THR A 376 41.78 6.93 -11.95
N ALA A 377 41.29 7.26 -10.75
CA ALA A 377 40.00 7.95 -10.62
C ALA A 377 40.03 9.29 -11.37
N THR A 378 41.22 9.90 -11.44
CA THR A 378 41.33 11.27 -11.92
C THR A 378 41.47 11.30 -13.44
N MET A 379 41.40 10.16 -14.09
CA MET A 379 41.49 10.14 -15.54
C MET A 379 40.08 10.32 -16.12
N GLU A 380 39.99 11.01 -17.26
CA GLU A 380 38.70 11.36 -17.84
C GLU A 380 37.94 10.09 -18.24
N ILE A 381 38.68 9.04 -18.62
CA ILE A 381 38.07 7.78 -19.09
C ILE A 381 37.19 7.18 -17.97
N ALA A 382 37.70 7.19 -16.73
CA ALA A 382 36.97 6.61 -15.60
C ALA A 382 35.80 7.49 -15.22
N ARG A 383 36.01 8.78 -15.33
CA ARG A 383 35.29 9.72 -14.52
C ARG A 383 34.10 10.27 -15.30
N ASP A 384 34.14 10.08 -16.62
CA ASP A 384 33.30 10.81 -17.56
C ASP A 384 32.67 9.75 -18.46
N GLU A 385 31.39 9.91 -18.83
CA GLU A 385 30.61 8.80 -19.38
C GLU A 385 31.11 8.44 -20.79
N ILE A 386 31.02 7.13 -21.11
CA ILE A 386 31.51 6.55 -22.36
C ILE A 386 30.32 5.99 -23.13
N PHE A 387 30.26 6.26 -24.44
CA PHE A 387 29.16 5.78 -25.29
C PHE A 387 29.70 4.89 -26.40
N GLY A 388 30.48 3.87 -26.03
CA GLY A 388 31.09 2.98 -27.01
C GLY A 388 31.88 1.86 -26.36
N PRO A 389 32.58 1.02 -27.15
CA PRO A 389 33.25 -0.19 -26.63
C PRO A 389 34.67 0.09 -26.08
N LEU A 390 34.75 1.05 -25.16
CA LEU A 390 36.00 1.43 -24.49
C LEU A 390 35.83 1.25 -22.98
N VAL A 391 36.76 0.50 -22.35
CA VAL A 391 36.67 0.19 -20.93
C VAL A 391 38.05 0.35 -20.28
N GLY A 392 38.05 0.72 -18.99
CA GLY A 392 39.27 0.86 -18.21
C GLY A 392 39.25 -0.08 -17.00
N LEU A 393 40.43 -0.62 -16.66
CA LEU A 393 40.59 -1.51 -15.50
C LEU A 393 41.35 -0.75 -14.40
N LEU A 394 40.81 -0.81 -13.16
CA LEU A 394 41.38 -0.09 -12.03
C LEU A 394 41.84 -1.08 -10.97
N ARG A 395 42.98 -0.76 -10.34
CA ARG A 395 43.59 -1.62 -9.35
C ARG A 395 43.20 -1.15 -7.95
N ALA A 396 42.73 -2.09 -7.11
CA ALA A 396 42.32 -1.78 -5.75
C ALA A 396 43.16 -2.59 -4.78
N ARG A 397 43.75 -1.92 -3.80
CA ARG A 397 44.61 -2.59 -2.82
C ARG A 397 43.75 -3.47 -1.89
N ASP A 398 42.63 -2.90 -1.39
CA ASP A 398 41.73 -3.62 -0.50
C ASP A 398 40.28 -3.27 -0.85
N GLU A 399 39.33 -3.87 -0.12
CA GLU A 399 37.92 -3.60 -0.33
C GLU A 399 37.61 -2.13 -0.05
N ALA A 400 38.27 -1.56 0.97
CA ALA A 400 38.07 -0.16 1.33
C ALA A 400 38.50 0.74 0.17
N HIS A 401 39.64 0.39 -0.47
CA HIS A 401 40.13 1.13 -1.63
C HIS A 401 39.16 0.94 -2.82
N ALA A 402 38.71 -0.31 -3.02
CA ALA A 402 37.77 -0.63 -4.09
C ALA A 402 36.48 0.21 -3.96
N LEU A 403 36.01 0.39 -2.71
CA LEU A 403 34.79 1.17 -2.43
C LEU A 403 35.01 2.64 -2.78
N GLU A 404 36.15 3.20 -2.35
CA GLU A 404 36.50 4.59 -2.62
C GLU A 404 36.54 4.84 -4.14
N LEU A 405 37.15 3.89 -4.87
CA LEU A 405 37.25 4.01 -6.35
C LEU A 405 35.83 4.10 -6.95
N ALA A 406 34.97 3.14 -6.64
CA ALA A 406 33.61 3.11 -7.24
C ALA A 406 32.81 4.35 -6.83
N ASN A 407 32.93 4.75 -5.56
CA ASN A 407 32.14 5.90 -5.02
C ASN A 407 32.46 7.21 -5.76
N ALA A 408 33.73 7.45 -6.12
CA ALA A 408 34.11 8.78 -6.66
C ALA A 408 33.35 9.11 -7.94
N SER A 409 33.16 8.14 -8.84
CA SER A 409 32.37 8.37 -10.08
C SER A 409 31.72 9.76 -10.05
N LEU A 413 24.43 5.27 -11.88
CA LEU A 413 23.11 4.80 -12.27
C LEU A 413 22.95 3.32 -11.96
N SER A 414 23.94 2.51 -12.39
CA SER A 414 23.96 1.09 -12.07
C SER A 414 25.31 0.71 -11.49
N SER A 415 25.41 -0.52 -11.01
CA SER A 415 26.63 -1.02 -10.43
C SER A 415 26.57 -2.53 -10.34
N ALA A 416 27.73 -3.17 -10.09
CA ALA A 416 27.80 -4.60 -9.90
C ALA A 416 28.94 -4.97 -8.97
N VAL A 417 28.73 -6.01 -8.17
CA VAL A 417 29.73 -6.51 -7.24
C VAL A 417 29.76 -8.03 -7.32
N PHE A 418 30.97 -8.60 -7.42
CA PHE A 418 31.14 -10.03 -7.53
C PHE A 418 31.93 -10.54 -6.33
N SER A 419 31.30 -11.41 -5.55
CA SER A 419 31.93 -12.00 -4.37
C SER A 419 31.17 -13.24 -3.98
N ARG A 420 31.91 -14.23 -3.54
CA ARG A 420 31.33 -15.53 -3.36
C ARG A 420 30.61 -15.57 -2.02
N ASP A 421 30.94 -14.58 -1.15
CA ASP A 421 30.24 -14.34 0.11
C ASP A 421 29.13 -13.28 -0.11
N LEU A 422 27.86 -13.72 -0.11
CA LEU A 422 26.74 -12.85 -0.47
C LEU A 422 26.57 -11.75 0.58
N GLU A 423 26.72 -12.11 1.87
CA GLU A 423 26.58 -11.15 2.97
C GLU A 423 27.55 -10.00 2.76
N ARG A 424 28.82 -10.33 2.48
CA ARG A 424 29.86 -9.35 2.22
C ARG A 424 29.48 -8.51 0.99
N ALA A 425 29.03 -9.18 -0.09
CA ALA A 425 28.68 -8.50 -1.34
C ALA A 425 27.57 -7.49 -1.10
N VAL A 426 26.54 -7.90 -0.34
CA VAL A 426 25.40 -7.03 -0.11
C VAL A 426 25.83 -5.84 0.77
N ARG A 427 26.68 -6.09 1.80
CA ARG A 427 27.22 -5.03 2.66
C ARG A 427 27.88 -3.93 1.82
N PHE A 428 28.75 -4.36 0.88
CA PHE A 428 29.46 -3.44 0.01
C PHE A 428 28.45 -2.66 -0.84
N ALA A 429 27.49 -3.39 -1.45
CA ALA A 429 26.54 -2.79 -2.40
C ALA A 429 25.77 -1.63 -1.76
N ARG A 430 25.38 -1.78 -0.49
CA ARG A 430 24.56 -0.78 0.17
C ARG A 430 25.37 0.51 0.39
N GLN A 431 26.71 0.38 0.49
CA GLN A 431 27.56 1.55 0.70
C GLN A 431 27.81 2.28 -0.62
N LEU A 432 27.62 1.58 -1.76
CA LEU A 432 27.63 2.24 -3.07
C LEU A 432 26.49 3.24 -3.08
N ARG A 433 26.75 4.48 -3.48
CA ARG A 433 25.65 5.36 -3.80
C ARG A 433 25.39 5.26 -5.29
N ALA A 434 24.66 4.19 -5.64
CA ALA A 434 24.01 4.03 -6.94
C ALA A 434 22.53 3.72 -6.71
N GLY A 435 21.72 3.88 -7.75
CA GLY A 435 20.30 3.54 -7.69
C GLY A 435 20.08 2.03 -7.73
N MET A 436 20.94 1.32 -8.50
CA MET A 436 20.84 -0.12 -8.67
C MET A 436 22.22 -0.78 -8.51
N THR A 437 22.25 -1.95 -7.87
CA THR A 437 23.43 -2.80 -7.83
C THR A 437 23.02 -4.23 -8.23
N HIS A 438 23.83 -4.85 -9.09
CA HIS A 438 23.67 -6.27 -9.40
C HIS A 438 24.77 -7.07 -8.71
N VAL A 439 24.39 -8.08 -7.94
CA VAL A 439 25.34 -8.92 -7.25
C VAL A 439 25.42 -10.24 -8.00
N ASN A 440 26.63 -10.57 -8.50
CA ASN A 440 26.91 -11.84 -9.17
C ASN A 440 25.98 -12.02 -10.39
N ASP A 441 25.67 -10.91 -11.10
CA ASP A 441 24.85 -10.96 -12.32
C ASP A 441 25.59 -10.26 -13.46
N GLY A 461 11.93 -4.74 -12.50
CA GLY A 461 12.92 -3.80 -12.01
C GLY A 461 12.55 -2.37 -12.38
N ARG A 462 12.31 -1.55 -11.36
CA ARG A 462 11.75 -0.22 -11.58
C ARG A 462 10.53 -0.36 -12.48
N PHE A 463 10.34 0.61 -13.37
CA PHE A 463 9.13 0.63 -14.18
C PHE A 463 7.93 0.34 -13.27
N ASN A 464 7.25 -0.82 -13.47
CA ASN A 464 6.22 -1.33 -12.56
C ASN A 464 5.05 -0.34 -12.44
N GLY A 465 3.92 -0.85 -11.94
CA GLY A 465 2.71 -0.07 -11.82
C GLY A 465 2.85 1.09 -10.83
N ASP A 466 3.50 0.82 -9.70
CA ASP A 466 3.61 1.79 -8.64
C ASP A 466 4.26 3.07 -9.18
N TRP A 467 5.44 2.94 -9.81
CA TRP A 467 6.15 4.10 -10.33
C TRP A 467 5.33 4.79 -11.43
N ALA A 468 4.80 4.00 -12.36
CA ALA A 468 4.15 4.54 -13.53
C ALA A 468 2.92 5.36 -13.15
N ILE A 469 2.13 4.85 -12.21
CA ILE A 469 0.87 5.49 -11.83
C ILE A 469 1.18 6.83 -11.18
N GLU A 470 2.18 6.84 -10.29
CA GLU A 470 2.59 8.07 -9.62
C GLU A 470 3.07 9.09 -10.66
N GLU A 471 3.87 8.63 -11.61
CA GLU A 471 4.55 9.52 -12.55
C GLU A 471 3.52 10.23 -13.47
N PHE A 472 2.55 9.49 -14.00
CA PHE A 472 1.71 10.01 -15.09
C PHE A 472 0.28 10.31 -14.60
N THR A 473 0.06 10.33 -13.28
CA THR A 473 -1.21 10.81 -12.73
C THR A 473 -0.94 11.82 -11.63
N THR A 474 -1.99 12.55 -11.25
CA THR A 474 -1.88 13.57 -10.21
C THR A 474 -3.09 13.46 -9.27
N ASP A 475 -2.91 13.96 -8.04
CA ASP A 475 -3.90 13.86 -7.00
C ASP A 475 -4.63 15.18 -6.82
N HIS A 476 -5.94 15.10 -6.64
CA HIS A 476 -6.75 16.25 -6.31
C HIS A 476 -7.56 15.96 -5.03
N TRP A 477 -7.17 16.62 -3.93
CA TRP A 477 -7.91 16.53 -2.66
C TRP A 477 -9.16 17.40 -2.73
N ILE A 478 -10.31 16.81 -2.45
CA ILE A 478 -11.56 17.55 -2.38
C ILE A 478 -12.24 17.22 -1.06
N SER A 479 -12.41 18.24 -0.21
CA SER A 479 -13.06 18.10 1.08
C SER A 479 -14.53 18.50 0.96
N VAL A 480 -15.43 17.65 1.48
CA VAL A 480 -16.86 17.87 1.38
C VAL A 480 -17.42 17.98 2.79
N GLN A 481 -18.07 19.11 3.06
CA GLN A 481 -18.75 19.33 4.33
C GLN A 481 -20.25 19.05 4.17
N HIS A 482 -20.80 18.16 5.00
CA HIS A 482 -22.20 17.74 4.89
C HIS A 482 -23.10 18.56 5.83
N ASP B 3 -9.95 -27.90 -33.47
CA ASP B 3 -11.26 -27.62 -34.06
C ASP B 3 -12.34 -28.37 -33.29
N SER B 4 -12.04 -29.63 -32.94
CA SER B 4 -13.02 -30.52 -32.36
C SER B 4 -13.21 -30.13 -30.89
N ARG B 5 -14.45 -30.25 -30.42
CA ARG B 5 -14.76 -30.01 -29.01
C ARG B 5 -14.18 -31.14 -28.16
N TYR B 6 -14.03 -30.88 -26.87
CA TYR B 6 -13.57 -31.87 -25.94
C TYR B 6 -14.48 -33.10 -25.94
N THR B 7 -13.86 -34.30 -25.91
CA THR B 7 -14.59 -35.56 -25.67
C THR B 7 -13.97 -36.28 -24.47
N ASP B 8 -14.55 -37.40 -24.08
CA ASP B 8 -14.05 -38.18 -22.97
C ASP B 8 -14.08 -37.35 -21.67
N LEU B 9 -15.15 -36.53 -21.49
CA LEU B 9 -15.23 -35.64 -20.33
C LEU B 9 -15.46 -36.44 -19.03
N GLY B 10 -15.77 -37.73 -19.18
CA GLY B 10 -16.06 -38.58 -18.04
C GLY B 10 -14.80 -38.93 -17.23
N LEU B 11 -13.62 -38.73 -17.84
CA LEU B 11 -12.36 -39.00 -17.16
C LEU B 11 -12.08 -37.87 -16.16
N GLN B 12 -11.53 -38.24 -14.99
CA GLN B 12 -11.22 -37.28 -13.95
C GLN B 12 -9.73 -36.94 -13.97
N PRO B 13 -9.37 -35.64 -13.86
CA PRO B 13 -7.97 -35.26 -13.62
C PRO B 13 -7.56 -35.51 -12.16
N LEU B 14 -6.85 -36.59 -11.93
CA LEU B 14 -6.51 -37.06 -10.60
C LEU B 14 -5.00 -37.32 -10.56
N ALA B 15 -4.33 -36.57 -9.70
CA ALA B 15 -2.91 -36.79 -9.39
C ALA B 15 -2.08 -36.86 -10.67
N GLY B 16 -2.36 -35.94 -11.64
CA GLY B 16 -1.50 -35.72 -12.80
C GLY B 16 -1.85 -36.66 -13.97
N GLU B 17 -2.97 -37.39 -13.88
CA GLU B 17 -3.41 -38.25 -14.97
C GLU B 17 -4.92 -38.11 -15.15
N TRP B 18 -5.38 -38.38 -16.38
CA TRP B 18 -6.78 -38.39 -16.70
C TRP B 18 -7.29 -39.85 -16.72
N ARG B 19 -8.10 -40.22 -15.71
CA ARG B 19 -8.48 -41.61 -15.51
C ARG B 19 -9.82 -41.70 -14.78
N HIS B 20 -10.29 -42.94 -14.61
CA HIS B 20 -11.54 -43.21 -13.91
C HIS B 20 -11.33 -43.23 -12.40
N GLY B 21 -12.39 -42.92 -11.67
CA GLY B 21 -12.40 -43.05 -10.24
C GLY B 21 -12.57 -44.52 -9.81
N ARG B 22 -12.08 -44.84 -8.61
CA ARG B 22 -12.07 -46.20 -8.11
C ARG B 22 -13.17 -46.41 -7.05
N ALA B 23 -14.11 -45.50 -6.94
CA ALA B 23 -15.18 -45.70 -5.97
C ALA B 23 -16.08 -46.89 -6.37
N GLY B 24 -16.15 -47.17 -7.68
CA GLY B 24 -16.95 -48.27 -8.19
C GLY B 24 -18.42 -47.88 -8.46
N ARG B 25 -18.77 -46.60 -8.31
CA ARG B 25 -20.14 -46.13 -8.53
C ARG B 25 -20.13 -45.06 -9.63
N ARG B 26 -21.25 -44.94 -10.34
CA ARG B 26 -21.34 -44.02 -11.46
C ARG B 26 -22.28 -42.90 -11.11
N LEU B 27 -21.91 -41.69 -11.53
CA LEU B 27 -22.77 -40.52 -11.41
C LEU B 27 -23.35 -40.21 -12.77
N LYS B 28 -24.67 -40.03 -12.82
CA LYS B 28 -25.37 -39.63 -14.03
C LYS B 28 -25.50 -38.12 -14.02
N VAL B 29 -25.17 -37.49 -15.14
CA VAL B 29 -25.30 -36.07 -15.30
C VAL B 29 -26.27 -35.82 -16.46
N SER B 30 -27.34 -35.09 -16.16
CA SER B 30 -28.47 -35.00 -17.07
C SER B 30 -28.93 -33.54 -17.20
N ASN B 31 -29.64 -33.28 -18.29
CA ASN B 31 -30.16 -31.95 -18.62
C ASN B 31 -31.42 -31.67 -17.77
N PRO B 32 -31.47 -30.55 -17.01
CA PRO B 32 -32.65 -30.23 -16.21
C PRO B 32 -33.93 -30.01 -17.05
N PHE B 33 -33.76 -29.57 -18.30
CA PHE B 33 -34.90 -29.25 -19.16
C PHE B 33 -35.63 -30.56 -19.54
N ASP B 34 -35.02 -31.36 -20.43
CA ASP B 34 -35.70 -32.52 -21.03
C ASP B 34 -35.43 -33.80 -20.23
N GLY B 35 -34.40 -33.78 -19.37
CA GLY B 35 -34.00 -34.97 -18.59
C GLY B 35 -33.04 -35.91 -19.36
N SER B 36 -32.51 -35.42 -20.52
CA SER B 36 -31.60 -36.22 -21.33
C SER B 36 -30.24 -36.39 -20.63
N LEU B 37 -29.62 -37.54 -20.83
CA LEU B 37 -28.39 -37.87 -20.14
C LEU B 37 -27.18 -37.24 -20.87
N LEU B 38 -26.39 -36.42 -20.15
CA LEU B 38 -25.25 -35.77 -20.76
C LEU B 38 -24.04 -36.71 -20.73
N LEU B 39 -23.73 -37.25 -19.54
CA LEU B 39 -22.59 -38.15 -19.40
C LEU B 39 -22.70 -38.89 -18.09
N GLU B 40 -21.84 -39.90 -17.95
CA GLU B 40 -21.73 -40.70 -16.75
C GLU B 40 -20.27 -40.69 -16.30
N ILE B 41 -20.07 -40.54 -14.98
CA ILE B 41 -18.73 -40.43 -14.42
C ILE B 41 -18.54 -41.50 -13.37
N GLU B 42 -17.48 -42.30 -13.54
CA GLU B 42 -16.99 -43.19 -12.49
C GLU B 42 -16.42 -42.35 -11.34
N GLN B 43 -17.10 -42.41 -10.20
CA GLN B 43 -16.82 -41.53 -9.09
C GLN B 43 -15.49 -41.90 -8.41
N ALA B 44 -14.96 -40.91 -7.66
CA ALA B 44 -13.69 -41.05 -6.95
C ALA B 44 -13.93 -41.45 -5.49
N ASP B 45 -13.00 -42.24 -4.96
CA ASP B 45 -13.04 -42.67 -3.57
C ASP B 45 -12.04 -41.86 -2.76
N ARG B 46 -11.82 -42.26 -1.53
CA ARG B 46 -10.96 -41.53 -0.64
C ARG B 46 -9.47 -41.77 -0.94
N ASP B 47 -9.12 -42.84 -1.64
CA ASP B 47 -7.72 -42.96 -2.09
C ASP B 47 -7.43 -41.93 -3.16
N ASP B 48 -8.41 -41.69 -4.03
CA ASP B 48 -8.29 -40.74 -5.11
C ASP B 48 -8.04 -39.32 -4.55
N LEU B 49 -8.79 -38.95 -3.50
CA LEU B 49 -8.66 -37.63 -2.91
C LEU B 49 -7.26 -37.44 -2.31
N ASP B 50 -6.80 -38.43 -1.55
CA ASP B 50 -5.49 -38.38 -0.91
C ASP B 50 -4.39 -38.25 -1.97
N ALA B 51 -4.51 -39.03 -3.04
CA ALA B 51 -3.55 -38.98 -4.12
C ALA B 51 -3.55 -37.60 -4.78
N ALA B 52 -4.77 -37.02 -4.96
CA ALA B 52 -4.91 -35.73 -5.65
C ALA B 52 -4.25 -34.62 -4.83
N TYR B 53 -4.51 -34.63 -3.52
CA TYR B 53 -3.92 -33.64 -2.62
C TYR B 53 -2.38 -33.81 -2.59
N ALA B 54 -1.91 -35.08 -2.45
CA ALA B 54 -0.48 -35.38 -2.32
C ALA B 54 0.26 -34.91 -3.55
N LYS B 55 -0.29 -35.22 -4.72
CA LYS B 55 0.35 -34.86 -5.97
C LYS B 55 0.46 -33.35 -6.08
N ALA B 56 -0.65 -32.64 -5.72
CA ALA B 56 -0.67 -31.18 -5.80
C ALA B 56 0.43 -30.59 -4.91
N ALA B 57 0.58 -31.14 -3.70
CA ALA B 57 1.60 -30.65 -2.77
C ALA B 57 3.01 -30.89 -3.33
N GLU B 58 3.19 -32.00 -4.05
CA GLU B 58 4.50 -32.39 -4.52
C GLU B 58 4.97 -31.45 -5.66
N VAL B 59 4.07 -31.14 -6.62
CA VAL B 59 4.47 -30.46 -7.86
C VAL B 59 4.35 -28.95 -7.69
N GLN B 60 3.65 -28.49 -6.65
CA GLN B 60 3.38 -27.06 -6.46
C GLN B 60 4.69 -26.24 -6.37
N PRO B 61 5.74 -26.69 -5.59
CA PRO B 61 7.01 -25.92 -5.48
C PRO B 61 7.64 -25.53 -6.80
N ALA B 62 7.62 -26.45 -7.76
CA ALA B 62 8.19 -26.17 -9.06
C ALA B 62 7.40 -25.08 -9.76
N TRP B 63 6.08 -25.07 -9.55
CA TRP B 63 5.18 -24.10 -10.16
C TRP B 63 5.50 -22.72 -9.62
N ALA B 64 5.59 -22.62 -8.27
CA ALA B 64 5.90 -21.37 -7.59
C ALA B 64 7.28 -20.86 -8.01
N ALA B 65 8.21 -21.80 -8.27
CA ALA B 65 9.60 -21.44 -8.57
C ALA B 65 9.72 -20.81 -9.95
N LEU B 66 8.77 -21.07 -10.85
CA LEU B 66 8.74 -20.42 -12.14
C LEU B 66 8.64 -18.92 -11.94
N GLY B 67 9.06 -18.17 -12.93
CA GLY B 67 8.93 -16.74 -12.89
C GLY B 67 7.47 -16.32 -12.96
N PRO B 68 7.13 -15.09 -12.56
CA PRO B 68 5.80 -14.57 -12.78
C PRO B 68 5.39 -14.61 -14.25
N SER B 69 6.34 -14.38 -15.16
CA SER B 69 6.03 -14.34 -16.59
C SER B 69 5.56 -15.72 -17.10
N ALA B 70 6.23 -16.78 -16.66
CA ALA B 70 5.87 -18.12 -17.10
C ALA B 70 4.44 -18.47 -16.63
N ARG B 71 4.13 -18.19 -15.36
CA ARG B 71 2.82 -18.48 -14.83
C ARG B 71 1.78 -17.61 -15.53
N ALA B 72 2.12 -16.36 -15.80
CA ALA B 72 1.22 -15.44 -16.49
C ALA B 72 0.93 -15.95 -17.91
N ALA B 73 1.95 -16.55 -18.54
CA ALA B 73 1.83 -17.04 -19.91
C ALA B 73 0.68 -18.07 -20.00
N VAL B 74 0.55 -18.93 -18.99
CA VAL B 74 -0.48 -19.96 -18.99
C VAL B 74 -1.86 -19.30 -18.94
N LEU B 75 -1.99 -18.25 -18.10
CA LEU B 75 -3.28 -17.57 -17.92
C LEU B 75 -3.69 -16.88 -19.23
N TYR B 76 -2.74 -16.30 -19.94
CA TYR B 76 -3.04 -15.61 -21.19
C TYR B 76 -3.56 -16.61 -22.22
N LYS B 77 -2.91 -17.77 -22.32
CA LYS B 77 -3.34 -18.80 -23.27
C LYS B 77 -4.75 -19.31 -22.93
N ALA B 78 -5.11 -19.29 -21.63
CA ALA B 78 -6.44 -19.75 -21.22
C ALA B 78 -7.50 -18.82 -21.81
N VAL B 79 -7.16 -17.53 -21.93
CA VAL B 79 -8.09 -16.53 -22.47
C VAL B 79 -8.38 -16.87 -23.93
N GLU B 80 -7.32 -17.29 -24.66
CA GLU B 80 -7.43 -17.62 -26.09
C GLU B 80 -8.38 -18.82 -26.29
N VAL B 81 -8.27 -19.81 -25.40
CA VAL B 81 -9.12 -20.99 -25.44
C VAL B 81 -10.57 -20.59 -25.17
N PHE B 82 -10.76 -19.64 -24.24
CA PHE B 82 -12.10 -19.18 -23.90
C PHE B 82 -12.78 -18.63 -25.17
N ASP B 83 -12.00 -17.97 -26.04
CA ASP B 83 -12.56 -17.33 -27.23
C ASP B 83 -12.86 -18.40 -28.29
N ARG B 84 -11.88 -19.28 -28.54
CA ARG B 84 -12.00 -20.31 -29.56
C ARG B 84 -13.13 -21.29 -29.19
N ARG B 85 -13.36 -21.54 -27.89
CA ARG B 85 -14.38 -22.52 -27.45
C ARG B 85 -15.58 -21.82 -26.81
N HIS B 86 -15.87 -20.59 -27.25
CA HIS B 86 -16.92 -19.78 -26.66
C HIS B 86 -18.24 -20.56 -26.63
N GLU B 87 -18.72 -20.94 -27.80
CA GLU B 87 -20.04 -21.56 -27.91
C GLU B 87 -20.07 -22.91 -27.15
N GLU B 88 -18.97 -23.68 -27.26
CA GLU B 88 -18.86 -24.98 -26.58
C GLU B 88 -19.09 -24.79 -25.08
N ILE B 89 -18.54 -23.71 -24.55
CA ILE B 89 -18.59 -23.45 -23.13
C ILE B 89 -19.99 -23.05 -22.76
N VAL B 90 -20.56 -22.13 -23.54
CA VAL B 90 -21.89 -21.60 -23.28
C VAL B 90 -22.92 -22.74 -23.37
N ASP B 91 -22.73 -23.60 -24.37
CA ASP B 91 -23.64 -24.72 -24.58
C ASP B 91 -23.61 -25.66 -23.36
N TRP B 92 -22.40 -25.90 -22.82
CA TRP B 92 -22.26 -26.76 -21.66
C TRP B 92 -22.95 -26.14 -20.44
N ILE B 93 -22.84 -24.82 -20.29
CA ILE B 93 -23.48 -24.17 -19.15
C ILE B 93 -24.99 -24.38 -19.25
N ILE B 94 -25.54 -24.19 -20.46
CA ILE B 94 -26.99 -24.26 -20.67
C ILE B 94 -27.46 -25.68 -20.39
N ARG B 95 -26.86 -26.65 -21.10
CA ARG B 95 -27.30 -28.04 -21.04
C ARG B 95 -27.23 -28.56 -19.59
N GLU B 96 -26.03 -28.41 -18.95
CA GLU B 96 -25.72 -29.07 -17.68
C GLU B 96 -26.44 -28.36 -16.52
N SER B 97 -26.30 -27.02 -16.43
CA SER B 97 -26.81 -26.26 -15.28
C SER B 97 -28.29 -25.88 -15.47
N GLY B 98 -28.76 -25.87 -16.73
CA GLY B 98 -30.10 -25.44 -17.05
C GLY B 98 -30.20 -23.91 -17.15
N SER B 99 -29.03 -23.27 -17.27
CA SER B 99 -28.94 -21.82 -17.40
C SER B 99 -29.51 -21.38 -18.75
N THR B 100 -30.18 -20.20 -18.77
CA THR B 100 -30.61 -19.60 -20.03
C THR B 100 -29.39 -19.14 -20.78
N ARG B 101 -29.52 -19.12 -22.10
CA ARG B 101 -28.44 -18.70 -22.97
C ARG B 101 -27.99 -17.28 -22.62
N LEU B 102 -28.91 -16.45 -22.14
CA LEU B 102 -28.59 -15.06 -21.80
C LEU B 102 -27.62 -15.03 -20.60
N LYS B 103 -27.97 -15.78 -19.56
CA LYS B 103 -27.16 -15.93 -18.36
C LYS B 103 -25.82 -16.65 -18.68
N ALA B 104 -25.86 -17.66 -19.55
CA ALA B 104 -24.66 -18.41 -19.92
C ALA B 104 -23.64 -17.47 -20.54
N GLU B 105 -24.11 -16.52 -21.38
CA GLU B 105 -23.22 -15.60 -22.05
C GLU B 105 -22.58 -14.65 -21.03
N ILE B 106 -23.35 -14.28 -20.01
CA ILE B 106 -22.82 -13.41 -18.96
C ILE B 106 -21.75 -14.18 -18.16
N GLU B 107 -22.06 -15.44 -17.81
CA GLU B 107 -21.14 -16.28 -17.05
C GLU B 107 -19.84 -16.44 -17.82
N TRP B 108 -19.95 -16.61 -19.16
CA TRP B 108 -18.77 -16.78 -19.99
C TRP B 108 -17.90 -15.51 -19.91
N GLY B 109 -18.52 -14.35 -20.05
CA GLY B 109 -17.80 -13.08 -20.05
C GLY B 109 -17.13 -12.83 -18.71
N ALA B 110 -17.85 -13.12 -17.62
CA ALA B 110 -17.32 -12.94 -16.27
C ALA B 110 -16.08 -13.82 -16.08
N ALA B 111 -16.18 -15.10 -16.47
CA ALA B 111 -15.08 -16.05 -16.30
C ALA B 111 -13.87 -15.65 -17.15
N ARG B 112 -14.13 -15.17 -18.37
CA ARG B 112 -13.07 -14.72 -19.25
C ARG B 112 -12.34 -13.52 -18.64
N ALA B 113 -13.09 -12.60 -18.04
CA ALA B 113 -12.49 -11.39 -17.50
C ALA B 113 -11.58 -11.73 -16.30
N ILE B 114 -12.04 -12.68 -15.46
CA ILE B 114 -11.27 -13.12 -14.31
C ILE B 114 -9.94 -13.68 -14.80
N THR B 115 -9.99 -14.46 -15.90
CA THR B 115 -8.81 -15.13 -16.42
C THR B 115 -7.80 -14.09 -16.89
N LEU B 116 -8.28 -13.04 -17.57
CA LEU B 116 -7.38 -12.01 -18.11
C LEU B 116 -6.70 -11.24 -16.97
N GLU B 117 -7.51 -10.82 -16.01
CA GLU B 117 -7.02 -9.97 -14.94
C GLU B 117 -5.92 -10.68 -14.15
N SER B 118 -6.20 -11.95 -13.86
CA SER B 118 -5.34 -12.81 -13.05
C SER B 118 -3.96 -12.92 -13.66
N ALA B 119 -3.88 -12.75 -15.01
CA ALA B 119 -2.61 -12.88 -15.71
C ALA B 119 -1.63 -11.81 -15.21
N SER B 120 -2.18 -10.67 -14.73
CA SER B 120 -1.36 -9.52 -14.32
C SER B 120 -0.91 -9.65 -12.86
N PHE B 121 -1.56 -10.51 -12.08
CA PHE B 121 -1.39 -10.52 -10.64
C PHE B 121 0.04 -10.91 -10.25
N PRO B 122 0.67 -11.95 -10.84
CA PRO B 122 1.97 -12.42 -10.34
C PRO B 122 3.03 -11.31 -10.20
N ALA B 123 2.98 -10.33 -11.09
CA ALA B 123 4.01 -9.31 -11.16
C ALA B 123 3.83 -8.30 -10.03
N ARG B 124 2.66 -8.27 -9.39
CA ARG B 124 2.34 -7.24 -8.39
C ARG B 124 2.66 -7.69 -6.96
N VAL B 125 3.01 -8.96 -6.80
CA VAL B 125 3.17 -9.51 -5.46
C VAL B 125 4.49 -8.99 -4.85
N HIS B 126 4.42 -8.45 -3.63
CA HIS B 126 5.64 -7.79 -3.09
C HIS B 126 5.98 -8.13 -1.64
N GLY B 127 7.22 -8.56 -1.40
CA GLY B 127 7.73 -8.75 -0.03
C GLY B 127 8.15 -7.41 0.54
N ARG B 128 8.37 -7.33 1.85
CA ARG B 128 8.74 -6.04 2.50
C ARG B 128 10.02 -6.19 3.33
N ILE B 129 10.84 -5.13 3.40
CA ILE B 129 12.07 -5.14 4.24
C ILE B 129 11.84 -4.16 5.40
N VAL B 130 12.07 -4.59 6.64
CA VAL B 130 11.75 -3.72 7.82
C VAL B 130 12.98 -3.48 8.70
N GLU B 131 13.05 -2.31 9.35
CA GLU B 131 14.14 -1.99 10.28
C GLU B 131 13.79 -2.59 11.64
N SER B 132 14.79 -2.68 12.53
CA SER B 132 14.59 -3.31 13.83
C SER B 132 15.22 -2.46 14.93
N ASP B 133 14.63 -2.50 16.14
CA ASP B 133 15.20 -1.81 17.27
C ASP B 133 16.40 -2.57 17.81
N VAL B 134 16.46 -3.88 17.54
CA VAL B 134 17.60 -4.68 17.97
C VAL B 134 18.80 -4.35 17.07
N PRO B 135 19.95 -3.98 17.65
CA PRO B 135 21.16 -3.75 16.85
C PRO B 135 21.58 -5.00 16.08
N GLY B 136 21.84 -4.83 14.78
CA GLY B 136 22.37 -5.89 13.93
C GLY B 136 21.27 -6.83 13.40
N LYS B 137 19.99 -6.48 13.61
CA LYS B 137 18.87 -7.31 13.14
C LYS B 137 18.21 -6.62 11.94
N GLU B 138 17.98 -7.39 10.87
CA GLU B 138 17.18 -6.96 9.73
C GLU B 138 16.01 -7.93 9.53
N SER B 139 14.83 -7.38 9.22
CA SER B 139 13.64 -8.19 8.99
C SER B 139 13.31 -8.20 7.52
N ARG B 140 13.29 -9.41 6.92
CA ARG B 140 12.77 -9.61 5.58
C ARG B 140 11.43 -10.36 5.67
N VAL B 141 10.41 -9.82 5.01
CA VAL B 141 9.13 -10.53 4.87
C VAL B 141 8.95 -10.96 3.42
N TYR B 142 8.84 -12.29 3.20
CA TYR B 142 8.59 -12.86 1.87
C TYR B 142 7.09 -13.17 1.72
N ARG B 143 6.53 -12.81 0.55
CA ARG B 143 5.15 -13.13 0.20
C ARG B 143 5.15 -14.35 -0.73
N SER B 144 4.55 -15.45 -0.29
CA SER B 144 4.55 -16.68 -1.09
C SER B 144 3.15 -17.27 -1.16
N ALA B 145 2.97 -18.18 -2.12
CA ALA B 145 1.72 -18.92 -2.27
C ALA B 145 1.44 -19.75 -1.03
N ILE B 146 0.15 -19.93 -0.73
CA ILE B 146 -0.28 -20.67 0.42
C ILE B 146 0.25 -22.11 0.32
N GLY B 147 0.14 -22.70 -0.88
CA GLY B 147 0.45 -24.12 -1.11
C GLY B 147 -0.64 -24.77 -1.97
N VAL B 148 -1.59 -25.43 -1.30
CA VAL B 148 -2.69 -26.10 -1.96
C VAL B 148 -3.97 -25.45 -1.49
N VAL B 149 -4.84 -25.12 -2.45
CA VAL B 149 -6.14 -24.55 -2.15
C VAL B 149 -7.22 -25.55 -2.55
N GLY B 150 -8.15 -25.82 -1.62
CA GLY B 150 -9.29 -26.66 -1.90
C GLY B 150 -10.53 -25.81 -2.13
N VAL B 151 -11.16 -25.99 -3.31
CA VAL B 151 -12.25 -25.15 -3.77
C VAL B 151 -13.51 -26.01 -3.91
N ILE B 152 -14.57 -25.64 -3.19
CA ILE B 152 -15.87 -26.25 -3.36
C ILE B 152 -16.76 -25.35 -4.22
N SER B 153 -17.27 -25.89 -5.33
CA SER B 153 -18.02 -25.14 -6.34
C SER B 153 -19.51 -25.31 -6.07
N PRO B 154 -20.32 -24.26 -6.27
CA PRO B 154 -21.77 -24.37 -6.15
C PRO B 154 -22.43 -24.80 -7.46
N TRP B 155 -23.74 -25.05 -7.40
CA TRP B 155 -24.51 -25.42 -8.57
C TRP B 155 -24.99 -24.16 -9.31
N ASN B 156 -25.05 -23.02 -8.59
CA ASN B 156 -25.68 -21.79 -9.10
C ASN B 156 -24.91 -21.26 -10.31
N PHE B 157 -23.69 -20.80 -10.09
CA PHE B 157 -22.86 -20.26 -11.17
C PHE B 157 -21.56 -21.03 -11.22
N PRO B 158 -21.60 -22.31 -11.62
CA PRO B 158 -20.47 -23.21 -11.42
C PRO B 158 -19.16 -22.70 -12.04
N LEU B 159 -19.21 -22.31 -13.34
CA LEU B 159 -18.01 -22.04 -14.09
C LEU B 159 -17.35 -20.76 -13.55
N HIS B 160 -18.12 -19.69 -13.47
CA HIS B 160 -17.60 -18.38 -13.11
C HIS B 160 -17.06 -18.40 -11.68
N LEU B 161 -17.84 -18.98 -10.75
CA LEU B 161 -17.51 -18.94 -9.33
C LEU B 161 -16.29 -19.85 -9.04
N THR B 162 -16.15 -20.94 -9.79
CA THR B 162 -14.96 -21.76 -9.67
C THR B 162 -13.76 -20.96 -10.16
N GLN B 163 -13.87 -20.34 -11.35
CA GLN B 163 -12.72 -19.66 -11.97
C GLN B 163 -12.28 -18.47 -11.10
N ARG B 164 -13.24 -17.84 -10.43
CA ARG B 164 -12.93 -16.71 -9.56
C ARG B 164 -11.90 -17.11 -8.45
N SER B 165 -11.94 -18.37 -7.98
CA SER B 165 -10.94 -18.86 -7.04
C SER B 165 -9.71 -19.44 -7.78
N ILE B 166 -9.99 -20.26 -8.78
CA ILE B 166 -8.97 -21.10 -9.43
C ILE B 166 -7.93 -20.19 -10.09
N ALA B 167 -8.39 -19.26 -10.94
CA ALA B 167 -7.48 -18.51 -11.81
C ALA B 167 -6.46 -17.71 -11.00
N PRO B 168 -6.86 -16.86 -10.02
CA PRO B 168 -5.88 -16.10 -9.24
C PRO B 168 -4.94 -17.01 -8.44
N ALA B 169 -5.50 -18.05 -7.82
CA ALA B 169 -4.70 -18.94 -6.98
C ALA B 169 -3.59 -19.61 -7.80
N LEU B 170 -3.94 -20.09 -8.99
CA LEU B 170 -2.97 -20.73 -9.87
C LEU B 170 -1.92 -19.70 -10.34
N ALA B 171 -2.39 -18.52 -10.73
CA ALA B 171 -1.50 -17.48 -11.23
C ALA B 171 -0.45 -17.13 -10.17
N LEU B 172 -0.87 -17.09 -8.88
CA LEU B 172 0.00 -16.71 -7.76
C LEU B 172 0.83 -17.89 -7.23
N GLY B 173 0.82 -19.04 -7.94
CA GLY B 173 1.76 -20.12 -7.65
C GLY B 173 1.19 -21.20 -6.72
N ASN B 174 -0.13 -21.16 -6.45
CA ASN B 174 -0.76 -22.23 -5.69
C ASN B 174 -1.09 -23.42 -6.59
N ALA B 175 -1.32 -24.58 -5.95
CA ALA B 175 -2.00 -25.70 -6.58
C ALA B 175 -3.42 -25.77 -6.05
N VAL B 176 -4.35 -26.37 -6.84
CA VAL B 176 -5.78 -26.38 -6.53
C VAL B 176 -6.34 -27.79 -6.72
N VAL B 177 -7.27 -28.16 -5.81
CA VAL B 177 -8.12 -29.29 -5.97
C VAL B 177 -9.56 -28.83 -5.81
N VAL B 178 -10.42 -29.21 -6.75
CA VAL B 178 -11.78 -28.72 -6.80
C VAL B 178 -12.76 -29.88 -6.56
N LYS B 179 -13.75 -29.64 -5.70
CA LYS B 179 -14.87 -30.55 -5.55
C LYS B 179 -16.14 -29.86 -6.08
N PRO B 180 -16.60 -30.20 -7.29
CA PRO B 180 -17.77 -29.55 -7.88
C PRO B 180 -19.06 -30.09 -7.28
N ALA B 181 -20.16 -29.37 -7.49
CA ALA B 181 -21.50 -29.85 -7.10
C ALA B 181 -21.87 -31.07 -7.96
N SER B 182 -22.62 -31.97 -7.38
CA SER B 182 -22.94 -33.24 -8.03
C SER B 182 -23.79 -33.00 -9.31
N ASP B 183 -24.59 -31.93 -9.31
CA ASP B 183 -25.46 -31.63 -10.45
C ASP B 183 -24.66 -31.05 -11.63
N THR B 184 -23.50 -30.39 -11.36
CA THR B 184 -22.75 -29.68 -12.41
C THR B 184 -21.24 -29.97 -12.29
N PRO B 185 -20.80 -31.24 -12.42
CA PRO B 185 -19.37 -31.55 -12.39
C PRO B 185 -18.55 -31.01 -13.58
N VAL B 186 -19.13 -31.01 -14.78
CA VAL B 186 -18.36 -30.56 -15.98
C VAL B 186 -18.11 -29.05 -15.84
N CYS B 187 -19.16 -28.27 -15.59
CA CYS B 187 -19.03 -26.80 -15.43
C CYS B 187 -18.17 -26.50 -14.20
N GLY B 188 -18.29 -27.28 -13.11
CA GLY B 188 -17.48 -26.94 -11.93
C GLY B 188 -16.08 -27.51 -12.05
N GLY B 189 -15.31 -27.05 -13.04
CA GLY B 189 -13.88 -27.39 -13.19
C GLY B 189 -13.48 -28.58 -14.02
N LEU B 190 -14.37 -29.49 -14.41
CA LEU B 190 -13.89 -30.55 -15.33
C LEU B 190 -13.50 -29.90 -16.67
N LEU B 191 -14.35 -29.00 -17.18
CA LEU B 191 -14.06 -28.24 -18.42
C LEU B 191 -12.85 -27.31 -18.21
N LEU B 192 -12.80 -26.67 -17.03
CA LEU B 192 -11.72 -25.70 -16.73
C LEU B 192 -10.37 -26.42 -16.72
N ALA B 193 -10.33 -27.63 -16.17
CA ALA B 193 -9.07 -28.42 -16.15
C ALA B 193 -8.64 -28.71 -17.59
N ARG B 194 -9.59 -29.05 -18.46
CA ARG B 194 -9.27 -29.29 -19.89
C ARG B 194 -8.73 -27.99 -20.52
N ILE B 195 -9.33 -26.86 -20.17
CA ILE B 195 -8.89 -25.54 -20.74
C ILE B 195 -7.48 -25.24 -20.23
N PHE B 196 -7.24 -25.41 -18.93
CA PHE B 196 -5.94 -25.08 -18.36
C PHE B 196 -4.88 -26.03 -18.90
N GLU B 197 -5.27 -27.28 -19.13
CA GLU B 197 -4.32 -28.26 -19.66
C GLU B 197 -3.94 -27.85 -21.09
N GLU B 198 -4.93 -27.46 -21.89
CA GLU B 198 -4.67 -27.01 -23.24
C GLU B 198 -3.72 -25.80 -23.23
N ALA B 199 -3.84 -24.97 -22.18
CA ALA B 199 -3.07 -23.73 -22.07
C ALA B 199 -1.65 -23.97 -21.50
N GLY B 200 -1.34 -25.22 -21.12
CA GLY B 200 0.04 -25.59 -20.78
C GLY B 200 0.29 -25.65 -19.26
N LEU B 201 -0.76 -25.71 -18.44
CA LEU B 201 -0.55 -25.86 -17.00
C LEU B 201 0.08 -27.23 -16.72
N PRO B 202 1.20 -27.30 -15.98
CA PRO B 202 1.82 -28.60 -15.70
C PRO B 202 0.85 -29.57 -15.00
N ALA B 203 1.09 -30.85 -15.21
CA ALA B 203 0.18 -31.87 -14.75
C ALA B 203 0.28 -32.00 -13.24
N GLY B 204 -0.88 -32.12 -12.57
CA GLY B 204 -0.92 -32.33 -11.13
C GLY B 204 -1.26 -31.06 -10.34
N LEU B 205 -1.20 -29.87 -11.01
CA LEU B 205 -1.51 -28.61 -10.33
C LEU B 205 -3.01 -28.45 -10.15
N PHE B 206 -3.81 -29.14 -11.00
CA PHE B 206 -5.25 -28.97 -11.01
C PHE B 206 -5.89 -30.36 -11.04
N SER B 207 -6.47 -30.76 -9.90
CA SER B 207 -7.24 -31.99 -9.81
C SER B 207 -8.71 -31.67 -9.51
N VAL B 208 -9.61 -32.53 -10.03
CA VAL B 208 -11.06 -32.44 -9.79
C VAL B 208 -11.55 -33.76 -9.21
N VAL B 209 -12.31 -33.69 -8.13
CA VAL B 209 -12.72 -34.87 -7.42
C VAL B 209 -14.23 -34.91 -7.42
N VAL B 210 -14.79 -35.86 -8.21
CA VAL B 210 -16.24 -36.06 -8.34
C VAL B 210 -16.61 -37.35 -7.62
N GLY B 211 -17.32 -37.24 -6.50
CA GLY B 211 -17.46 -38.38 -5.60
C GLY B 211 -18.72 -38.31 -4.73
N PRO B 212 -19.04 -39.41 -4.01
CA PRO B 212 -20.20 -39.44 -3.12
C PRO B 212 -19.98 -38.50 -1.93
N GLY B 213 -20.96 -37.59 -1.71
CA GLY B 213 -20.90 -36.62 -0.62
C GLY B 213 -20.66 -37.28 0.74
N SER B 214 -21.09 -38.54 0.86
CA SER B 214 -20.82 -39.35 2.05
C SER B 214 -19.31 -39.60 2.19
N GLU B 215 -18.69 -40.11 1.11
CA GLU B 215 -17.31 -40.56 1.17
C GLU B 215 -16.36 -39.36 1.24
N ILE B 216 -16.35 -38.53 0.19
CA ILE B 216 -15.29 -37.55 0.01
C ILE B 216 -15.63 -36.24 0.72
N GLY B 217 -16.88 -36.07 1.14
CA GLY B 217 -17.39 -34.74 1.51
C GLY B 217 -16.58 -34.11 2.65
N ASP B 218 -16.61 -34.76 3.83
CA ASP B 218 -15.97 -34.26 5.02
C ASP B 218 -14.45 -34.39 4.88
N ALA B 219 -13.99 -35.44 4.21
CA ALA B 219 -12.55 -35.70 4.09
C ALA B 219 -11.88 -34.57 3.29
N PHE B 220 -12.60 -34.01 2.31
CA PHE B 220 -12.06 -32.96 1.47
C PHE B 220 -11.72 -31.74 2.32
N VAL B 221 -12.60 -31.38 3.26
CA VAL B 221 -12.40 -30.20 4.11
C VAL B 221 -11.45 -30.55 5.26
N GLU B 222 -11.57 -31.78 5.79
CA GLU B 222 -10.81 -32.21 6.97
C GLU B 222 -9.34 -32.46 6.63
N HIS B 223 -9.02 -32.57 5.33
CA HIS B 223 -7.71 -33.08 4.91
C HIS B 223 -6.59 -32.17 5.43
N PRO B 224 -5.43 -32.73 5.85
CA PRO B 224 -4.30 -31.91 6.32
C PRO B 224 -3.53 -31.09 5.26
N VAL B 225 -3.66 -31.44 3.98
CA VAL B 225 -2.82 -30.83 2.95
C VAL B 225 -3.25 -29.39 2.65
N PRO B 226 -4.56 -29.11 2.40
CA PRO B 226 -4.97 -27.79 1.89
C PRO B 226 -4.78 -26.69 2.93
N GLY B 227 -4.06 -25.64 2.55
CA GLY B 227 -3.85 -24.49 3.42
C GLY B 227 -5.09 -23.58 3.52
N LEU B 228 -5.91 -23.58 2.48
CA LEU B 228 -7.13 -22.79 2.46
C LEU B 228 -8.25 -23.60 1.80
N VAL B 229 -9.49 -23.43 2.31
CA VAL B 229 -10.69 -23.96 1.65
C VAL B 229 -11.66 -22.81 1.39
N THR B 230 -12.12 -22.70 0.12
CA THR B 230 -13.01 -21.63 -0.30
C THR B 230 -14.35 -22.22 -0.70
N PHE B 231 -15.43 -21.50 -0.37
CA PHE B 231 -16.77 -21.90 -0.73
C PHE B 231 -17.63 -20.66 -0.96
N THR B 232 -18.35 -20.65 -2.07
CA THR B 232 -19.40 -19.65 -2.32
C THR B 232 -20.71 -20.38 -2.57
N GLY B 233 -21.76 -20.04 -1.81
CA GLY B 233 -23.10 -20.59 -2.08
C GLY B 233 -24.02 -20.54 -0.87
N SER B 234 -24.74 -21.64 -0.65
CA SER B 234 -25.83 -21.74 0.32
C SER B 234 -25.29 -21.61 1.76
N THR B 235 -26.11 -21.00 2.64
CA THR B 235 -25.72 -20.74 4.02
C THR B 235 -25.59 -22.05 4.80
N PRO B 236 -26.59 -22.96 4.77
CA PRO B 236 -26.48 -24.22 5.50
C PRO B 236 -25.25 -25.06 5.11
N VAL B 237 -24.92 -25.07 3.81
CA VAL B 237 -23.74 -25.78 3.32
C VAL B 237 -22.48 -25.14 3.91
N GLY B 238 -22.39 -23.80 3.82
CA GLY B 238 -21.26 -23.07 4.33
C GLY B 238 -21.07 -23.28 5.82
N ARG B 239 -22.21 -23.34 6.55
CA ARG B 239 -22.20 -23.63 7.98
C ARG B 239 -21.55 -25.00 8.22
N ASN B 240 -21.93 -25.99 7.40
CA ASN B 240 -21.42 -27.33 7.50
C ASN B 240 -19.91 -27.32 7.24
N ILE B 241 -19.49 -26.65 6.16
CA ILE B 241 -18.07 -26.61 5.81
C ILE B 241 -17.28 -25.96 6.94
N GLY B 242 -17.83 -24.87 7.48
CA GLY B 242 -17.16 -24.10 8.52
C GLY B 242 -16.94 -24.93 9.79
N ARG B 243 -17.94 -25.75 10.12
CA ARG B 243 -17.91 -26.55 11.33
C ARG B 243 -16.83 -27.63 11.21
N ILE B 244 -16.80 -28.32 10.06
CA ILE B 244 -15.84 -29.37 9.81
C ILE B 244 -14.43 -28.79 9.81
N ALA B 245 -14.27 -27.58 9.23
CA ALA B 245 -12.97 -26.93 9.15
C ALA B 245 -12.38 -26.74 10.55
N SER B 246 -13.13 -26.05 11.43
CA SER B 246 -12.66 -25.79 12.79
C SER B 246 -12.79 -27.06 13.65
N GLY B 247 -13.83 -27.86 13.41
CA GLY B 247 -14.10 -29.05 14.21
C GLY B 247 -13.07 -30.15 13.99
N GLY B 248 -12.49 -30.22 12.78
CA GLY B 248 -11.62 -31.32 12.40
C GLY B 248 -10.29 -31.29 13.16
N ALA B 249 -9.57 -32.41 13.13
CA ALA B 249 -8.27 -32.53 13.79
C ALA B 249 -7.32 -31.48 13.25
N HIS B 250 -7.31 -31.31 11.91
CA HIS B 250 -6.46 -30.33 11.27
C HIS B 250 -7.24 -29.03 11.10
N LEU B 251 -6.60 -27.90 11.45
CA LEU B 251 -7.23 -26.58 11.36
C LEU B 251 -6.68 -25.83 10.15
N LYS B 252 -7.59 -25.31 9.33
CA LYS B 252 -7.24 -24.47 8.19
C LYS B 252 -8.11 -23.23 8.20
N HIS B 253 -7.63 -22.16 7.53
CA HIS B 253 -8.45 -21.02 7.18
C HIS B 253 -9.53 -21.46 6.19
N VAL B 254 -10.70 -20.90 6.34
CA VAL B 254 -11.78 -21.11 5.40
C VAL B 254 -12.32 -19.77 4.94
N ALA B 255 -12.55 -19.63 3.64
CA ALA B 255 -13.17 -18.43 3.08
C ALA B 255 -14.61 -18.75 2.61
N LEU B 256 -15.60 -18.24 3.35
CA LEU B 256 -16.99 -18.54 3.09
C LEU B 256 -17.70 -17.28 2.62
N GLU B 257 -18.20 -17.33 1.38
CA GLU B 257 -19.01 -16.27 0.81
C GLU B 257 -20.46 -16.78 0.73
N LEU B 258 -21.29 -16.40 1.71
CA LEU B 258 -22.58 -17.05 1.92
C LEU B 258 -23.72 -16.17 1.43
N GLY B 259 -24.55 -16.75 0.53
CA GLY B 259 -25.72 -16.07 -0.03
C GLY B 259 -26.74 -15.77 1.04
N GLY B 260 -27.48 -14.68 0.85
CA GLY B 260 -28.45 -14.24 1.83
C GLY B 260 -29.60 -13.55 1.15
N ASN B 261 -30.63 -13.24 1.93
CA ASN B 261 -31.70 -12.39 1.45
C ASN B 261 -31.19 -10.96 1.33
N SER B 262 -31.07 -10.48 0.09
CA SER B 262 -30.53 -9.16 -0.20
C SER B 262 -31.66 -8.16 -0.50
N PRO B 263 -31.70 -7.00 0.20
CA PRO B 263 -32.79 -6.05 0.04
C PRO B 263 -32.61 -5.03 -1.11
N PHE B 264 -33.67 -4.87 -1.89
CA PHE B 264 -33.76 -3.84 -2.92
C PHE B 264 -34.75 -2.77 -2.45
N VAL B 265 -34.24 -1.55 -2.22
CA VAL B 265 -35.00 -0.52 -1.53
C VAL B 265 -35.32 0.61 -2.51
N VAL B 266 -36.61 0.95 -2.60
CA VAL B 266 -37.07 2.05 -3.42
C VAL B 266 -37.68 3.12 -2.52
N LEU B 267 -36.97 4.24 -2.36
CA LEU B 267 -37.43 5.34 -1.53
C LEU B 267 -38.45 6.18 -2.28
N GLY B 268 -39.04 7.16 -1.57
CA GLY B 268 -40.19 7.93 -2.05
C GLY B 268 -39.87 8.70 -3.34
N ASP B 269 -38.70 9.29 -3.42
CA ASP B 269 -38.41 10.22 -4.49
C ASP B 269 -37.91 9.48 -5.73
N ALA B 270 -37.72 8.16 -5.64
CA ALA B 270 -37.01 7.41 -6.68
C ALA B 270 -37.72 7.55 -8.03
N ASP B 271 -36.92 7.45 -9.11
CA ASP B 271 -37.43 7.31 -10.46
C ASP B 271 -38.05 5.91 -10.64
N LEU B 272 -39.39 5.87 -10.73
CA LEU B 272 -40.15 4.63 -10.63
C LEU B 272 -39.82 3.70 -11.81
N GLU B 273 -39.79 4.26 -13.03
CA GLU B 273 -39.61 3.43 -14.23
C GLU B 273 -38.24 2.72 -14.20
N GLN B 274 -37.19 3.46 -13.77
CA GLN B 274 -35.84 2.89 -13.72
C GLN B 274 -35.77 1.79 -12.65
N ALA B 275 -36.41 2.01 -11.50
CA ALA B 275 -36.36 1.05 -10.40
C ALA B 275 -36.97 -0.28 -10.83
N VAL B 276 -38.12 -0.21 -11.51
CA VAL B 276 -38.87 -1.39 -11.85
C VAL B 276 -38.03 -2.25 -12.79
N SER B 277 -37.48 -1.61 -13.82
CA SER B 277 -36.70 -2.33 -14.81
C SER B 277 -35.46 -2.96 -14.14
N ALA B 278 -34.82 -2.19 -13.25
CA ALA B 278 -33.65 -2.67 -12.53
C ALA B 278 -34.01 -3.89 -11.67
N ALA B 279 -35.16 -3.81 -10.99
CA ALA B 279 -35.61 -4.89 -10.12
C ALA B 279 -35.94 -6.12 -10.94
N VAL B 280 -36.59 -5.93 -12.09
CA VAL B 280 -36.96 -7.03 -12.96
C VAL B 280 -35.69 -7.70 -13.50
N PHE B 281 -34.77 -6.90 -14.04
CA PHE B 281 -33.55 -7.44 -14.61
C PHE B 281 -32.73 -8.10 -13.49
N GLY B 282 -32.78 -7.51 -12.29
CA GLY B 282 -32.06 -8.02 -11.14
C GLY B 282 -32.47 -9.45 -10.79
N LYS B 283 -33.74 -9.62 -10.40
CA LYS B 283 -34.21 -10.90 -9.89
C LYS B 283 -34.34 -11.93 -11.02
N PHE B 284 -34.98 -11.54 -12.14
CA PHE B 284 -35.44 -12.50 -13.13
C PHE B 284 -34.47 -12.63 -14.29
N ILE B 290 -29.30 -16.11 -8.67
CA ILE B 290 -28.14 -15.23 -8.84
C ILE B 290 -27.53 -14.94 -7.45
N CYS B 291 -26.19 -14.74 -7.41
CA CYS B 291 -25.51 -14.39 -6.17
C CYS B 291 -25.23 -12.88 -6.10
N MET B 292 -25.62 -12.15 -7.17
CA MET B 292 -25.85 -10.71 -7.05
C MET B 292 -27.33 -10.48 -6.71
N ALA B 293 -27.80 -11.19 -5.68
CA ALA B 293 -29.20 -11.55 -5.54
C ALA B 293 -30.02 -10.32 -5.17
N ILE B 294 -31.29 -10.36 -5.58
CA ILE B 294 -32.35 -9.52 -5.04
C ILE B 294 -33.46 -10.44 -4.58
N ASN B 295 -33.76 -10.43 -3.28
CA ASN B 295 -34.69 -11.40 -2.68
C ASN B 295 -35.89 -10.67 -2.04
N ARG B 296 -35.63 -9.33 -1.67
CA ARG B 296 -36.64 -8.51 -1.06
C ARG B 296 -36.67 -7.15 -1.77
N ILE B 297 -37.91 -6.78 -2.03
CA ILE B 297 -38.11 -5.45 -2.57
C ILE B 297 -38.92 -4.63 -1.55
N ILE B 298 -38.33 -3.53 -1.10
CA ILE B 298 -38.94 -2.67 -0.10
C ILE B 298 -39.20 -1.31 -0.73
N VAL B 299 -40.48 -0.89 -0.73
CA VAL B 299 -40.85 0.38 -1.36
C VAL B 299 -41.56 1.27 -0.33
N GLU B 300 -41.20 2.56 -0.30
CA GLU B 300 -41.88 3.52 0.54
C GLU B 300 -43.36 3.59 0.13
N ASP B 301 -44.22 3.87 1.12
CA ASP B 301 -45.66 3.65 1.01
C ASP B 301 -46.26 4.41 -0.19
N SER B 302 -45.75 5.62 -0.47
CA SER B 302 -46.32 6.45 -1.52
C SER B 302 -46.23 5.75 -2.88
N LEU B 303 -45.08 5.11 -3.19
CA LEU B 303 -44.86 4.51 -4.52
C LEU B 303 -45.33 3.05 -4.55
N TYR B 304 -45.62 2.45 -3.39
CA TYR B 304 -45.73 0.99 -3.29
C TYR B 304 -46.66 0.48 -4.38
N ASP B 305 -47.88 1.03 -4.42
CA ASP B 305 -48.95 0.54 -5.28
C ASP B 305 -48.56 0.74 -6.74
N ALA B 306 -47.95 1.90 -7.04
CA ALA B 306 -47.52 2.19 -8.41
C ALA B 306 -46.40 1.23 -8.81
N PHE B 307 -45.42 1.01 -7.90
CA PHE B 307 -44.29 0.13 -8.17
C PHE B 307 -44.82 -1.29 -8.38
N ALA B 308 -45.67 -1.75 -7.46
CA ALA B 308 -46.18 -3.12 -7.50
C ALA B 308 -46.90 -3.38 -8.83
N ALA B 309 -47.69 -2.39 -9.27
CA ALA B 309 -48.49 -2.54 -10.48
C ALA B 309 -47.58 -2.73 -11.68
N ARG B 310 -46.62 -1.81 -11.87
CA ARG B 310 -45.72 -1.81 -13.02
C ARG B 310 -44.87 -3.10 -13.01
N PHE B 311 -44.34 -3.43 -11.82
CA PHE B 311 -43.46 -4.58 -11.64
C PHE B 311 -44.16 -5.86 -12.08
N VAL B 312 -45.33 -6.12 -11.49
CA VAL B 312 -46.08 -7.31 -11.82
C VAL B 312 -46.31 -7.37 -13.33
N GLU B 313 -46.31 -6.27 -14.00
CA GLU B 313 -46.83 -6.34 -15.32
C GLU B 313 -45.74 -6.70 -16.30
N ARG B 314 -44.55 -6.18 -16.07
CA ARG B 314 -43.38 -6.59 -16.83
C ARG B 314 -43.08 -8.06 -16.57
N VAL B 315 -43.29 -8.50 -15.32
CA VAL B 315 -42.98 -9.87 -14.93
C VAL B 315 -43.80 -10.82 -15.81
N LYS B 316 -45.07 -10.45 -16.05
CA LYS B 316 -45.98 -11.24 -16.87
C LYS B 316 -45.42 -11.39 -18.29
N GLY B 317 -44.66 -10.38 -18.75
CA GLY B 317 -44.12 -10.36 -20.10
C GLY B 317 -42.99 -11.37 -20.30
N LEU B 318 -42.33 -11.78 -19.21
CA LEU B 318 -41.17 -12.66 -19.29
C LEU B 318 -41.62 -14.03 -19.79
N ARG B 319 -40.88 -14.57 -20.76
CA ARG B 319 -41.22 -15.86 -21.33
C ARG B 319 -40.48 -16.97 -20.60
N VAL B 320 -41.24 -18.01 -20.21
CA VAL B 320 -40.71 -19.22 -19.64
C VAL B 320 -40.60 -20.27 -20.74
N GLY B 321 -39.37 -20.75 -21.01
CA GLY B 321 -39.18 -21.66 -22.14
C GLY B 321 -37.83 -22.38 -22.11
N ASP B 322 -37.46 -22.90 -23.27
CA ASP B 322 -36.26 -23.67 -23.46
C ASP B 322 -35.05 -22.74 -23.31
N PRO B 323 -34.06 -23.09 -22.43
CA PRO B 323 -32.95 -22.19 -22.15
C PRO B 323 -32.01 -21.97 -23.34
N GLN B 324 -32.08 -22.86 -24.32
CA GLN B 324 -31.23 -22.72 -25.50
C GLN B 324 -31.65 -21.50 -26.30
N ARG B 325 -32.92 -21.11 -26.18
CA ARG B 325 -33.44 -19.98 -26.94
C ARG B 325 -32.90 -18.68 -26.36
N ALA B 326 -32.42 -17.80 -27.26
CA ALA B 326 -31.82 -16.53 -26.90
C ALA B 326 -32.85 -15.59 -26.27
N ASP B 327 -34.13 -15.81 -26.59
CA ASP B 327 -35.19 -14.90 -26.15
C ASP B 327 -35.70 -15.31 -24.77
N THR B 328 -35.34 -16.51 -24.28
CA THR B 328 -35.93 -17.05 -23.05
C THR B 328 -35.40 -16.27 -21.84
N ALA B 329 -36.33 -15.79 -21.01
CA ALA B 329 -35.96 -15.07 -19.79
C ALA B 329 -35.82 -16.03 -18.61
N VAL B 330 -36.81 -16.93 -18.43
CA VAL B 330 -36.83 -17.84 -17.27
C VAL B 330 -36.74 -19.30 -17.76
N GLY B 331 -35.92 -20.09 -17.08
CA GLY B 331 -35.65 -21.45 -17.47
C GLY B 331 -35.95 -22.42 -16.34
N PRO B 332 -35.49 -23.67 -16.44
CA PRO B 332 -35.82 -24.70 -15.45
C PRO B 332 -34.96 -24.64 -14.20
N ILE B 333 -35.50 -25.15 -13.10
CA ILE B 333 -34.76 -25.31 -11.86
C ILE B 333 -33.78 -26.47 -12.02
N VAL B 334 -32.67 -26.39 -11.29
CA VAL B 334 -31.49 -27.24 -11.52
C VAL B 334 -31.83 -28.72 -11.26
N ASN B 335 -32.56 -28.96 -10.16
CA ASN B 335 -32.94 -30.34 -9.76
C ASN B 335 -34.32 -30.32 -9.11
N ALA B 336 -34.94 -31.49 -8.94
CA ALA B 336 -36.30 -31.60 -8.37
C ALA B 336 -36.33 -31.10 -6.92
N ARG B 337 -35.31 -31.42 -6.12
CA ARG B 337 -35.35 -31.06 -4.68
C ARG B 337 -35.40 -29.52 -4.53
N GLN B 338 -34.63 -28.81 -5.35
CA GLN B 338 -34.66 -27.32 -5.30
C GLN B 338 -36.06 -26.84 -5.70
N LEU B 339 -36.66 -27.47 -6.70
CA LEU B 339 -38.02 -27.08 -7.16
C LEU B 339 -39.02 -27.33 -6.02
N GLU B 340 -38.86 -28.44 -5.32
CA GLU B 340 -39.81 -28.79 -4.23
C GLU B 340 -39.72 -27.71 -3.13
N GLY B 341 -38.51 -27.25 -2.83
CA GLY B 341 -38.34 -26.22 -1.77
C GLY B 341 -39.04 -24.94 -2.18
N LEU B 342 -38.93 -24.57 -3.46
CA LEU B 342 -39.61 -23.36 -3.96
C LEU B 342 -41.12 -23.55 -3.87
N LEU B 343 -41.62 -24.73 -4.25
CA LEU B 343 -43.05 -24.98 -4.21
C LEU B 343 -43.56 -24.90 -2.76
N GLU B 344 -42.75 -25.37 -1.82
CA GLU B 344 -43.10 -25.28 -0.40
C GLU B 344 -43.11 -23.82 0.04
N LYS B 345 -42.16 -23.02 -0.49
CA LYS B 345 -42.04 -21.62 -0.12
C LYS B 345 -43.27 -20.84 -0.57
N ILE B 346 -43.78 -21.15 -1.79
CA ILE B 346 -44.97 -20.51 -2.30
C ILE B 346 -46.16 -20.86 -1.41
N ARG B 347 -46.24 -22.14 -1.02
CA ARG B 347 -47.35 -22.63 -0.22
C ARG B 347 -47.36 -21.90 1.13
N LEU B 348 -46.19 -21.81 1.78
CA LEU B 348 -46.11 -21.24 3.11
C LEU B 348 -46.47 -19.75 3.06
N ALA B 349 -46.13 -19.09 1.95
CA ALA B 349 -46.34 -17.65 1.84
C ALA B 349 -47.83 -17.32 1.98
N ARG B 350 -48.69 -18.12 1.33
CA ARG B 350 -50.13 -17.90 1.38
C ARG B 350 -50.62 -18.13 2.80
N GLN B 351 -50.30 -19.32 3.32
CA GLN B 351 -50.33 -19.66 4.73
C GLN B 351 -49.96 -18.47 5.65
N GLU B 352 -48.89 -17.72 5.34
CA GLU B 352 -48.39 -16.70 6.27
C GLU B 352 -49.12 -15.35 6.06
N GLY B 353 -49.95 -15.27 5.01
CA GLY B 353 -50.84 -14.14 4.81
C GLY B 353 -50.35 -13.18 3.72
N ALA B 354 -49.42 -13.63 2.87
CA ALA B 354 -48.95 -12.83 1.75
C ALA B 354 -50.03 -12.79 0.67
N LYS B 355 -50.16 -11.62 0.02
CA LYS B 355 -51.16 -11.44 -1.00
C LYS B 355 -50.57 -11.84 -2.36
N PRO B 356 -51.15 -12.84 -3.07
CA PRO B 356 -50.64 -13.24 -4.37
C PRO B 356 -50.90 -12.20 -5.44
N LEU B 357 -49.85 -11.49 -5.83
CA LEU B 357 -49.96 -10.52 -6.92
C LEU B 357 -49.92 -11.25 -8.25
N TYR B 358 -48.99 -12.19 -8.42
CA TYR B 358 -48.88 -12.96 -9.65
C TYR B 358 -48.50 -14.39 -9.31
N GLU B 359 -49.19 -15.34 -9.96
CA GLU B 359 -48.93 -16.76 -9.77
C GLU B 359 -48.66 -17.39 -11.14
N GLY B 360 -47.49 -18.01 -11.28
CA GLY B 360 -47.13 -18.66 -12.53
C GLY B 360 -47.32 -20.17 -12.44
N GLY B 361 -47.47 -20.81 -13.59
CA GLY B 361 -47.61 -22.25 -13.65
C GLY B 361 -46.26 -22.94 -13.50
N VAL B 362 -46.22 -24.04 -12.75
CA VAL B 362 -45.07 -24.94 -12.76
C VAL B 362 -45.31 -26.03 -13.81
N ASP B 363 -44.38 -26.13 -14.78
CA ASP B 363 -44.47 -27.10 -15.86
C ASP B 363 -43.19 -27.94 -15.91
N GLY B 364 -43.21 -29.09 -15.23
CA GLY B 364 -42.01 -29.86 -15.00
C GLY B 364 -41.01 -29.05 -14.19
N GLN B 365 -39.78 -28.93 -14.70
CA GLN B 365 -38.76 -28.14 -14.04
C GLN B 365 -38.98 -26.63 -14.31
N LEU B 366 -39.73 -26.29 -15.37
CA LEU B 366 -40.03 -24.89 -15.70
C LEU B 366 -40.94 -24.30 -14.62
N LEU B 367 -40.40 -23.37 -13.81
CA LEU B 367 -41.17 -22.70 -12.75
C LEU B 367 -41.29 -21.23 -13.10
N ALA B 368 -42.53 -20.77 -13.33
CA ALA B 368 -42.80 -19.40 -13.77
C ALA B 368 -42.65 -18.46 -12.59
N PRO B 369 -42.51 -17.14 -12.83
CA PRO B 369 -42.36 -16.18 -11.74
C PRO B 369 -43.55 -16.19 -10.78
N HIS B 370 -43.26 -16.02 -9.49
CA HIS B 370 -44.29 -15.81 -8.50
C HIS B 370 -43.95 -14.56 -7.70
N VAL B 371 -44.92 -13.62 -7.63
CA VAL B 371 -44.75 -12.36 -6.94
C VAL B 371 -45.82 -12.25 -5.86
N PHE B 372 -45.39 -11.94 -4.64
CA PHE B 372 -46.28 -11.76 -3.52
C PHE B 372 -46.16 -10.32 -3.01
N GLY B 373 -47.22 -9.86 -2.31
CA GLY B 373 -47.31 -8.49 -1.83
C GLY B 373 -47.68 -8.43 -0.34
N GLU B 374 -47.62 -7.20 0.22
CA GLU B 374 -47.98 -6.91 1.61
C GLU B 374 -47.18 -7.79 2.57
N VAL B 375 -45.91 -8.03 2.23
CA VAL B 375 -45.06 -8.95 3.00
C VAL B 375 -44.56 -8.24 4.25
N THR B 376 -44.31 -9.03 5.31
CA THR B 376 -43.79 -8.49 6.58
C THR B 376 -42.44 -9.14 6.90
N ALA B 377 -41.72 -8.54 7.85
CA ALA B 377 -40.37 -8.98 8.19
C ALA B 377 -40.39 -10.39 8.79
N THR B 378 -41.49 -10.74 9.48
CA THR B 378 -41.58 -12.00 10.20
C THR B 378 -41.86 -13.15 9.22
N MET B 379 -42.35 -12.83 8.02
CA MET B 379 -42.71 -13.85 7.04
C MET B 379 -41.44 -14.54 6.53
N GLU B 380 -41.56 -15.82 6.18
CA GLU B 380 -40.42 -16.65 5.81
C GLU B 380 -39.82 -16.16 4.48
N ILE B 381 -40.70 -15.69 3.56
CA ILE B 381 -40.27 -15.27 2.23
C ILE B 381 -39.29 -14.08 2.36
N ALA B 382 -39.46 -13.27 3.42
CA ALA B 382 -38.60 -12.12 3.63
C ALA B 382 -37.27 -12.55 4.27
N ARG B 383 -37.33 -13.44 5.29
CA ARG B 383 -36.16 -13.64 6.15
C ARG B 383 -35.22 -14.72 5.56
N ASP B 384 -35.77 -15.74 4.87
CA ASP B 384 -34.96 -16.88 4.39
C ASP B 384 -34.52 -16.65 2.94
N GLU B 385 -33.40 -17.27 2.56
CA GLU B 385 -32.80 -17.07 1.23
C GLU B 385 -33.61 -17.86 0.19
N ILE B 386 -33.82 -17.24 -0.99
CA ILE B 386 -34.56 -17.86 -2.07
C ILE B 386 -33.62 -18.05 -3.26
N PHE B 387 -33.62 -19.24 -3.84
CA PHE B 387 -32.82 -19.50 -5.02
C PHE B 387 -33.75 -19.86 -6.18
N GLY B 388 -34.64 -18.94 -6.52
CA GLY B 388 -35.57 -19.16 -7.62
C GLY B 388 -36.42 -17.93 -7.91
N PRO B 389 -37.37 -18.02 -8.86
CA PRO B 389 -38.18 -16.87 -9.27
C PRO B 389 -39.37 -16.62 -8.35
N LEU B 390 -39.08 -16.48 -7.07
CA LEU B 390 -40.08 -16.13 -6.07
C LEU B 390 -39.63 -14.85 -5.35
N VAL B 391 -40.52 -13.84 -5.34
CA VAL B 391 -40.19 -12.52 -4.81
C VAL B 391 -41.31 -12.04 -3.88
N GLY B 392 -40.92 -11.32 -2.83
CA GLY B 392 -41.85 -10.66 -1.95
C GLY B 392 -41.69 -9.13 -2.01
N LEU B 393 -42.82 -8.40 -1.99
CA LEU B 393 -42.83 -6.94 -2.00
C LEU B 393 -43.29 -6.44 -0.63
N LEU B 394 -42.52 -5.50 -0.04
CA LEU B 394 -42.77 -5.02 1.31
C LEU B 394 -43.12 -3.53 1.27
N ARG B 395 -44.08 -3.14 2.12
CA ARG B 395 -44.53 -1.77 2.23
C ARG B 395 -43.84 -1.11 3.42
N ALA B 396 -43.23 0.06 3.17
CA ALA B 396 -42.54 0.81 4.21
C ALA B 396 -43.23 2.16 4.42
N ARG B 397 -43.48 2.51 5.68
CA ARG B 397 -44.25 3.70 6.01
C ARG B 397 -43.38 4.93 5.78
N ASP B 398 -42.13 4.90 6.26
CA ASP B 398 -41.20 6.01 6.05
C ASP B 398 -39.80 5.44 5.79
N GLU B 399 -38.84 6.35 5.55
CA GLU B 399 -37.46 5.97 5.28
C GLU B 399 -36.87 5.20 6.48
N ALA B 400 -37.16 5.66 7.71
CA ALA B 400 -36.66 5.01 8.92
C ALA B 400 -37.13 3.54 8.98
N HIS B 401 -38.39 3.31 8.62
CA HIS B 401 -38.95 1.97 8.60
C HIS B 401 -38.24 1.12 7.55
N ALA B 402 -37.95 1.72 6.36
CA ALA B 402 -37.32 1.00 5.26
C ALA B 402 -35.95 0.49 5.68
N LEU B 403 -35.24 1.32 6.48
CA LEU B 403 -33.91 0.97 6.96
C LEU B 403 -34.00 -0.24 7.90
N GLU B 404 -34.99 -0.23 8.80
CA GLU B 404 -35.18 -1.35 9.74
C GLU B 404 -35.47 -2.63 8.94
N LEU B 405 -36.35 -2.50 7.94
CA LEU B 405 -36.75 -3.63 7.12
C LEU B 405 -35.55 -4.21 6.37
N ALA B 406 -34.70 -3.33 5.82
CA ALA B 406 -33.54 -3.78 5.03
C ALA B 406 -32.54 -4.47 5.95
N ASN B 407 -32.31 -3.91 7.14
CA ASN B 407 -31.27 -4.48 8.03
C ASN B 407 -31.85 -5.65 8.83
N ALA B 408 -33.12 -6.00 8.58
CA ALA B 408 -33.76 -7.13 9.31
C ALA B 408 -33.06 -8.45 9.00
N SER B 409 -32.65 -8.67 7.74
CA SER B 409 -32.07 -9.98 7.37
C SER B 409 -30.76 -10.21 8.14
N GLU B 410 -30.57 -11.43 8.66
CA GLU B 410 -29.34 -11.77 9.41
C GLU B 410 -28.11 -11.67 8.49
N TYR B 411 -28.24 -12.13 7.25
CA TYR B 411 -27.06 -12.18 6.35
C TYR B 411 -27.17 -11.10 5.29
N GLY B 412 -26.14 -10.24 5.22
CA GLY B 412 -26.11 -9.21 4.16
C GLY B 412 -24.87 -9.37 3.30
N LEU B 413 -25.04 -9.43 1.99
CA LEU B 413 -23.88 -9.52 1.08
C LEU B 413 -24.04 -8.40 0.04
N SER B 414 -25.22 -8.30 -0.56
CA SER B 414 -25.46 -7.20 -1.48
C SER B 414 -26.75 -6.44 -1.13
N SER B 415 -26.92 -5.24 -1.71
CA SER B 415 -28.08 -4.39 -1.48
C SER B 415 -28.18 -3.34 -2.58
N ALA B 416 -29.36 -2.70 -2.70
CA ALA B 416 -29.56 -1.60 -3.66
C ALA B 416 -30.53 -0.56 -3.09
N VAL B 417 -30.28 0.69 -3.44
CA VAL B 417 -31.10 1.81 -2.97
C VAL B 417 -31.39 2.68 -4.16
N PHE B 418 -32.67 3.06 -4.30
CA PHE B 418 -33.09 3.88 -5.43
C PHE B 418 -33.69 5.19 -4.90
N SER B 419 -33.12 6.32 -5.35
CA SER B 419 -33.56 7.64 -4.94
C SER B 419 -32.88 8.69 -5.83
N ARG B 420 -33.61 9.75 -6.19
CA ARG B 420 -33.08 10.79 -7.06
C ARG B 420 -32.11 11.70 -6.27
N ASP B 421 -32.26 11.73 -4.94
CA ASP B 421 -31.34 12.48 -4.09
C ASP B 421 -30.13 11.60 -3.75
N LEU B 422 -28.99 11.88 -4.40
CA LEU B 422 -27.80 11.05 -4.24
C LEU B 422 -27.25 11.15 -2.82
N GLU B 423 -27.29 12.34 -2.22
CA GLU B 423 -26.74 12.52 -0.89
C GLU B 423 -27.55 11.69 0.11
N ARG B 424 -28.89 11.76 0.01
CA ARG B 424 -29.77 10.99 0.86
C ARG B 424 -29.57 9.49 0.60
N ALA B 425 -29.48 9.12 -0.68
CA ALA B 425 -29.37 7.72 -1.07
C ALA B 425 -28.08 7.12 -0.49
N VAL B 426 -26.99 7.85 -0.61
CA VAL B 426 -25.71 7.36 -0.15
C VAL B 426 -25.70 7.32 1.38
N ARG B 427 -26.33 8.32 2.00
CA ARG B 427 -26.41 8.37 3.46
C ARG B 427 -27.18 7.14 3.96
N PHE B 428 -28.29 6.82 3.26
CA PHE B 428 -29.07 5.62 3.56
C PHE B 428 -28.19 4.40 3.39
N ALA B 429 -27.50 4.32 2.26
CA ALA B 429 -26.73 3.14 1.89
C ALA B 429 -25.68 2.84 2.97
N ARG B 430 -25.06 3.90 3.52
CA ARG B 430 -24.01 3.73 4.52
C ARG B 430 -24.55 3.09 5.81
N GLN B 431 -25.87 3.14 6.01
CA GLN B 431 -26.45 2.58 7.22
C GLN B 431 -26.76 1.10 7.02
N LEU B 432 -26.75 0.63 5.78
CA LEU B 432 -27.12 -0.76 5.51
C LEU B 432 -26.03 -1.70 6.02
N ARG B 433 -26.47 -2.81 6.60
CA ARG B 433 -25.60 -3.89 7.06
C ARG B 433 -25.14 -4.74 5.88
N ALA B 434 -24.39 -4.17 4.97
CA ALA B 434 -24.08 -4.90 3.76
C ALA B 434 -22.70 -4.56 3.27
N GLY B 435 -22.06 -5.54 2.64
CA GLY B 435 -20.74 -5.38 2.10
C GLY B 435 -20.74 -4.54 0.84
N MET B 436 -21.85 -4.60 0.08
CA MET B 436 -21.94 -3.94 -1.22
C MET B 436 -23.32 -3.31 -1.35
N THR B 437 -23.38 -2.04 -1.79
CA THR B 437 -24.64 -1.41 -2.12
C THR B 437 -24.57 -0.76 -3.50
N HIS B 438 -25.63 -0.95 -4.30
CA HIS B 438 -25.76 -0.26 -5.58
C HIS B 438 -26.76 0.90 -5.46
N VAL B 439 -26.35 2.12 -5.85
CA VAL B 439 -27.25 3.28 -5.85
C VAL B 439 -27.65 3.63 -7.29
N ASN B 440 -28.95 3.50 -7.59
CA ASN B 440 -29.53 3.90 -8.88
C ASN B 440 -28.92 3.10 -10.05
N ASP B 441 -28.51 1.86 -9.81
CA ASP B 441 -27.91 1.06 -10.85
C ASP B 441 -28.57 -0.31 -10.90
N ILE B 442 -28.78 -0.80 -12.13
CA ILE B 442 -29.26 -2.16 -12.38
C ILE B 442 -28.18 -3.13 -11.89
N PRO B 443 -28.42 -3.88 -10.77
CA PRO B 443 -27.37 -4.71 -10.17
C PRO B 443 -27.06 -5.97 -10.95
N GLY B 459 -13.98 -5.54 -14.16
CA GLY B 459 -13.15 -6.14 -13.10
C GLY B 459 -12.78 -5.15 -11.99
N LEU B 460 -13.52 -4.03 -11.91
CA LEU B 460 -13.15 -2.90 -11.07
C LEU B 460 -13.84 -2.96 -9.70
N GLY B 461 -14.96 -3.69 -9.62
CA GLY B 461 -15.67 -3.88 -8.37
C GLY B 461 -15.24 -5.18 -7.67
N ARG B 462 -14.88 -5.04 -6.36
CA ARG B 462 -14.36 -6.15 -5.56
C ARG B 462 -13.30 -6.88 -6.36
N PHE B 463 -13.24 -8.21 -6.21
CA PHE B 463 -12.25 -9.02 -6.90
C PHE B 463 -10.89 -8.33 -6.74
N ASN B 464 -10.27 -7.95 -7.87
CA ASN B 464 -9.10 -7.04 -7.90
C ASN B 464 -7.88 -7.71 -7.22
N GLY B 465 -6.71 -7.20 -7.59
CA GLY B 465 -5.46 -7.82 -7.24
C GLY B 465 -5.24 -7.80 -5.74
N ASP B 466 -5.55 -6.66 -5.11
CA ASP B 466 -5.31 -6.47 -3.69
C ASP B 466 -5.97 -7.60 -2.92
N TRP B 467 -7.25 -7.87 -3.23
CA TRP B 467 -8.01 -8.94 -2.58
C TRP B 467 -7.40 -10.32 -2.89
N ALA B 468 -7.08 -10.57 -4.15
CA ALA B 468 -6.60 -11.88 -4.57
C ALA B 468 -5.25 -12.19 -3.91
N ILE B 469 -4.37 -11.18 -3.87
CA ILE B 469 -3.05 -11.35 -3.30
C ILE B 469 -3.17 -11.63 -1.79
N GLU B 470 -4.07 -10.91 -1.13
CA GLU B 470 -4.31 -11.13 0.29
C GLU B 470 -4.82 -12.56 0.52
N GLU B 471 -5.74 -13.02 -0.35
CA GLU B 471 -6.43 -14.29 -0.13
C GLU B 471 -5.47 -15.48 -0.34
N PHE B 472 -4.71 -15.48 -1.45
CA PHE B 472 -4.04 -16.68 -1.92
C PHE B 472 -2.50 -16.59 -1.77
N THR B 473 -2.00 -15.59 -1.02
CA THR B 473 -0.59 -15.58 -0.60
C THR B 473 -0.54 -15.32 0.89
N THR B 474 0.63 -15.57 1.48
CA THR B 474 0.84 -15.36 2.91
C THR B 474 2.24 -14.76 3.13
N ASP B 475 2.42 -14.20 4.33
CA ASP B 475 3.65 -13.56 4.72
C ASP B 475 4.47 -14.54 5.56
N HIS B 476 5.78 -14.62 5.26
CA HIS B 476 6.72 -15.37 6.08
C HIS B 476 7.79 -14.41 6.57
N TRP B 477 7.68 -14.05 7.85
CA TRP B 477 8.64 -13.15 8.48
C TRP B 477 9.94 -13.91 8.77
N ILE B 478 11.03 -13.42 8.20
CA ILE B 478 12.36 -13.96 8.47
C ILE B 478 13.25 -12.84 8.96
N SER B 479 13.55 -12.86 10.27
CA SER B 479 14.45 -11.90 10.88
C SER B 479 15.87 -12.46 10.93
N VAL B 480 16.83 -11.71 10.42
CA VAL B 480 18.22 -12.14 10.37
C VAL B 480 19.05 -11.29 11.33
N GLN B 481 19.71 -11.97 12.27
CA GLN B 481 20.63 -11.34 13.23
C GLN B 481 22.07 -11.48 12.71
N HIS B 482 22.71 -10.36 12.45
CA HIS B 482 24.05 -10.36 11.89
C HIS B 482 25.11 -10.20 13.00
N ALA B 483 24.69 -9.92 14.24
CA ALA B 483 25.63 -9.54 15.30
C ALA B 483 25.31 -10.28 16.62
N PRO B 484 26.31 -10.61 17.49
CA PRO B 484 26.03 -11.36 18.71
C PRO B 484 25.09 -10.69 19.71
N ARG B 485 24.36 -11.43 20.61
CA ARG B 485 23.36 -10.89 21.57
C ARG B 485 23.69 -11.25 23.02
N GLN B 486 23.66 -10.32 23.85
CA GLN B 486 23.91 -10.57 25.29
C GLN B 486 22.87 -11.54 25.89
N TYR B 487 21.60 -11.42 25.50
CA TYR B 487 20.50 -12.27 26.05
C TYR B 487 20.40 -12.16 27.59
N PRO B 488 20.49 -10.96 28.22
CA PRO B 488 20.46 -10.85 29.68
C PRO B 488 20.13 -12.13 30.44
N SER C 2 -3.27 9.42 39.50
CA SER C 2 -3.38 9.63 40.97
C SER C 2 -2.16 9.05 41.67
N ASP C 3 -2.15 9.12 43.00
CA ASP C 3 -1.04 8.64 43.83
C ASP C 3 -1.36 7.25 44.38
N SER C 4 -2.59 7.08 44.88
CA SER C 4 -2.97 5.85 45.57
C SER C 4 -3.26 4.74 44.55
N ARG C 5 -2.95 3.50 44.95
CA ARG C 5 -3.19 2.32 44.13
C ARG C 5 -4.70 2.09 43.99
N TYR C 6 -5.09 1.43 42.88
CA TYR C 6 -6.49 1.07 42.63
C TYR C 6 -6.97 0.17 43.76
N THR C 7 -8.23 0.35 44.19
CA THR C 7 -8.85 -0.56 45.15
C THR C 7 -10.17 -1.09 44.58
N ASP C 8 -10.74 -2.10 45.27
CA ASP C 8 -12.00 -2.71 44.87
C ASP C 8 -11.87 -3.31 43.46
N LEU C 9 -10.74 -3.99 43.18
CA LEU C 9 -10.48 -4.54 41.85
C LEU C 9 -11.49 -5.63 41.52
N GLY C 10 -12.27 -6.08 42.50
CA GLY C 10 -13.25 -7.13 42.30
C GLY C 10 -14.54 -6.63 41.59
N LEU C 11 -14.74 -5.31 41.55
CA LEU C 11 -15.88 -4.76 40.81
C LEU C 11 -15.68 -5.02 39.31
N GLN C 12 -16.76 -5.42 38.64
CA GLN C 12 -16.72 -5.69 37.20
C GLN C 12 -17.31 -4.51 36.43
N PRO C 13 -16.64 -4.04 35.37
CA PRO C 13 -17.23 -3.05 34.50
C PRO C 13 -18.28 -3.69 33.60
N LEU C 14 -19.57 -3.51 33.94
CA LEU C 14 -20.67 -4.14 33.20
C LEU C 14 -21.63 -3.06 32.70
N ALA C 15 -21.72 -2.94 31.37
CA ALA C 15 -22.67 -2.03 30.71
C ALA C 15 -22.61 -0.64 31.34
N GLY C 16 -21.39 -0.12 31.49
CA GLY C 16 -21.19 1.28 31.80
C GLY C 16 -21.19 1.54 33.32
N GLU C 17 -21.18 0.47 34.11
CA GLU C 17 -21.29 0.56 35.56
C GLU C 17 -20.30 -0.41 36.18
N TRP C 18 -19.67 -0.01 37.28
CA TRP C 18 -18.80 -0.90 38.05
C TRP C 18 -19.61 -1.53 39.19
N ARG C 19 -19.91 -2.83 39.06
CA ARG C 19 -20.76 -3.49 40.04
C ARG C 19 -20.36 -4.95 40.20
N HIS C 20 -21.01 -5.61 41.15
CA HIS C 20 -20.88 -7.04 41.37
C HIS C 20 -21.76 -7.78 40.37
N GLY C 21 -21.36 -9.01 40.04
CA GLY C 21 -22.14 -9.87 39.18
C GLY C 21 -23.29 -10.50 39.97
N ARG C 22 -24.31 -10.96 39.24
CA ARG C 22 -25.56 -11.44 39.83
C ARG C 22 -25.65 -12.96 39.76
N ALA C 23 -24.53 -13.63 39.47
CA ALA C 23 -24.56 -15.11 39.29
C ALA C 23 -24.82 -15.84 40.62
N GLY C 24 -24.53 -15.20 41.75
CA GLY C 24 -24.71 -15.85 43.07
C GLY C 24 -23.57 -16.79 43.40
N ARG C 25 -22.50 -16.75 42.59
CA ARG C 25 -21.31 -17.61 42.83
C ARG C 25 -20.09 -16.70 43.01
N ARG C 26 -19.21 -17.03 43.96
CA ARG C 26 -18.05 -16.15 44.27
C ARG C 26 -16.76 -16.82 43.78
N LEU C 27 -15.93 -16.05 43.07
CA LEU C 27 -14.66 -16.59 42.53
C LEU C 27 -13.52 -16.01 43.37
N LYS C 28 -12.61 -16.88 43.82
CA LYS C 28 -11.51 -16.41 44.69
C LYS C 28 -10.23 -16.35 43.84
N VAL C 29 -9.57 -15.20 43.86
CA VAL C 29 -8.28 -15.08 43.12
C VAL C 29 -7.16 -15.34 44.13
N SER C 30 -6.25 -16.25 43.79
CA SER C 30 -5.23 -16.67 44.73
C SER C 30 -3.84 -16.52 44.11
N ASN C 31 -2.84 -16.30 44.98
CA ASN C 31 -1.46 -16.28 44.57
C ASN C 31 -0.98 -17.71 44.36
N PRO C 32 -0.49 -18.07 43.16
CA PRO C 32 -0.04 -19.45 42.90
C PRO C 32 1.14 -19.90 43.76
N PHE C 33 1.93 -18.94 44.26
CA PHE C 33 3.13 -19.26 45.01
C PHE C 33 2.74 -19.76 46.41
N ASP C 34 2.14 -18.87 47.23
CA ASP C 34 1.90 -19.15 48.64
C ASP C 34 0.46 -19.64 48.86
N GLY C 35 -0.39 -19.49 47.83
CA GLY C 35 -1.80 -19.90 47.92
C GLY C 35 -2.68 -18.82 48.58
N SER C 36 -2.12 -17.64 48.87
CA SER C 36 -2.81 -16.62 49.64
C SER C 36 -3.92 -15.94 48.79
N LEU C 37 -4.95 -15.43 49.49
CA LEU C 37 -6.13 -14.82 48.87
C LEU C 37 -5.82 -13.38 48.43
N LEU C 38 -5.93 -13.10 47.12
CA LEU C 38 -5.71 -11.76 46.59
C LEU C 38 -6.99 -10.95 46.68
N LEU C 39 -8.08 -11.47 46.10
CA LEU C 39 -9.37 -10.82 46.16
C LEU C 39 -10.49 -11.83 45.87
N GLU C 40 -11.72 -11.37 46.02
CA GLU C 40 -12.91 -12.17 45.76
C GLU C 40 -13.77 -11.44 44.74
N ILE C 41 -14.40 -12.20 43.83
CA ILE C 41 -15.19 -11.60 42.76
C ILE C 41 -16.57 -12.24 42.74
N GLU C 42 -17.61 -11.38 42.71
CA GLU C 42 -18.97 -11.83 42.44
C GLU C 42 -19.12 -12.10 40.93
N GLN C 43 -19.28 -13.37 40.58
CA GLN C 43 -19.27 -13.79 39.19
C GLN C 43 -20.49 -13.26 38.45
N ALA C 44 -20.36 -13.21 37.13
CA ALA C 44 -21.39 -12.68 36.26
C ALA C 44 -22.27 -13.81 35.74
N ASP C 45 -23.55 -13.51 35.59
CA ASP C 45 -24.49 -14.47 35.00
C ASP C 45 -24.70 -14.10 33.54
N ARG C 46 -25.61 -14.83 32.88
CA ARG C 46 -25.85 -14.68 31.47
C ARG C 46 -26.51 -13.34 31.19
N ASP C 47 -27.32 -12.84 32.12
CA ASP C 47 -27.98 -11.56 31.94
C ASP C 47 -26.95 -10.44 31.94
N ASP C 48 -25.92 -10.58 32.78
CA ASP C 48 -24.84 -9.61 32.81
C ASP C 48 -24.16 -9.57 31.43
N LEU C 49 -23.97 -10.76 30.82
CA LEU C 49 -23.29 -10.87 29.55
C LEU C 49 -24.08 -10.15 28.47
N ASP C 50 -25.39 -10.41 28.44
CA ASP C 50 -26.29 -9.83 27.44
C ASP C 50 -26.28 -8.31 27.56
N ALA C 51 -26.28 -7.80 28.80
CA ALA C 51 -26.33 -6.36 29.04
C ALA C 51 -25.04 -5.69 28.55
N ALA C 52 -23.89 -6.33 28.85
CA ALA C 52 -22.58 -5.78 28.47
C ALA C 52 -22.46 -5.64 26.95
N TYR C 53 -22.91 -6.68 26.21
CA TYR C 53 -22.87 -6.68 24.75
C TYR C 53 -23.81 -5.62 24.22
N ALA C 54 -25.01 -5.53 24.79
CA ALA C 54 -26.04 -4.62 24.28
C ALA C 54 -25.60 -3.15 24.44
N LYS C 55 -25.05 -2.83 25.63
CA LYS C 55 -24.52 -1.50 25.89
C LYS C 55 -23.38 -1.17 24.92
N ALA C 56 -22.47 -2.11 24.70
CA ALA C 56 -21.34 -1.90 23.81
C ALA C 56 -21.85 -1.51 22.42
N ALA C 57 -22.88 -2.22 21.94
CA ALA C 57 -23.47 -1.96 20.64
C ALA C 57 -24.09 -0.55 20.61
N GLU C 58 -24.68 -0.15 21.73
CA GLU C 58 -25.45 1.09 21.80
C GLU C 58 -24.51 2.33 21.72
N VAL C 59 -23.39 2.30 22.44
CA VAL C 59 -22.55 3.49 22.59
C VAL C 59 -21.44 3.53 21.53
N GLN C 60 -21.24 2.43 20.81
CA GLN C 60 -20.08 2.29 19.91
C GLN C 60 -20.16 3.34 18.77
N PRO C 61 -21.34 3.60 18.15
CA PRO C 61 -21.40 4.55 17.02
C PRO C 61 -20.93 5.97 17.36
N ALA C 62 -21.24 6.42 18.59
CA ALA C 62 -20.81 7.74 19.04
C ALA C 62 -19.27 7.78 19.17
N TRP C 63 -18.67 6.66 19.62
CA TRP C 63 -17.22 6.57 19.75
C TRP C 63 -16.58 6.57 18.36
N ALA C 64 -17.19 5.83 17.43
CA ALA C 64 -16.71 5.81 16.05
C ALA C 64 -16.87 7.19 15.39
N ALA C 65 -17.91 7.93 15.76
CA ALA C 65 -18.26 9.17 15.07
C ALA C 65 -17.30 10.29 15.48
N LEU C 66 -16.61 10.14 16.62
CA LEU C 66 -15.56 11.09 17.02
C LEU C 66 -14.42 11.04 15.98
N GLY C 67 -13.57 12.03 16.02
CA GLY C 67 -12.47 12.07 15.08
C GLY C 67 -11.34 11.12 15.50
N PRO C 68 -10.38 10.85 14.59
CA PRO C 68 -9.18 10.10 14.92
C PRO C 68 -8.35 10.67 16.08
N SER C 69 -8.27 11.99 16.17
CA SER C 69 -7.39 12.63 17.15
C SER C 69 -7.96 12.45 18.54
N ALA C 70 -9.29 12.47 18.64
CA ALA C 70 -9.94 12.31 19.93
C ALA C 70 -9.69 10.89 20.46
N ARG C 71 -9.81 9.88 19.57
CA ARG C 71 -9.61 8.50 19.98
C ARG C 71 -8.15 8.25 20.31
N ALA C 72 -7.25 8.87 19.54
CA ALA C 72 -5.83 8.70 19.76
C ALA C 72 -5.42 9.32 21.12
N ALA C 73 -6.12 10.39 21.53
CA ALA C 73 -5.78 11.08 22.77
C ALA C 73 -5.89 10.13 23.97
N VAL C 74 -6.96 9.31 23.97
CA VAL C 74 -7.25 8.39 25.05
C VAL C 74 -6.10 7.38 25.16
N LEU C 75 -5.61 6.90 24.03
CA LEU C 75 -4.53 5.93 24.04
C LEU C 75 -3.23 6.58 24.51
N TYR C 76 -3.03 7.87 24.18
CA TYR C 76 -1.83 8.59 24.66
C TYR C 76 -1.90 8.74 26.20
N LYS C 77 -3.11 9.01 26.71
CA LYS C 77 -3.30 9.13 28.15
C LYS C 77 -3.11 7.77 28.84
N ALA C 78 -3.42 6.66 28.13
CA ALA C 78 -3.30 5.35 28.72
C ALA C 78 -1.82 4.98 28.93
N VAL C 79 -0.95 5.39 28.00
CA VAL C 79 0.50 5.16 28.13
C VAL C 79 1.00 5.87 29.38
N GLU C 80 0.46 7.04 29.52
CA GLU C 80 0.67 7.97 30.60
C GLU C 80 0.45 7.27 31.96
N VAL C 81 -0.69 6.55 32.06
CA VAL C 81 -1.06 5.76 33.23
C VAL C 81 -0.11 4.57 33.39
N PHE C 82 0.28 3.95 32.28
CA PHE C 82 1.22 2.84 32.32
C PHE C 82 2.50 3.23 33.11
N ASP C 83 2.92 4.49 32.98
CA ASP C 83 4.18 4.94 33.57
C ASP C 83 3.99 5.22 35.05
N ARG C 84 2.89 5.88 35.41
CA ARG C 84 2.65 6.26 36.78
C ARG C 84 2.46 5.02 37.65
N ARG C 85 1.78 3.99 37.11
CA ARG C 85 1.41 2.82 37.90
C ARG C 85 2.25 1.62 37.51
N HIS C 86 3.51 1.88 37.08
CA HIS C 86 4.41 0.84 36.57
C HIS C 86 4.50 -0.32 37.57
N GLU C 87 4.99 -0.02 38.79
CA GLU C 87 5.26 -1.06 39.79
C GLU C 87 3.95 -1.73 40.22
N GLU C 88 2.87 -0.93 40.34
CA GLU C 88 1.55 -1.45 40.69
C GLU C 88 1.17 -2.56 39.70
N ILE C 89 1.39 -2.29 38.39
CA ILE C 89 1.01 -3.23 37.35
C ILE C 89 1.88 -4.48 37.45
N VAL C 90 3.20 -4.29 37.55
CA VAL C 90 4.13 -5.42 37.57
C VAL C 90 3.84 -6.32 38.80
N ASP C 91 3.52 -5.71 39.94
CA ASP C 91 3.22 -6.47 41.15
C ASP C 91 1.99 -7.35 40.93
N TRP C 92 0.96 -6.80 40.26
CA TRP C 92 -0.28 -7.55 40.02
C TRP C 92 0.01 -8.76 39.13
N ILE C 93 0.91 -8.58 38.17
CA ILE C 93 1.23 -9.65 37.24
C ILE C 93 1.89 -10.80 38.01
N ILE C 94 2.83 -10.46 38.90
CA ILE C 94 3.54 -11.47 39.67
C ILE C 94 2.56 -12.22 40.58
N ARG C 95 1.76 -11.47 41.34
CA ARG C 95 0.91 -12.05 42.38
C ARG C 95 -0.18 -12.96 41.77
N GLU C 96 -0.89 -12.45 40.76
CA GLU C 96 -2.03 -13.19 40.20
C GLU C 96 -1.54 -14.34 39.31
N SER C 97 -0.61 -14.08 38.38
CA SER C 97 -0.23 -15.06 37.36
C SER C 97 0.90 -15.97 37.86
N GLY C 98 1.65 -15.49 38.86
CA GLY C 98 2.84 -16.20 39.35
C GLY C 98 4.06 -16.02 38.44
N SER C 99 4.00 -15.04 37.54
CA SER C 99 5.11 -14.70 36.64
C SER C 99 6.31 -14.14 37.44
N THR C 100 7.52 -14.45 36.98
CA THR C 100 8.73 -13.84 37.59
C THR C 100 8.73 -12.33 37.34
N ARG C 101 9.47 -11.62 38.21
CA ARG C 101 9.63 -10.16 38.11
C ARG C 101 10.25 -9.80 36.76
N LEU C 102 11.19 -10.62 36.30
CA LEU C 102 11.86 -10.38 35.04
C LEU C 102 10.84 -10.49 33.89
N LYS C 103 10.04 -11.53 33.91
CA LYS C 103 9.06 -11.74 32.88
C LYS C 103 7.94 -10.69 33.00
N ALA C 104 7.61 -10.31 34.23
CA ALA C 104 6.58 -9.29 34.45
C ALA C 104 7.00 -7.94 33.86
N GLU C 105 8.29 -7.57 34.01
CA GLU C 105 8.80 -6.32 33.45
C GLU C 105 8.69 -6.36 31.92
N ILE C 106 8.99 -7.53 31.36
CA ILE C 106 8.96 -7.68 29.92
C ILE C 106 7.51 -7.47 29.44
N GLU C 107 6.56 -8.07 30.16
CA GLU C 107 5.15 -7.98 29.80
C GLU C 107 4.69 -6.53 29.84
N TRP C 108 5.03 -5.83 30.94
CA TRP C 108 4.69 -4.42 31.09
C TRP C 108 5.17 -3.61 29.87
N GLY C 109 6.45 -3.77 29.50
CA GLY C 109 7.05 -3.03 28.37
C GLY C 109 6.31 -3.30 27.05
N ALA C 110 6.05 -4.60 26.76
CA ALA C 110 5.36 -4.98 25.53
C ALA C 110 3.96 -4.35 25.47
N ALA C 111 3.24 -4.35 26.60
CA ALA C 111 1.90 -3.79 26.66
C ALA C 111 1.94 -2.29 26.44
N ARG C 112 2.91 -1.63 27.08
CA ARG C 112 3.10 -0.17 26.93
C ARG C 112 3.36 0.18 25.45
N ALA C 113 4.20 -0.61 24.80
CA ALA C 113 4.61 -0.33 23.43
C ALA C 113 3.42 -0.52 22.47
N ILE C 114 2.65 -1.58 22.68
CA ILE C 114 1.42 -1.82 21.91
C ILE C 114 0.49 -0.61 22.03
N THR C 115 0.29 -0.13 23.27
CA THR C 115 -0.62 0.98 23.53
C THR C 115 -0.17 2.21 22.77
N LEU C 116 1.15 2.50 22.80
CA LEU C 116 1.69 3.71 22.19
C LEU C 116 1.60 3.63 20.67
N GLU C 117 1.91 2.45 20.11
CA GLU C 117 1.85 2.23 18.66
C GLU C 117 0.42 2.41 18.15
N SER C 118 -0.56 1.93 18.93
CA SER C 118 -1.97 1.94 18.52
C SER C 118 -2.49 3.36 18.37
N ALA C 119 -1.88 4.32 19.12
CA ALA C 119 -2.34 5.71 19.09
C ALA C 119 -2.17 6.32 17.70
N SER C 120 -1.23 5.80 16.90
CA SER C 120 -0.98 6.29 15.54
C SER C 120 -1.94 5.68 14.51
N PHE C 121 -2.71 4.65 14.90
CA PHE C 121 -3.44 3.84 13.90
C PHE C 121 -4.62 4.63 13.30
N PRO C 122 -5.43 5.35 14.09
CA PRO C 122 -6.68 5.96 13.55
C PRO C 122 -6.53 6.85 12.30
N ALA C 123 -5.46 7.61 12.21
CA ALA C 123 -5.32 8.56 11.12
C ALA C 123 -4.95 7.85 9.82
N ARG C 124 -4.49 6.59 9.90
CA ARG C 124 -3.98 5.86 8.75
C ARG C 124 -5.09 5.11 7.98
N VAL C 125 -6.31 5.08 8.52
CA VAL C 125 -7.41 4.35 7.89
C VAL C 125 -7.84 5.07 6.61
N HIS C 126 -8.00 4.28 5.54
CA HIS C 126 -8.26 4.79 4.21
C HIS C 126 -9.37 3.99 3.55
N GLY C 127 -10.37 4.69 3.00
CA GLY C 127 -11.26 4.14 1.97
C GLY C 127 -10.66 4.35 0.57
N ARG C 128 -11.46 4.07 -0.47
CA ARG C 128 -10.95 3.92 -1.84
C ARG C 128 -11.96 4.51 -2.84
N ILE C 129 -11.46 5.05 -3.97
CA ILE C 129 -12.33 5.52 -5.07
C ILE C 129 -11.89 4.85 -6.36
N VAL C 130 -12.85 4.20 -7.03
CA VAL C 130 -12.55 3.29 -8.12
C VAL C 130 -13.34 3.71 -9.36
N GLU C 131 -12.69 3.51 -10.51
CA GLU C 131 -13.17 3.92 -11.82
C GLU C 131 -14.13 2.82 -12.36
N SER C 132 -15.06 3.21 -13.27
CA SER C 132 -16.05 2.27 -13.81
C SER C 132 -16.06 2.34 -15.34
N ASP C 133 -16.32 1.19 -15.99
CA ASP C 133 -16.53 1.17 -17.44
C ASP C 133 -17.88 1.76 -17.81
N VAL C 134 -18.85 1.64 -16.91
CA VAL C 134 -20.16 2.20 -17.14
C VAL C 134 -20.04 3.72 -17.13
N PRO C 135 -20.60 4.43 -18.16
CA PRO C 135 -20.56 5.90 -18.18
C PRO C 135 -21.33 6.50 -17.01
N GLY C 136 -20.69 7.46 -16.31
CA GLY C 136 -21.34 8.23 -15.26
C GLY C 136 -21.39 7.47 -13.91
N LYS C 137 -20.65 6.36 -13.79
CA LYS C 137 -20.69 5.53 -12.60
C LYS C 137 -19.37 5.66 -11.84
N GLU C 138 -19.48 5.84 -10.51
CA GLU C 138 -18.34 5.94 -9.61
C GLU C 138 -18.52 4.93 -8.47
N SER C 139 -17.43 4.23 -8.12
CA SER C 139 -17.38 3.37 -6.96
C SER C 139 -16.62 4.05 -5.81
N ARG C 140 -17.28 4.12 -4.66
CA ARG C 140 -16.68 4.65 -3.43
C ARG C 140 -16.71 3.55 -2.38
N VAL C 141 -15.54 3.26 -1.78
CA VAL C 141 -15.41 2.23 -0.75
C VAL C 141 -15.12 2.89 0.57
N TYR C 142 -15.99 2.66 1.56
CA TYR C 142 -15.84 3.25 2.88
C TYR C 142 -15.33 2.18 3.87
N ARG C 143 -14.34 2.56 4.68
CA ARG C 143 -13.72 1.65 5.64
C ARG C 143 -14.14 2.05 7.05
N SER C 144 -14.79 1.14 7.79
CA SER C 144 -15.38 1.46 9.11
C SER C 144 -15.03 0.40 10.15
N ALA C 145 -15.24 0.74 11.42
CA ALA C 145 -15.10 -0.22 12.52
C ALA C 145 -16.11 -1.35 12.35
N ILE C 146 -15.74 -2.55 12.80
CA ILE C 146 -16.60 -3.70 12.70
C ILE C 146 -17.82 -3.51 13.60
N GLY C 147 -17.63 -2.90 14.76
CA GLY C 147 -18.71 -2.77 15.74
C GLY C 147 -18.24 -3.20 17.13
N VAL C 148 -18.60 -4.43 17.52
CA VAL C 148 -18.20 -4.96 18.81
C VAL C 148 -17.28 -6.17 18.60
N VAL C 149 -16.17 -6.19 19.34
CA VAL C 149 -15.22 -7.28 19.28
C VAL C 149 -15.24 -8.01 20.63
N GLY C 150 -15.42 -9.33 20.57
CA GLY C 150 -15.33 -10.17 21.75
C GLY C 150 -13.93 -10.76 21.86
N VAL C 151 -13.28 -10.51 23.01
CA VAL C 151 -11.88 -10.87 23.19
C VAL C 151 -11.78 -11.89 24.31
N ILE C 152 -11.28 -13.10 23.99
CA ILE C 152 -11.00 -14.11 24.99
C ILE C 152 -9.50 -14.10 25.27
N SER C 153 -9.14 -13.91 26.55
CA SER C 153 -7.76 -13.68 26.92
C SER C 153 -7.20 -14.91 27.62
N PRO C 154 -5.92 -15.28 27.40
CA PRO C 154 -5.31 -16.46 28.03
C PRO C 154 -4.70 -16.19 29.42
N TRP C 155 -4.23 -17.27 30.09
CA TRP C 155 -3.63 -17.12 31.42
C TRP C 155 -2.11 -16.88 31.34
N ASN C 156 -1.49 -17.20 30.19
CA ASN C 156 -0.03 -17.18 30.09
C ASN C 156 0.49 -15.73 30.20
N PHE C 157 0.15 -14.89 29.21
CA PHE C 157 0.54 -13.48 29.24
C PHE C 157 -0.71 -12.63 29.21
N PRO C 158 -1.51 -12.62 30.28
CA PRO C 158 -2.88 -12.13 30.19
C PRO C 158 -2.93 -10.65 29.80
N LEU C 159 -2.12 -9.82 30.45
CA LEU C 159 -2.19 -8.38 30.25
C LEU C 159 -1.77 -8.02 28.82
N HIS C 160 -0.60 -8.46 28.41
CA HIS C 160 -0.06 -8.08 27.14
C HIS C 160 -0.99 -8.56 26.02
N LEU C 161 -1.41 -9.83 26.09
CA LEU C 161 -2.16 -10.46 25.02
C LEU C 161 -3.58 -9.90 24.95
N THR C 162 -4.14 -9.48 26.09
CA THR C 162 -5.44 -8.79 26.07
C THR C 162 -5.27 -7.46 25.33
N GLN C 163 -4.21 -6.70 25.71
CA GLN C 163 -4.01 -5.36 25.18
C GLN C 163 -3.71 -5.42 23.68
N ARG C 164 -3.12 -6.53 23.25
CA ARG C 164 -2.76 -6.73 21.86
C ARG C 164 -4.03 -6.67 20.98
N SER C 165 -5.18 -7.05 21.54
CA SER C 165 -6.47 -6.92 20.81
C SER C 165 -7.20 -5.62 21.18
N ILE C 166 -7.18 -5.28 22.46
CA ILE C 166 -8.01 -4.22 23.01
C ILE C 166 -7.57 -2.86 22.44
N ALA C 167 -6.27 -2.58 22.51
CA ALA C 167 -5.78 -1.25 22.23
C ALA C 167 -6.06 -0.88 20.75
N PRO C 168 -5.68 -1.70 19.74
CA PRO C 168 -5.99 -1.36 18.35
C PRO C 168 -7.49 -1.35 18.04
N ALA C 169 -8.24 -2.27 18.61
CA ALA C 169 -9.65 -2.35 18.31
C ALA C 169 -10.34 -1.07 18.74
N LEU C 170 -10.05 -0.63 19.97
CA LEU C 170 -10.63 0.58 20.53
C LEU C 170 -10.19 1.80 19.71
N ALA C 171 -8.90 1.86 19.36
CA ALA C 171 -8.37 3.02 18.67
C ALA C 171 -9.14 3.24 17.37
N LEU C 172 -9.47 2.14 16.68
CA LEU C 172 -10.10 2.19 15.37
C LEU C 172 -11.64 2.31 15.49
N GLY C 173 -12.16 2.57 16.69
CA GLY C 173 -13.58 2.96 16.86
C GLY C 173 -14.50 1.77 17.22
N ASN C 174 -13.92 0.60 17.48
CA ASN C 174 -14.70 -0.55 17.93
C ASN C 174 -14.98 -0.42 19.45
N ALA C 175 -15.98 -1.18 19.91
CA ALA C 175 -16.15 -1.51 21.33
C ALA C 175 -15.71 -2.96 21.60
N VAL C 176 -15.41 -3.26 22.86
CA VAL C 176 -14.82 -4.55 23.22
C VAL C 176 -15.52 -5.10 24.46
N VAL C 177 -15.67 -6.44 24.48
CA VAL C 177 -16.02 -7.18 25.67
C VAL C 177 -14.99 -8.28 25.87
N VAL C 178 -14.46 -8.39 27.11
CA VAL C 178 -13.35 -9.29 27.38
C VAL C 178 -13.81 -10.38 28.36
N LYS C 179 -13.48 -11.63 28.03
CA LYS C 179 -13.66 -12.76 28.94
C LYS C 179 -12.30 -13.32 29.31
N PRO C 180 -11.75 -12.93 30.47
CA PRO C 180 -10.43 -13.40 30.88
C PRO C 180 -10.44 -14.83 31.44
N ALA C 181 -9.26 -15.37 31.61
CA ALA C 181 -9.11 -16.67 32.23
C ALA C 181 -9.46 -16.56 33.71
N SER C 182 -10.07 -17.62 34.24
CA SER C 182 -10.58 -17.61 35.61
C SER C 182 -9.43 -17.44 36.61
N ASP C 183 -8.24 -17.93 36.27
CA ASP C 183 -7.08 -17.80 37.17
C ASP C 183 -6.53 -16.37 37.18
N THR C 184 -6.73 -15.60 36.08
CA THR C 184 -6.09 -14.26 35.99
C THR C 184 -7.12 -13.21 35.51
N PRO C 185 -8.19 -12.96 36.27
CA PRO C 185 -9.18 -11.96 35.87
C PRO C 185 -8.70 -10.52 35.95
N VAL C 186 -7.82 -10.24 36.91
CA VAL C 186 -7.35 -8.88 37.13
C VAL C 186 -6.45 -8.47 35.95
N CYS C 187 -5.34 -9.21 35.80
CA CYS C 187 -4.34 -8.91 34.73
C CYS C 187 -4.99 -9.18 33.39
N GLY C 188 -6.27 -9.52 33.41
CA GLY C 188 -7.02 -9.68 32.16
C GLY C 188 -7.72 -8.35 31.99
N GLY C 189 -9.01 -8.35 31.72
CA GLY C 189 -9.72 -7.10 31.46
C GLY C 189 -9.75 -6.11 32.62
N LEU C 190 -9.87 -6.56 33.88
CA LEU C 190 -10.14 -5.62 35.00
C LEU C 190 -9.06 -4.54 35.22
N LEU C 191 -7.77 -4.85 35.16
CA LEU C 191 -6.78 -3.78 35.43
C LEU C 191 -6.76 -2.84 34.22
N LEU C 192 -6.93 -3.41 33.02
CA LEU C 192 -6.90 -2.63 31.80
C LEU C 192 -8.13 -1.73 31.73
N ALA C 193 -9.28 -2.22 32.23
CA ALA C 193 -10.50 -1.40 32.20
C ALA C 193 -10.34 -0.18 33.11
N ARG C 194 -9.68 -0.38 34.27
CA ARG C 194 -9.38 0.71 35.20
C ARG C 194 -8.47 1.74 34.52
N ILE C 195 -7.45 1.24 33.82
CA ILE C 195 -6.48 2.11 33.13
C ILE C 195 -7.19 2.94 32.05
N PHE C 196 -8.07 2.29 31.27
CA PHE C 196 -8.72 2.98 30.17
C PHE C 196 -9.73 4.00 30.72
N GLU C 197 -10.37 3.68 31.84
CA GLU C 197 -11.34 4.61 32.43
C GLU C 197 -10.61 5.86 32.92
N GLU C 198 -9.48 5.67 33.61
CA GLU C 198 -8.65 6.78 34.05
C GLU C 198 -8.22 7.63 32.85
N ALA C 199 -7.98 6.97 31.68
CA ALA C 199 -7.50 7.67 30.49
C ALA C 199 -8.64 8.36 29.73
N GLY C 200 -9.88 8.17 30.20
CA GLY C 200 -11.02 8.96 29.72
C GLY C 200 -11.84 8.24 28.66
N LEU C 201 -11.71 6.90 28.59
CA LEU C 201 -12.56 6.13 27.70
C LEU C 201 -14.03 6.24 28.17
N PRO C 202 -14.97 6.59 27.28
CA PRO C 202 -16.38 6.62 27.66
C PRO C 202 -16.87 5.29 28.23
N ALA C 203 -17.83 5.36 29.16
CA ALA C 203 -18.40 4.20 29.84
C ALA C 203 -19.22 3.36 28.86
N GLY C 204 -19.06 2.03 28.94
CA GLY C 204 -19.82 1.11 28.11
C GLY C 204 -19.02 0.55 26.92
N LEU C 205 -17.91 1.18 26.57
CA LEU C 205 -17.09 0.74 25.43
C LEU C 205 -16.24 -0.47 25.79
N PHE C 206 -15.94 -0.64 27.11
CA PHE C 206 -15.07 -1.73 27.57
C PHE C 206 -15.75 -2.44 28.76
N SER C 207 -16.26 -3.65 28.52
CA SER C 207 -16.80 -4.51 29.59
C SER C 207 -15.93 -5.75 29.80
N VAL C 208 -15.89 -6.21 31.04
CA VAL C 208 -15.24 -7.45 31.39
C VAL C 208 -16.25 -8.36 32.07
N VAL C 209 -16.31 -9.60 31.61
CA VAL C 209 -17.28 -10.56 32.10
C VAL C 209 -16.51 -11.74 32.71
N VAL C 210 -16.58 -11.87 34.04
CA VAL C 210 -15.95 -12.97 34.75
C VAL C 210 -17.03 -13.91 35.27
N GLY C 211 -17.09 -15.13 34.71
CA GLY C 211 -18.17 -16.05 35.01
C GLY C 211 -17.74 -17.52 34.91
N PRO C 212 -18.59 -18.46 35.40
CA PRO C 212 -18.29 -19.88 35.32
C PRO C 212 -18.32 -20.34 33.87
N GLY C 213 -17.25 -21.00 33.44
CA GLY C 213 -17.09 -21.41 32.05
C GLY C 213 -18.29 -22.22 31.55
N SER C 214 -19.06 -22.81 32.51
CA SER C 214 -20.16 -23.71 32.18
C SER C 214 -21.32 -22.92 31.54
N GLU C 215 -21.87 -21.92 32.27
CA GLU C 215 -23.04 -21.21 31.72
C GLU C 215 -22.60 -20.23 30.61
N ILE C 216 -21.75 -19.25 30.93
CA ILE C 216 -21.57 -18.12 30.02
C ILE C 216 -20.47 -18.43 28.98
N GLY C 217 -19.79 -19.57 29.11
CA GLY C 217 -18.67 -19.91 28.23
C GLY C 217 -19.06 -19.90 26.74
N ASP C 218 -19.96 -20.81 26.37
CA ASP C 218 -20.42 -20.93 24.99
C ASP C 218 -21.21 -19.68 24.57
N ALA C 219 -21.91 -19.08 25.51
CA ALA C 219 -22.78 -17.96 25.19
C ALA C 219 -21.95 -16.76 24.69
N PHE C 220 -20.74 -16.58 25.24
CA PHE C 220 -19.85 -15.48 24.85
C PHE C 220 -19.57 -15.55 23.35
N VAL C 221 -19.29 -16.76 22.87
CA VAL C 221 -18.91 -16.94 21.47
C VAL C 221 -20.16 -16.96 20.58
N GLU C 222 -21.27 -17.51 21.11
CA GLU C 222 -22.50 -17.74 20.32
C GLU C 222 -23.26 -16.43 20.09
N HIS C 223 -22.99 -15.39 20.91
CA HIS C 223 -23.86 -14.21 21.00
C HIS C 223 -23.93 -13.49 19.64
N PRO C 224 -25.07 -12.90 19.28
CA PRO C 224 -25.21 -12.24 17.97
C PRO C 224 -24.56 -10.87 17.74
N VAL C 225 -24.36 -10.06 18.80
CA VAL C 225 -23.87 -8.69 18.60
C VAL C 225 -22.40 -8.69 18.11
N PRO C 226 -21.46 -9.50 18.68
CA PRO C 226 -20.05 -9.32 18.37
C PRO C 226 -19.79 -9.61 16.92
N GLY C 227 -19.10 -8.69 16.25
CA GLY C 227 -18.76 -8.87 14.86
C GLY C 227 -17.53 -9.75 14.68
N LEU C 228 -16.67 -9.78 15.69
CA LEU C 228 -15.43 -10.56 15.65
C LEU C 228 -15.18 -11.15 17.02
N VAL C 229 -14.65 -12.37 17.05
CA VAL C 229 -14.18 -12.98 18.28
C VAL C 229 -12.69 -13.30 18.12
N THR C 230 -11.91 -12.97 19.16
CA THR C 230 -10.46 -13.06 19.12
C THR C 230 -9.99 -14.01 20.24
N PHE C 231 -8.95 -14.83 19.94
CA PHE C 231 -8.37 -15.72 20.94
C PHE C 231 -6.94 -16.08 20.54
N THR C 232 -6.03 -15.99 21.54
CA THR C 232 -4.69 -16.55 21.45
C THR C 232 -4.46 -17.47 22.64
N GLY C 233 -4.03 -18.73 22.37
CA GLY C 233 -3.69 -19.67 23.43
C GLY C 233 -3.65 -21.13 22.94
N SER C 234 -4.12 -22.06 23.80
CA SER C 234 -3.95 -23.48 23.57
C SER C 234 -4.79 -23.92 22.39
N THR C 235 -4.28 -24.93 21.65
CA THR C 235 -4.96 -25.48 20.48
C THR C 235 -6.31 -26.10 20.89
N PRO C 236 -6.38 -26.95 21.96
CA PRO C 236 -7.66 -27.57 22.33
C PRO C 236 -8.74 -26.54 22.65
N VAL C 237 -8.37 -25.48 23.38
CA VAL C 237 -9.32 -24.41 23.72
C VAL C 237 -9.75 -23.69 22.44
N GLY C 238 -8.76 -23.33 21.60
CA GLY C 238 -9.03 -22.60 20.37
C GLY C 238 -9.93 -23.39 19.42
N ARG C 239 -9.74 -24.71 19.38
CA ARG C 239 -10.57 -25.58 18.56
C ARG C 239 -12.02 -25.46 19.01
N ASN C 240 -12.22 -25.42 20.33
CA ASN C 240 -13.54 -25.31 20.91
C ASN C 240 -14.19 -24.02 20.43
N ILE C 241 -13.45 -22.90 20.56
CA ILE C 241 -13.99 -21.61 20.19
C ILE C 241 -14.39 -21.63 18.71
N GLY C 242 -13.54 -22.23 17.86
CA GLY C 242 -13.80 -22.32 16.43
C GLY C 242 -15.10 -23.08 16.12
N ARG C 243 -15.38 -24.16 16.82
CA ARG C 243 -16.56 -24.98 16.59
C ARG C 243 -17.83 -24.21 16.98
N ILE C 244 -17.76 -23.63 18.19
CA ILE C 244 -18.91 -22.89 18.71
C ILE C 244 -19.24 -21.75 17.74
N ALA C 245 -18.20 -21.12 17.18
CA ALA C 245 -18.41 -20.00 16.26
C ALA C 245 -19.25 -20.45 15.07
N SER C 246 -18.73 -21.40 14.27
CA SER C 246 -19.41 -21.80 13.04
C SER C 246 -20.57 -22.76 13.33
N GLY C 247 -20.43 -23.59 14.38
CA GLY C 247 -21.49 -24.49 14.79
C GLY C 247 -22.77 -23.74 15.19
N GLY C 248 -22.60 -22.55 15.77
CA GLY C 248 -23.71 -21.80 16.34
C GLY C 248 -24.62 -21.21 15.27
N ALA C 249 -25.79 -20.72 15.71
CA ALA C 249 -26.79 -20.14 14.83
C ALA C 249 -26.21 -18.93 14.09
N HIS C 250 -25.55 -18.03 14.82
CA HIS C 250 -24.97 -16.83 14.23
C HIS C 250 -23.52 -17.11 13.85
N LEU C 251 -23.14 -16.67 12.65
CA LEU C 251 -21.80 -16.85 12.12
C LEU C 251 -21.02 -15.54 12.25
N LYS C 252 -19.82 -15.61 12.87
CA LYS C 252 -18.92 -14.45 12.96
C LYS C 252 -17.55 -14.85 12.45
N HIS C 253 -16.73 -13.86 12.13
CA HIS C 253 -15.31 -14.08 11.96
C HIS C 253 -14.68 -14.48 13.31
N VAL C 254 -13.72 -15.40 13.24
CA VAL C 254 -12.86 -15.70 14.35
C VAL C 254 -11.42 -15.48 13.93
N ALA C 255 -10.65 -14.85 14.83
CA ALA C 255 -9.21 -14.77 14.69
C ALA C 255 -8.56 -15.63 15.80
N LEU C 256 -7.96 -16.76 15.40
CA LEU C 256 -7.32 -17.68 16.33
C LEU C 256 -5.82 -17.69 16.08
N GLU C 257 -5.05 -17.25 17.07
CA GLU C 257 -3.61 -17.47 17.12
C GLU C 257 -3.34 -18.63 18.08
N LEU C 258 -3.06 -19.79 17.50
CA LEU C 258 -3.02 -21.01 18.28
C LEU C 258 -1.57 -21.37 18.62
N GLY C 259 -1.32 -21.58 19.91
CA GLY C 259 -0.02 -22.00 20.39
C GLY C 259 0.30 -23.39 19.89
N GLY C 260 1.58 -23.63 19.58
CA GLY C 260 2.01 -24.86 18.95
C GLY C 260 3.42 -25.24 19.39
N ASN C 261 3.77 -26.48 19.13
CA ASN C 261 5.15 -26.92 19.22
C ASN C 261 5.97 -26.20 18.17
N SER C 262 6.85 -25.27 18.63
CA SER C 262 7.67 -24.44 17.76
C SER C 262 9.10 -24.99 17.68
N PRO C 263 9.62 -25.27 16.48
CA PRO C 263 10.93 -25.90 16.33
C PRO C 263 12.08 -24.89 16.42
N PHE C 264 13.07 -25.24 17.26
CA PHE C 264 14.30 -24.50 17.41
C PHE C 264 15.44 -25.35 16.84
N VAL C 265 15.99 -24.93 15.71
CA VAL C 265 16.94 -25.75 14.97
C VAL C 265 18.35 -25.18 15.12
N VAL C 266 19.31 -26.07 15.38
CA VAL C 266 20.71 -25.71 15.46
C VAL C 266 21.49 -26.54 14.45
N LEU C 267 21.98 -25.89 13.39
CA LEU C 267 22.79 -26.56 12.38
C LEU C 267 24.26 -26.64 12.83
N GLY C 268 25.07 -27.43 12.07
CA GLY C 268 26.39 -27.84 12.50
C GLY C 268 27.34 -26.67 12.72
N ASP C 269 27.17 -25.59 11.93
CA ASP C 269 28.10 -24.46 11.95
C ASP C 269 27.62 -23.37 12.91
N ALA C 270 26.71 -23.69 13.83
CA ALA C 270 26.12 -22.66 14.67
C ALA C 270 27.14 -22.10 15.67
N ASP C 271 26.92 -20.84 16.08
CA ASP C 271 27.56 -20.26 17.23
C ASP C 271 26.95 -20.85 18.50
N LEU C 272 27.67 -21.79 19.13
CA LEU C 272 27.07 -22.65 20.14
C LEU C 272 26.64 -21.82 21.36
N GLU C 273 27.50 -20.91 21.79
CA GLU C 273 27.20 -20.13 22.98
C GLU C 273 25.91 -19.31 22.75
N GLN C 274 25.78 -18.71 21.56
CA GLN C 274 24.58 -17.96 21.18
C GLN C 274 23.35 -18.89 21.20
N ALA C 275 23.47 -20.06 20.55
CA ALA C 275 22.36 -20.99 20.43
C ALA C 275 21.91 -21.45 21.82
N VAL C 276 22.88 -21.76 22.69
CA VAL C 276 22.55 -22.28 24.00
C VAL C 276 21.87 -21.17 24.82
N SER C 277 22.47 -19.99 24.84
CA SER C 277 21.94 -18.85 25.59
C SER C 277 20.51 -18.53 25.12
N ALA C 278 20.31 -18.49 23.80
CA ALA C 278 19.01 -18.18 23.24
C ALA C 278 17.96 -19.22 23.67
N ALA C 279 18.33 -20.51 23.61
CA ALA C 279 17.39 -21.59 23.95
C ALA C 279 16.98 -21.49 25.41
N VAL C 280 17.96 -21.34 26.30
CA VAL C 280 17.65 -21.29 27.75
C VAL C 280 16.74 -20.08 28.01
N PHE C 281 17.15 -18.90 27.56
CA PHE C 281 16.34 -17.69 27.86
C PHE C 281 14.95 -17.75 27.23
N GLY C 282 14.82 -18.20 25.99
CA GLY C 282 13.45 -18.30 25.46
C GLY C 282 12.57 -19.32 26.17
N LYS C 283 13.10 -20.53 26.40
CA LYS C 283 12.30 -21.61 27.03
C LYS C 283 11.94 -21.24 28.46
N PHE C 284 12.91 -20.68 29.18
CA PHE C 284 12.71 -20.32 30.60
C PHE C 284 12.99 -18.84 30.76
N LEU C 285 12.14 -18.07 31.44
CA LEU C 285 12.30 -16.61 31.73
C LEU C 285 11.64 -15.69 30.69
N HIS C 286 11.18 -16.18 29.54
CA HIS C 286 10.45 -15.23 28.64
C HIS C 286 9.23 -15.88 27.99
N GLN C 287 9.47 -16.81 27.07
CA GLN C 287 8.38 -17.49 26.31
C GLN C 287 7.15 -16.61 26.01
N GLY C 288 5.99 -16.97 26.57
CA GLY C 288 4.68 -16.35 26.29
C GLY C 288 4.46 -16.18 24.81
N ILE C 294 8.67 -22.79 22.89
CA ILE C 294 9.74 -23.50 22.21
C ILE C 294 9.87 -24.87 22.86
N ASN C 295 9.52 -25.91 22.10
CA ASN C 295 9.19 -27.18 22.71
C ASN C 295 10.11 -28.29 22.23
N ARG C 296 10.64 -28.15 21.02
CA ARG C 296 11.47 -29.17 20.41
C ARG C 296 12.73 -28.50 19.88
N ILE C 297 13.88 -29.03 20.29
CA ILE C 297 15.17 -28.52 19.86
C ILE C 297 15.85 -29.59 19.01
N ILE C 298 16.13 -29.23 17.75
CA ILE C 298 16.66 -30.15 16.77
C ILE C 298 18.09 -29.72 16.43
N VAL C 299 19.05 -30.61 16.68
CA VAL C 299 20.46 -30.30 16.49
C VAL C 299 21.09 -31.34 15.57
N GLU C 300 21.87 -30.86 14.57
CA GLU C 300 22.69 -31.74 13.73
C GLU C 300 23.60 -32.59 14.62
N ASP C 301 23.83 -33.84 14.17
CA ASP C 301 24.45 -34.88 14.98
C ASP C 301 25.83 -34.41 15.45
N SER C 302 26.55 -33.67 14.59
CA SER C 302 27.90 -33.22 14.91
C SER C 302 27.91 -32.33 16.16
N LEU C 303 26.91 -31.43 16.32
CA LEU C 303 26.92 -30.50 17.45
C LEU C 303 26.03 -31.00 18.60
N TYR C 304 25.31 -32.11 18.36
CA TYR C 304 24.26 -32.56 19.30
C TYR C 304 24.84 -32.71 20.72
N ASP C 305 25.85 -33.56 20.88
CA ASP C 305 26.35 -33.91 22.23
C ASP C 305 26.91 -32.66 22.90
N ALA C 306 27.55 -31.81 22.11
CA ALA C 306 28.11 -30.57 22.64
C ALA C 306 26.99 -29.63 23.12
N PHE C 307 25.91 -29.54 22.34
CA PHE C 307 24.78 -28.67 22.69
C PHE C 307 24.13 -29.17 23.99
N ALA C 308 23.89 -30.48 24.05
CA ALA C 308 23.18 -31.07 25.19
C ALA C 308 23.92 -30.76 26.49
N ALA C 309 25.25 -30.92 26.47
CA ALA C 309 26.05 -30.74 27.67
C ALA C 309 25.93 -29.30 28.19
N ARG C 310 26.15 -28.31 27.31
CA ARG C 310 26.15 -26.92 27.73
C ARG C 310 24.74 -26.51 28.14
N PHE C 311 23.73 -26.99 27.40
CA PHE C 311 22.32 -26.66 27.69
C PHE C 311 21.94 -27.17 29.10
N VAL C 312 22.21 -28.44 29.36
CA VAL C 312 21.89 -29.01 30.66
C VAL C 312 22.65 -28.26 31.76
N GLU C 313 23.89 -27.87 31.47
CA GLU C 313 24.75 -27.24 32.46
C GLU C 313 24.14 -25.92 32.90
N ARG C 314 23.68 -25.09 31.92
CA ARG C 314 23.14 -23.76 32.26
C ARG C 314 21.82 -23.93 32.99
N VAL C 315 21.00 -24.90 32.53
CA VAL C 315 19.65 -25.09 33.06
C VAL C 315 19.72 -25.45 34.55
N LYS C 316 20.71 -26.30 34.92
CA LYS C 316 20.91 -26.70 36.32
C LYS C 316 21.15 -25.47 37.17
N GLY C 317 21.80 -24.46 36.58
CA GLY C 317 22.10 -23.22 37.29
C GLY C 317 20.86 -22.33 37.49
N LEU C 318 19.79 -22.60 36.72
CA LEU C 318 18.64 -21.72 36.76
C LEU C 318 18.00 -21.80 38.14
N ARG C 319 17.59 -20.67 38.64
CA ARG C 319 17.28 -20.57 40.02
C ARG C 319 15.76 -20.53 40.21
N VAL C 320 15.26 -21.51 40.97
CA VAL C 320 13.84 -21.78 41.10
C VAL C 320 13.39 -21.28 42.45
N GLY C 321 12.42 -20.35 42.46
CA GLY C 321 11.97 -19.80 43.72
C GLY C 321 10.83 -18.80 43.58
N ASP C 322 10.74 -17.95 44.60
CA ASP C 322 9.73 -16.93 44.74
C ASP C 322 9.84 -15.96 43.56
N PRO C 323 8.75 -15.75 42.77
CA PRO C 323 8.81 -14.91 41.59
C PRO C 323 9.08 -13.41 41.85
N GLN C 324 8.82 -12.95 43.09
CA GLN C 324 9.03 -11.53 43.44
C GLN C 324 10.52 -11.17 43.41
N ARG C 325 11.38 -12.17 43.58
CA ARG C 325 12.82 -11.97 43.59
C ARG C 325 13.30 -11.67 42.16
N ALA C 326 14.15 -10.65 42.02
CA ALA C 326 14.70 -10.28 40.71
C ALA C 326 15.59 -11.41 40.16
N ASP C 327 16.14 -12.25 41.05
CA ASP C 327 17.10 -13.28 40.63
C ASP C 327 16.38 -14.56 40.24
N THR C 328 15.06 -14.65 40.46
CA THR C 328 14.33 -15.89 40.20
C THR C 328 14.15 -16.08 38.67
N ALA C 329 14.62 -17.22 38.16
CA ALA C 329 14.42 -17.57 36.75
C ALA C 329 13.09 -18.32 36.57
N VAL C 330 12.82 -19.31 37.45
CA VAL C 330 11.63 -20.15 37.32
C VAL C 330 10.73 -19.95 38.54
N GLY C 331 9.43 -19.78 38.27
CA GLY C 331 8.43 -19.54 39.30
C GLY C 331 7.36 -20.62 39.24
N PRO C 332 6.22 -20.45 39.96
CA PRO C 332 5.23 -21.53 40.06
C PRO C 332 4.38 -21.65 38.84
N ILE C 333 3.90 -22.87 38.58
CA ILE C 333 2.86 -23.12 37.58
C ILE C 333 1.56 -22.47 38.06
N VAL C 334 0.75 -22.01 37.10
CA VAL C 334 -0.35 -21.10 37.38
C VAL C 334 -1.42 -21.81 38.24
N ASN C 335 -1.75 -23.06 37.90
CA ASN C 335 -2.80 -23.77 38.66
C ASN C 335 -2.49 -25.25 38.70
N ALA C 336 -3.29 -25.97 39.48
CA ALA C 336 -3.03 -27.36 39.81
C ALA C 336 -3.25 -28.26 38.60
N ARG C 337 -4.28 -27.96 37.82
CA ARG C 337 -4.61 -28.75 36.62
C ARG C 337 -3.44 -28.68 35.64
N GLN C 338 -2.90 -27.48 35.52
CA GLN C 338 -1.85 -27.16 34.57
C GLN C 338 -0.59 -27.92 34.96
N LEU C 339 -0.30 -27.90 36.26
CA LEU C 339 0.83 -28.61 36.82
C LEU C 339 0.73 -30.10 36.52
N GLU C 340 -0.42 -30.71 36.74
CA GLU C 340 -0.40 -32.15 36.76
C GLU C 340 -0.74 -32.69 35.37
N GLY C 341 -0.98 -31.79 34.41
CA GLY C 341 -0.77 -32.11 33.00
C GLY C 341 0.71 -32.26 32.68
N LEU C 342 1.54 -31.42 33.29
CA LEU C 342 2.97 -31.42 33.02
C LEU C 342 3.62 -32.69 33.60
N LEU C 343 3.17 -33.11 34.81
CA LEU C 343 3.68 -34.33 35.44
C LEU C 343 3.42 -35.54 34.53
N GLU C 344 2.25 -35.55 33.88
CA GLU C 344 1.88 -36.65 33.01
C GLU C 344 2.80 -36.67 31.79
N LYS C 345 3.13 -35.50 31.26
CA LYS C 345 3.95 -35.39 30.06
C LYS C 345 5.35 -35.91 30.35
N ILE C 346 5.87 -35.59 31.55
CA ILE C 346 7.17 -36.08 31.97
C ILE C 346 7.13 -37.60 32.02
N ARG C 347 6.13 -38.16 32.73
CA ARG C 347 6.04 -39.60 32.95
C ARG C 347 5.90 -40.32 31.62
N LEU C 348 5.05 -39.81 30.73
CA LEU C 348 4.84 -40.42 29.43
C LEU C 348 6.16 -40.44 28.61
N ALA C 349 6.95 -39.36 28.70
CA ALA C 349 8.22 -39.26 28.00
C ALA C 349 9.17 -40.38 28.45
N ARG C 350 9.24 -40.60 29.77
CA ARG C 350 10.09 -41.65 30.33
C ARG C 350 9.72 -43.00 29.72
N GLN C 351 8.43 -43.30 29.65
CA GLN C 351 8.05 -44.66 29.30
C GLN C 351 8.00 -44.81 27.79
N GLU C 352 8.02 -43.70 27.05
CA GLU C 352 8.16 -43.78 25.60
C GLU C 352 9.64 -43.95 25.24
N GLY C 353 10.54 -43.83 26.25
CA GLY C 353 11.95 -44.20 26.10
C GLY C 353 12.89 -42.98 25.92
N ALA C 354 12.40 -41.77 26.21
CA ALA C 354 13.25 -40.57 26.15
C ALA C 354 14.34 -40.66 27.22
N LYS C 355 15.56 -40.27 26.82
CA LYS C 355 16.72 -40.31 27.70
C LYS C 355 16.72 -39.07 28.58
N PRO C 356 16.48 -39.20 29.88
CA PRO C 356 16.38 -38.04 30.77
C PRO C 356 17.73 -37.38 31.01
N LEU C 357 17.92 -36.18 30.44
CA LEU C 357 19.19 -35.48 30.59
C LEU C 357 19.23 -34.78 31.94
N TYR C 358 18.18 -34.04 32.29
CA TYR C 358 18.11 -33.37 33.57
C TYR C 358 16.68 -33.34 34.07
N GLU C 359 16.52 -33.67 35.37
CA GLU C 359 15.21 -33.67 36.03
C GLU C 359 15.34 -32.96 37.37
N GLY C 360 14.60 -31.88 37.52
CA GLY C 360 14.61 -31.13 38.76
C GLY C 360 13.43 -31.52 39.64
N GLY C 361 13.56 -31.23 40.92
CA GLY C 361 12.54 -31.61 41.88
C GLY C 361 11.33 -30.67 41.82
N VAL C 362 10.12 -31.27 41.82
CA VAL C 362 8.88 -30.52 42.02
C VAL C 362 8.57 -30.41 43.51
N ASP C 363 8.34 -29.18 43.97
CA ASP C 363 7.98 -28.89 45.35
C ASP C 363 6.77 -27.94 45.35
N GLY C 364 5.57 -28.49 45.61
CA GLY C 364 4.34 -27.71 45.54
C GLY C 364 4.03 -27.29 44.10
N GLN C 365 3.80 -25.98 43.87
CA GLN C 365 3.57 -25.46 42.53
C GLN C 365 4.90 -25.26 41.78
N LEU C 366 6.03 -25.17 42.50
CA LEU C 366 7.34 -24.94 41.89
C LEU C 366 7.80 -26.19 41.16
N LEU C 367 7.71 -26.16 39.84
CA LEU C 367 8.17 -27.27 39.00
C LEU C 367 9.47 -26.86 38.31
N ALA C 368 10.54 -27.57 38.64
CA ALA C 368 11.86 -27.27 38.13
C ALA C 368 11.97 -27.75 36.70
N PRO C 369 12.97 -27.26 35.94
CA PRO C 369 13.16 -27.68 34.56
C PRO C 369 13.38 -29.17 34.40
N HIS C 370 12.88 -29.72 33.28
CA HIS C 370 13.10 -31.11 32.92
C HIS C 370 13.49 -31.19 31.46
N VAL C 371 14.63 -31.85 31.18
CA VAL C 371 15.16 -31.95 29.83
C VAL C 371 15.34 -33.42 29.47
N PHE C 372 14.87 -33.79 28.28
CA PHE C 372 14.97 -35.15 27.78
C PHE C 372 15.72 -35.13 26.45
N GLY C 373 16.35 -36.29 26.12
CA GLY C 373 17.22 -36.41 24.97
C GLY C 373 16.84 -37.59 24.09
N GLU C 374 17.45 -37.63 22.91
CA GLU C 374 17.29 -38.71 21.95
C GLU C 374 15.80 -38.91 21.61
N VAL C 375 15.02 -37.82 21.63
CA VAL C 375 13.59 -37.94 21.44
C VAL C 375 13.31 -38.05 19.94
N THR C 376 12.18 -38.68 19.58
CA THR C 376 11.83 -38.92 18.17
C THR C 376 10.51 -38.22 17.84
N ALA C 377 10.21 -38.15 16.52
CA ALA C 377 9.09 -37.37 16.00
C ALA C 377 7.75 -37.95 16.47
N THR C 378 7.68 -39.28 16.59
CA THR C 378 6.41 -39.96 16.89
C THR C 378 6.06 -39.77 18.38
N MET C 379 7.07 -39.50 19.23
CA MET C 379 6.85 -39.42 20.67
C MET C 379 5.97 -38.20 21.00
N GLU C 380 5.24 -38.29 22.10
CA GLU C 380 4.25 -37.27 22.46
C GLU C 380 4.97 -35.94 22.80
N ILE C 381 6.13 -36.03 23.44
CA ILE C 381 6.90 -34.83 23.81
C ILE C 381 7.25 -33.98 22.55
N ALA C 382 7.40 -34.64 21.38
CA ALA C 382 7.66 -33.92 20.13
C ALA C 382 6.37 -33.39 19.51
N ARG C 383 5.29 -34.21 19.50
CA ARG C 383 4.12 -33.90 18.67
C ARG C 383 3.28 -32.78 19.31
N ASP C 384 3.07 -32.86 20.64
CA ASP C 384 2.11 -32.00 21.34
C ASP C 384 2.82 -30.81 21.97
N GLU C 385 2.10 -29.69 22.06
CA GLU C 385 2.59 -28.48 22.68
C GLU C 385 2.63 -28.65 24.20
N ILE C 386 3.70 -28.11 24.84
CA ILE C 386 3.77 -28.03 26.29
C ILE C 386 3.89 -26.56 26.69
N PHE C 387 3.07 -26.17 27.68
CA PHE C 387 3.13 -24.85 28.26
C PHE C 387 3.77 -24.95 29.65
N GLY C 388 5.09 -25.16 29.67
CA GLY C 388 5.82 -25.22 30.93
C GLY C 388 7.30 -25.61 30.73
N PRO C 389 8.08 -25.76 31.82
CA PRO C 389 9.52 -25.99 31.73
C PRO C 389 9.90 -27.46 31.47
N LEU C 390 9.43 -27.96 30.32
CA LEU C 390 9.70 -29.31 29.86
C LEU C 390 10.10 -29.22 28.38
N VAL C 391 11.27 -29.77 28.01
CA VAL C 391 11.77 -29.65 26.65
C VAL C 391 12.43 -30.96 26.23
N GLY C 392 12.39 -31.23 24.91
CA GLY C 392 13.01 -32.41 24.34
C GLY C 392 14.04 -32.06 23.26
N LEU C 393 15.15 -32.84 23.22
CA LEU C 393 16.26 -32.60 22.31
C LEU C 393 16.30 -33.72 21.27
N LEU C 394 16.32 -33.32 19.99
CA LEU C 394 16.25 -34.26 18.89
C LEU C 394 17.59 -34.26 18.17
N ARG C 395 18.03 -35.45 17.74
CA ARG C 395 19.25 -35.64 16.99
C ARG C 395 18.91 -35.77 15.52
N ALA C 396 19.50 -34.91 14.69
CA ALA C 396 19.29 -34.94 13.25
C ALA C 396 20.57 -35.38 12.54
N ARG C 397 20.45 -36.31 11.61
CA ARG C 397 21.63 -36.88 10.95
C ARG C 397 22.25 -35.84 10.04
N ASP C 398 21.41 -35.13 9.28
CA ASP C 398 21.90 -34.12 8.36
C ASP C 398 20.91 -32.94 8.32
N GLU C 399 21.15 -32.01 7.40
CA GLU C 399 20.29 -30.86 7.21
C GLU C 399 18.90 -31.32 6.77
N ALA C 400 18.87 -32.29 5.85
CA ALA C 400 17.63 -32.77 5.28
C ALA C 400 16.74 -33.36 6.38
N HIS C 401 17.37 -34.10 7.32
CA HIS C 401 16.64 -34.72 8.43
C HIS C 401 16.11 -33.64 9.38
N ALA C 402 16.93 -32.60 9.62
CA ALA C 402 16.53 -31.50 10.51
C ALA C 402 15.26 -30.81 9.96
N LEU C 403 15.24 -30.59 8.65
CA LEU C 403 14.09 -29.97 8.01
C LEU C 403 12.84 -30.85 8.22
N GLU C 404 12.99 -32.17 8.01
CA GLU C 404 11.88 -33.11 8.13
C GLU C 404 11.32 -33.09 9.56
N LEU C 405 12.22 -33.14 10.55
CA LEU C 405 11.82 -33.21 11.95
C LEU C 405 11.08 -31.93 12.35
N ALA C 406 11.59 -30.77 11.88
CA ALA C 406 11.00 -29.48 12.25
C ALA C 406 9.61 -29.36 11.64
N ASN C 407 9.43 -29.87 10.42
CA ASN C 407 8.21 -29.66 9.65
C ASN C 407 7.13 -30.69 10.00
N ALA C 408 7.46 -31.68 10.84
CA ALA C 408 6.49 -32.71 11.24
C ALA C 408 5.37 -32.10 12.10
N SER C 409 5.64 -30.94 12.71
CA SER C 409 4.73 -30.34 13.66
C SER C 409 3.39 -29.99 13.02
N GLU C 410 3.39 -29.86 11.69
CA GLU C 410 2.32 -29.17 10.98
C GLU C 410 2.31 -27.68 11.30
N TYR C 411 1.87 -27.34 12.52
CA TYR C 411 1.42 -26.01 12.83
C TYR C 411 2.64 -25.17 13.21
N GLY C 412 2.88 -24.10 12.45
CA GLY C 412 4.09 -23.30 12.62
C GLY C 412 3.76 -21.83 12.83
N LEU C 413 3.64 -21.42 14.10
CA LEU C 413 3.50 -20.02 14.39
C LEU C 413 4.87 -19.34 14.34
N SER C 414 5.83 -19.88 15.09
CA SER C 414 7.19 -19.33 15.11
C SER C 414 8.20 -20.47 14.99
N SER C 415 9.45 -20.08 14.71
CA SER C 415 10.55 -21.00 14.51
C SER C 415 11.86 -20.25 14.67
N ALA C 416 12.96 -21.01 14.82
CA ALA C 416 14.31 -20.45 14.91
C ALA C 416 15.31 -21.41 14.29
N VAL C 417 16.35 -20.83 13.67
CA VAL C 417 17.41 -21.61 13.07
C VAL C 417 18.74 -20.90 13.37
N PHE C 418 19.77 -21.68 13.75
CA PHE C 418 21.08 -21.14 14.11
C PHE C 418 22.14 -21.72 13.19
N SER C 419 22.83 -20.83 12.45
CA SER C 419 23.93 -21.21 11.56
C SER C 419 24.73 -19.96 11.20
N ARG C 420 26.07 -20.08 11.14
CA ARG C 420 26.92 -18.94 10.85
C ARG C 420 26.83 -18.60 9.36
N ASP C 421 26.45 -19.59 8.55
CA ASP C 421 26.21 -19.35 7.13
C ASP C 421 24.80 -18.75 6.95
N LEU C 422 24.75 -17.43 6.73
CA LEU C 422 23.49 -16.71 6.70
C LEU C 422 22.67 -17.13 5.49
N GLU C 423 23.33 -17.31 4.35
CA GLU C 423 22.62 -17.70 3.14
C GLU C 423 21.92 -19.06 3.37
N ARG C 424 22.65 -20.04 3.87
CA ARG C 424 22.09 -21.35 4.11
C ARG C 424 20.96 -21.27 5.14
N ALA C 425 21.14 -20.49 6.19
CA ALA C 425 20.13 -20.37 7.23
C ALA C 425 18.79 -19.88 6.61
N VAL C 426 18.86 -18.93 5.70
CA VAL C 426 17.67 -18.35 5.11
C VAL C 426 17.00 -19.39 4.19
N ARG C 427 17.80 -20.08 3.39
CA ARG C 427 17.28 -21.11 2.49
C ARG C 427 16.52 -22.17 3.31
N PHE C 428 17.11 -22.57 4.45
CA PHE C 428 16.48 -23.51 5.34
C PHE C 428 15.19 -22.91 5.88
N ALA C 429 15.27 -21.64 6.31
CA ALA C 429 14.14 -20.94 6.94
C ALA C 429 12.95 -20.83 5.97
N ARG C 430 13.23 -20.60 4.68
CA ARG C 430 12.17 -20.42 3.68
C ARG C 430 11.35 -21.71 3.53
N GLN C 431 12.00 -22.87 3.75
CA GLN C 431 11.34 -24.16 3.61
C GLN C 431 10.58 -24.53 4.90
N LEU C 432 10.75 -23.76 5.96
CA LEU C 432 10.02 -24.03 7.19
C LEU C 432 8.54 -23.74 6.96
N ARG C 433 7.69 -24.60 7.52
CA ARG C 433 6.25 -24.45 7.44
C ARG C 433 5.79 -23.62 8.64
N ALA C 434 6.17 -22.34 8.64
CA ALA C 434 5.96 -21.43 9.76
C ALA C 434 5.71 -20.02 9.24
N GLY C 435 4.98 -19.24 10.02
CA GLY C 435 4.68 -17.87 9.67
C GLY C 435 5.84 -16.93 10.01
N MET C 436 6.58 -17.25 11.08
CA MET C 436 7.79 -16.48 11.42
C MET C 436 8.96 -17.43 11.70
N THR C 437 10.15 -17.07 11.17
CA THR C 437 11.40 -17.73 11.56
C THR C 437 12.43 -16.67 12.01
N HIS C 438 13.09 -16.93 13.14
CA HIS C 438 14.17 -16.09 13.64
C HIS C 438 15.52 -16.77 13.39
N VAL C 439 16.43 -16.08 12.69
CA VAL C 439 17.76 -16.61 12.39
C VAL C 439 18.77 -16.05 13.40
N ASN C 440 19.38 -16.96 14.17
CA ASN C 440 20.40 -16.60 15.15
C ASN C 440 19.83 -15.66 16.24
N ASP C 441 18.55 -15.86 16.65
CA ASP C 441 18.00 -15.12 17.78
C ASP C 441 16.78 -15.88 18.35
N ILE C 442 16.32 -15.46 19.53
CA ILE C 442 15.18 -16.10 20.20
C ILE C 442 13.91 -15.85 19.38
N PRO C 443 13.00 -16.84 19.21
CA PRO C 443 11.76 -16.60 18.48
C PRO C 443 10.80 -15.75 19.31
N VAL C 444 11.18 -14.49 19.58
CA VAL C 444 10.34 -13.62 20.44
C VAL C 444 9.88 -12.39 19.62
N ASN C 445 8.58 -12.11 19.66
CA ASN C 445 7.99 -10.96 18.90
C ASN C 445 8.32 -9.58 19.46
N ASP C 446 8.38 -8.57 18.59
CA ASP C 446 8.51 -7.14 19.01
C ASP C 446 9.72 -6.78 19.87
N SER C 458 8.83 -1.14 17.28
CA SER C 458 7.51 -0.46 17.28
C SER C 458 6.56 -1.16 16.29
N GLY C 459 6.45 -0.63 15.08
CA GLY C 459 5.59 -1.22 14.03
C GLY C 459 6.43 -2.16 13.22
N LEU C 460 7.67 -2.39 13.68
CA LEU C 460 8.65 -3.17 12.91
C LEU C 460 8.22 -4.62 12.65
N GLY C 461 7.58 -5.31 13.60
CA GLY C 461 7.24 -6.72 13.28
C GLY C 461 5.85 -7.14 13.71
N ARG C 462 5.25 -8.12 13.02
CA ARG C 462 3.96 -8.68 13.49
C ARG C 462 2.96 -7.53 13.58
N PHE C 463 2.44 -7.27 14.78
CA PHE C 463 1.37 -6.24 14.88
C PHE C 463 1.89 -4.96 14.31
N ASN C 464 1.07 -4.32 13.50
CA ASN C 464 1.46 -3.06 12.82
C ASN C 464 0.15 -2.44 12.33
N GLY C 465 0.21 -1.26 11.73
CA GLY C 465 -1.07 -0.65 11.35
C GLY C 465 -1.80 -1.45 10.28
N ASP C 466 -1.06 -1.98 9.31
CA ASP C 466 -1.66 -2.70 8.18
C ASP C 466 -2.44 -3.88 8.71
N TRP C 467 -1.83 -4.65 9.62
CA TRP C 467 -2.48 -5.82 10.19
C TRP C 467 -3.71 -5.37 10.97
N ALA C 468 -3.54 -4.36 11.81
CA ALA C 468 -4.59 -3.94 12.72
C ALA C 468 -5.81 -3.46 11.93
N ILE C 469 -5.57 -2.71 10.87
CA ILE C 469 -6.64 -2.10 10.11
C ILE C 469 -7.42 -3.19 9.38
N GLU C 470 -6.69 -4.15 8.84
CA GLU C 470 -7.32 -5.27 8.16
C GLU C 470 -8.20 -6.06 9.15
N GLU C 471 -7.70 -6.28 10.37
CA GLU C 471 -8.38 -7.13 11.33
C GLU C 471 -9.60 -6.41 11.94
N PHE C 472 -9.48 -5.10 12.24
CA PHE C 472 -10.49 -4.44 13.08
C PHE C 472 -11.33 -3.43 12.27
N THR C 473 -11.21 -3.43 10.93
CA THR C 473 -12.15 -2.68 10.10
C THR C 473 -12.63 -3.56 8.93
N THR C 474 -13.72 -3.13 8.30
CA THR C 474 -14.31 -3.79 7.16
C THR C 474 -14.66 -2.75 6.09
N ASP C 475 -14.86 -3.22 4.86
CA ASP C 475 -15.11 -2.36 3.71
C ASP C 475 -16.58 -2.44 3.31
N HIS C 476 -17.12 -1.27 2.93
CA HIS C 476 -18.45 -1.18 2.35
C HIS C 476 -18.33 -0.50 0.97
N TRP C 477 -18.51 -1.29 -0.10
CA TRP C 477 -18.53 -0.77 -1.48
C TRP C 477 -19.86 -0.10 -1.79
N ILE C 478 -19.83 1.18 -2.18
CA ILE C 478 -21.03 1.84 -2.67
C ILE C 478 -20.76 2.38 -4.08
N SER C 479 -21.44 1.80 -5.06
CA SER C 479 -21.37 2.26 -6.42
C SER C 479 -22.51 3.27 -6.69
N VAL C 480 -22.15 4.43 -7.23
CA VAL C 480 -23.11 5.50 -7.47
C VAL C 480 -23.24 5.73 -8.98
N GLN C 481 -24.49 5.74 -9.46
CA GLN C 481 -24.81 6.14 -10.84
C GLN C 481 -25.28 7.59 -10.83
N HIS C 482 -24.52 8.47 -11.50
CA HIS C 482 -24.85 9.90 -11.58
C HIS C 482 -25.74 10.16 -12.80
N ASP D 3 10.01 26.50 33.02
CA ASP D 3 11.17 27.06 33.77
C ASP D 3 11.62 28.36 33.10
N SER D 4 12.93 28.62 33.10
CA SER D 4 13.46 29.86 32.48
C SER D 4 13.24 29.86 30.95
N ARG D 5 12.91 31.01 30.39
CA ARG D 5 12.79 31.14 28.91
C ARG D 5 14.20 31.07 28.29
N TYR D 6 14.31 30.55 27.07
CA TYR D 6 15.62 30.48 26.37
C TYR D 6 16.30 31.84 26.31
N THR D 7 17.62 31.88 26.50
CA THR D 7 18.38 33.12 26.36
C THR D 7 19.50 32.94 25.32
N ASP D 8 20.13 34.04 24.94
CA ASP D 8 21.23 34.05 24.01
C ASP D 8 20.80 33.48 22.67
N LEU D 9 19.57 33.84 22.24
CA LEU D 9 19.00 33.32 20.99
C LEU D 9 19.81 33.80 19.79
N GLY D 10 20.66 34.82 19.99
CA GLY D 10 21.47 35.38 18.90
C GLY D 10 22.57 34.43 18.44
N LEU D 11 22.93 33.48 19.31
CA LEU D 11 23.94 32.48 19.00
C LEU D 11 23.42 31.55 17.91
N GLN D 12 24.30 31.18 16.98
CA GLN D 12 23.96 30.33 15.86
C GLN D 12 24.43 28.91 16.12
N PRO D 13 23.59 27.88 15.85
CA PRO D 13 24.06 26.50 15.85
C PRO D 13 24.79 26.22 14.55
N LEU D 14 26.12 26.17 14.63
CA LEU D 14 26.98 25.92 13.47
C LEU D 14 27.93 24.76 13.78
N ALA D 15 27.78 23.65 13.02
CA ALA D 15 28.69 22.51 13.07
C ALA D 15 28.85 22.00 14.51
N GLY D 16 27.72 21.89 15.23
CA GLY D 16 27.71 21.21 16.51
C GLY D 16 28.00 22.14 17.69
N GLU D 17 28.16 23.46 17.44
CA GLU D 17 28.43 24.41 18.52
C GLU D 17 27.55 25.65 18.35
N TRP D 18 27.21 26.28 19.48
CA TRP D 18 26.50 27.55 19.49
C TRP D 18 27.50 28.71 19.61
N ARG D 19 27.63 29.47 18.52
CA ARG D 19 28.64 30.51 18.43
C ARG D 19 28.15 31.66 17.51
N HIS D 20 28.95 32.75 17.46
CA HIS D 20 28.73 33.83 16.52
C HIS D 20 29.21 33.41 15.14
N GLY D 21 28.61 34.02 14.11
CA GLY D 21 29.11 33.89 12.75
C GLY D 21 30.31 34.79 12.53
N ARG D 22 31.12 34.45 11.53
CA ARG D 22 32.43 35.07 11.33
C ARG D 22 32.37 36.10 10.19
N ALA D 23 31.17 36.44 9.71
CA ALA D 23 31.05 37.34 8.55
C ALA D 23 31.58 38.75 8.88
N GLY D 24 31.51 39.14 10.14
CA GLY D 24 32.01 40.43 10.57
C GLY D 24 30.93 41.52 10.54
N ARG D 25 29.66 41.15 10.23
CA ARG D 25 28.55 42.11 10.23
C ARG D 25 27.48 41.68 11.25
N ARG D 26 26.76 42.68 11.80
CA ARG D 26 25.69 42.44 12.76
C ARG D 26 24.34 42.59 12.05
N LEU D 27 23.40 41.71 12.41
CA LEU D 27 22.02 41.82 11.95
C LEU D 27 21.13 42.19 13.13
N LYS D 28 20.29 43.21 12.94
CA LYS D 28 19.31 43.59 13.96
C LYS D 28 17.98 42.89 13.68
N VAL D 29 17.36 42.35 14.74
CA VAL D 29 16.06 41.71 14.62
C VAL D 29 15.07 42.54 15.42
N SER D 30 14.04 43.03 14.72
CA SER D 30 13.16 44.07 15.25
C SER D 30 11.70 43.62 15.22
N ASN D 31 10.91 44.19 16.11
CA ASN D 31 9.47 44.00 16.14
C ASN D 31 8.82 44.89 15.09
N PRO D 32 8.04 44.33 14.14
CA PRO D 32 7.37 45.15 13.13
C PRO D 32 6.33 46.13 13.66
N PHE D 33 5.76 45.84 14.85
CA PHE D 33 4.72 46.67 15.42
C PHE D 33 5.30 48.02 15.89
N ASP D 34 6.11 48.00 16.95
CA ASP D 34 6.58 49.24 17.59
C ASP D 34 8.03 49.55 17.21
N GLY D 35 8.69 48.64 16.50
CA GLY D 35 10.06 48.89 16.01
C GLY D 35 11.15 48.53 17.06
N SER D 36 10.76 47.93 18.18
CA SER D 36 11.68 47.68 19.27
C SER D 36 12.67 46.57 18.90
N LEU D 37 13.87 46.66 19.46
CA LEU D 37 14.96 45.74 19.15
C LEU D 37 14.77 44.47 19.95
N LEU D 38 14.63 43.35 19.26
CA LEU D 38 14.45 42.07 19.93
C LEU D 38 15.82 41.48 20.25
N LEU D 39 16.69 41.37 19.24
CA LEU D 39 18.05 40.89 19.46
C LEU D 39 18.92 41.18 18.26
N GLU D 40 20.23 40.90 18.43
CA GLU D 40 21.24 41.17 17.41
C GLU D 40 22.02 39.89 17.15
N ILE D 41 22.35 39.64 15.86
CA ILE D 41 23.04 38.43 15.43
C ILE D 41 24.31 38.80 14.63
N GLU D 42 25.43 38.15 14.99
CA GLU D 42 26.67 38.20 14.18
C GLU D 42 26.51 37.28 13.00
N GLN D 43 26.45 37.85 11.78
CA GLN D 43 26.11 37.13 10.58
C GLN D 43 27.17 36.08 10.29
N ALA D 44 26.79 35.08 9.48
CA ALA D 44 27.65 33.97 9.16
C ALA D 44 28.21 34.17 7.76
N ASP D 45 29.46 33.76 7.56
CA ASP D 45 30.11 33.86 6.26
C ASP D 45 30.01 32.51 5.52
N ARG D 46 30.65 32.44 4.34
CA ARG D 46 30.61 31.26 3.49
C ARG D 46 31.33 30.07 4.16
N ASP D 47 32.38 30.36 4.93
CA ASP D 47 33.12 29.30 5.60
C ASP D 47 32.22 28.64 6.64
N ASP D 48 31.39 29.46 7.31
CA ASP D 48 30.43 28.95 8.27
C ASP D 48 29.47 27.98 7.58
N LEU D 49 29.02 28.33 6.39
CA LEU D 49 28.11 27.48 5.64
C LEU D 49 28.77 26.11 5.36
N ASP D 50 30.03 26.13 4.86
CA ASP D 50 30.76 24.92 4.49
C ASP D 50 30.91 24.01 5.71
N ALA D 51 31.26 24.58 6.85
CA ALA D 51 31.44 23.81 8.08
C ALA D 51 30.14 23.08 8.47
N ALA D 52 29.01 23.80 8.40
CA ALA D 52 27.71 23.26 8.85
C ALA D 52 27.30 22.07 7.97
N TYR D 53 27.48 22.19 6.65
CA TYR D 53 27.15 21.13 5.71
C TYR D 53 28.05 19.92 5.95
N ALA D 54 29.35 20.17 6.11
CA ALA D 54 30.32 19.09 6.35
C ALA D 54 29.98 18.34 7.64
N LYS D 55 29.72 19.07 8.72
CA LYS D 55 29.45 18.42 10.00
C LYS D 55 28.14 17.59 9.90
N ALA D 56 27.12 18.17 9.24
CA ALA D 56 25.86 17.47 9.08
C ALA D 56 26.10 16.13 8.35
N ALA D 57 26.94 16.16 7.31
CA ALA D 57 27.28 14.96 6.52
C ALA D 57 28.03 13.92 7.39
N GLU D 58 28.81 14.40 8.32
CA GLU D 58 29.69 13.53 9.08
C GLU D 58 28.87 12.73 10.12
N VAL D 59 27.96 13.40 10.82
CA VAL D 59 27.29 12.81 11.99
C VAL D 59 25.99 12.08 11.57
N GLN D 60 25.57 12.25 10.32
CA GLN D 60 24.28 11.75 9.86
C GLN D 60 24.22 10.21 9.90
N PRO D 61 25.25 9.47 9.41
CA PRO D 61 25.21 8.00 9.38
C PRO D 61 24.92 7.36 10.75
N ALA D 62 25.51 7.91 11.81
CA ALA D 62 25.29 7.39 13.17
C ALA D 62 23.83 7.62 13.62
N TRP D 63 23.26 8.77 13.23
CA TRP D 63 21.86 9.07 13.52
C TRP D 63 20.95 8.06 12.80
N ALA D 64 21.22 7.82 11.52
CA ALA D 64 20.44 6.85 10.72
C ALA D 64 20.60 5.41 11.29
N ALA D 65 21.77 5.12 11.91
CA ALA D 65 22.09 3.78 12.36
C ALA D 65 21.28 3.42 13.61
N LEU D 66 20.73 4.42 14.30
CA LEU D 66 19.96 4.16 15.52
C LEU D 66 18.69 3.40 15.16
N GLY D 67 18.16 2.68 16.13
CA GLY D 67 16.87 2.03 15.98
C GLY D 67 15.74 3.06 15.82
N PRO D 68 14.63 2.68 15.15
CA PRO D 68 13.54 3.61 14.91
C PRO D 68 12.98 4.24 16.17
N SER D 69 12.91 3.45 17.26
CA SER D 69 12.35 3.96 18.52
C SER D 69 13.20 5.09 19.10
N ALA D 70 14.53 5.02 18.88
CA ALA D 70 15.45 6.01 19.39
C ALA D 70 15.18 7.36 18.73
N ARG D 71 15.00 7.35 17.41
CA ARG D 71 14.78 8.59 16.67
C ARG D 71 13.38 9.12 17.00
N ALA D 72 12.44 8.23 17.22
CA ALA D 72 11.08 8.63 17.55
C ALA D 72 11.03 9.26 18.94
N ALA D 73 11.92 8.81 19.83
CA ALA D 73 11.93 9.32 21.20
C ALA D 73 12.18 10.85 21.19
N VAL D 74 13.07 11.29 20.27
CA VAL D 74 13.42 12.70 20.18
C VAL D 74 12.19 13.50 19.74
N LEU D 75 11.47 13.01 18.73
CA LEU D 75 10.29 13.69 18.22
C LEU D 75 9.23 13.80 19.34
N TYR D 76 9.05 12.73 20.12
CA TYR D 76 8.05 12.74 21.20
C TYR D 76 8.46 13.78 22.27
N LYS D 77 9.75 13.86 22.51
CA LYS D 77 10.31 14.77 23.49
C LYS D 77 10.15 16.24 23.01
N ALA D 78 10.17 16.46 21.70
CA ALA D 78 9.98 17.79 21.14
C ALA D 78 8.53 18.25 21.32
N VAL D 79 7.57 17.35 21.13
CA VAL D 79 6.16 17.63 21.44
C VAL D 79 6.02 18.13 22.88
N GLU D 80 6.80 17.55 23.75
CA GLU D 80 6.69 17.80 25.19
C GLU D 80 7.20 19.23 25.49
N VAL D 81 8.25 19.65 24.75
CA VAL D 81 8.80 20.99 24.86
C VAL D 81 7.83 22.01 24.26
N PHE D 82 7.12 21.63 23.19
CA PHE D 82 6.15 22.51 22.59
C PHE D 82 5.09 22.90 23.62
N ASP D 83 4.72 21.94 24.49
CA ASP D 83 3.67 22.15 25.47
C ASP D 83 4.17 23.01 26.62
N ARG D 84 5.42 22.76 27.07
CA ARG D 84 5.97 23.48 28.22
C ARG D 84 6.24 24.94 27.84
N ARG D 85 6.71 25.17 26.61
CA ARG D 85 7.11 26.50 26.18
C ARG D 85 6.08 27.10 25.24
N HIS D 86 4.80 26.72 25.44
CA HIS D 86 3.69 27.14 24.59
C HIS D 86 3.70 28.67 24.41
N GLU D 87 3.58 29.40 25.54
CA GLU D 87 3.45 30.86 25.51
C GLU D 87 4.73 31.50 24.99
N GLU D 88 5.88 30.98 25.42
CA GLU D 88 7.18 31.45 24.91
C GLU D 88 7.25 31.34 23.36
N ILE D 89 6.80 30.21 22.80
CA ILE D 89 6.85 30.01 21.34
C ILE D 89 5.89 31.01 20.67
N VAL D 90 4.65 31.08 21.17
CA VAL D 90 3.65 31.96 20.60
C VAL D 90 4.13 33.42 20.68
N ASP D 91 4.75 33.79 21.82
CA ASP D 91 5.18 35.17 22.03
C ASP D 91 6.28 35.53 21.03
N TRP D 92 7.15 34.57 20.71
CA TRP D 92 8.21 34.84 19.76
C TRP D 92 7.63 35.08 18.36
N ILE D 93 6.63 34.29 17.98
CA ILE D 93 6.04 34.40 16.65
C ILE D 93 5.39 35.79 16.47
N ILE D 94 4.68 36.27 17.53
CA ILE D 94 3.99 37.57 17.47
C ILE D 94 5.03 38.68 17.30
N ARG D 95 6.03 38.72 18.19
CA ARG D 95 6.94 39.85 18.28
C ARG D 95 7.83 39.92 17.02
N GLU D 96 8.39 38.79 16.60
CA GLU D 96 9.35 38.78 15.50
C GLU D 96 8.64 38.90 14.15
N SER D 97 7.63 38.06 13.89
CA SER D 97 7.00 37.97 12.55
C SER D 97 5.88 39.01 12.38
N GLY D 98 5.32 39.51 13.48
CA GLY D 98 4.21 40.45 13.43
C GLY D 98 2.83 39.78 13.34
N SER D 99 2.81 38.46 13.35
CA SER D 99 1.58 37.71 13.30
C SER D 99 0.67 38.00 14.53
N THR D 100 -0.63 37.98 14.31
CA THR D 100 -1.59 38.15 15.43
C THR D 100 -1.52 36.94 16.34
N ARG D 101 -1.97 37.09 17.61
CA ARG D 101 -1.93 35.98 18.58
C ARG D 101 -2.78 34.82 18.08
N LEU D 102 -3.96 35.12 17.48
CA LEU D 102 -4.86 34.07 16.95
C LEU D 102 -4.10 33.24 15.92
N LYS D 103 -3.41 33.90 14.99
CA LYS D 103 -2.74 33.15 13.95
C LYS D 103 -1.45 32.49 14.49
N ALA D 104 -0.80 33.11 15.49
CA ALA D 104 0.35 32.48 16.16
C ALA D 104 -0.05 31.18 16.87
N GLU D 105 -1.25 31.17 17.51
CA GLU D 105 -1.73 29.96 18.23
C GLU D 105 -1.99 28.83 17.22
N ILE D 106 -2.56 29.18 16.07
CA ILE D 106 -2.81 28.22 15.02
C ILE D 106 -1.49 27.67 14.52
N GLU D 107 -0.49 28.55 14.36
CA GLU D 107 0.83 28.15 13.88
C GLU D 107 1.49 27.22 14.92
N TRP D 108 1.32 27.51 16.20
CA TRP D 108 1.84 26.63 17.25
C TRP D 108 1.25 25.23 17.14
N GLY D 109 -0.08 25.16 16.97
CA GLY D 109 -0.80 23.90 16.93
C GLY D 109 -0.37 23.07 15.72
N ALA D 110 -0.24 23.74 14.58
CA ALA D 110 0.17 23.07 13.34
C ALA D 110 1.55 22.44 13.50
N ALA D 111 2.51 23.19 14.06
CA ALA D 111 3.87 22.71 14.23
C ALA D 111 3.90 21.52 15.20
N ARG D 112 3.15 21.63 16.30
CA ARG D 112 3.09 20.55 17.29
C ARG D 112 2.56 19.27 16.64
N ALA D 113 1.54 19.42 15.79
CA ALA D 113 0.87 18.28 15.18
C ALA D 113 1.82 17.59 14.19
N ILE D 114 2.60 18.38 13.44
CA ILE D 114 3.56 17.83 12.50
C ILE D 114 4.55 16.97 13.29
N THR D 115 4.99 17.51 14.45
CA THR D 115 6.01 16.87 15.27
C THR D 115 5.48 15.52 15.80
N LEU D 116 4.22 15.51 16.26
CA LEU D 116 3.64 14.31 16.82
C LEU D 116 3.47 13.24 15.72
N GLU D 117 3.03 13.68 14.55
CA GLU D 117 2.88 12.82 13.38
C GLU D 117 4.23 12.19 12.99
N SER D 118 5.31 12.99 12.98
CA SER D 118 6.60 12.55 12.46
C SER D 118 7.17 11.42 13.32
N ALA D 119 6.77 11.40 14.60
CA ALA D 119 7.33 10.43 15.54
C ALA D 119 6.97 9.01 15.13
N SER D 120 5.89 8.85 14.36
CA SER D 120 5.41 7.54 13.95
C SER D 120 6.07 7.09 12.64
N PHE D 121 6.78 8.01 11.95
CA PHE D 121 7.27 7.76 10.59
C PHE D 121 8.33 6.64 10.58
N PRO D 122 9.31 6.63 11.49
CA PRO D 122 10.34 5.57 11.48
C PRO D 122 9.78 4.14 11.43
N ALA D 123 8.69 3.92 12.13
CA ALA D 123 8.06 2.62 12.20
C ALA D 123 7.43 2.25 10.86
N ARG D 124 7.08 3.25 10.05
CA ARG D 124 6.28 3.02 8.85
C ARG D 124 7.18 2.86 7.61
N VAL D 125 8.47 3.19 7.71
CA VAL D 125 9.38 3.07 6.56
C VAL D 125 9.56 1.61 6.21
N HIS D 126 9.41 1.28 4.94
CA HIS D 126 9.50 -0.15 4.56
C HIS D 126 10.10 -0.32 3.16
N GLY D 127 11.13 -1.17 3.06
CA GLY D 127 11.67 -1.55 1.77
C GLY D 127 10.79 -2.61 1.11
N ARG D 128 11.24 -3.15 -0.05
CA ARG D 128 10.42 -4.05 -0.85
C ARG D 128 11.26 -5.24 -1.29
N ILE D 129 10.58 -6.40 -1.46
CA ILE D 129 11.18 -7.56 -2.10
C ILE D 129 10.37 -7.90 -3.35
N VAL D 130 11.05 -7.99 -4.49
CA VAL D 130 10.38 -8.02 -5.79
C VAL D 130 10.69 -9.33 -6.49
N GLU D 131 9.73 -9.79 -7.28
CA GLU D 131 9.84 -11.07 -8.00
C GLU D 131 10.76 -10.88 -9.20
N SER D 132 11.40 -11.96 -9.63
CA SER D 132 12.28 -11.92 -10.78
C SER D 132 12.04 -13.13 -11.68
N ASP D 133 12.07 -12.90 -13.00
CA ASP D 133 11.92 -13.98 -13.98
C ASP D 133 13.20 -14.80 -14.08
N VAL D 134 14.34 -14.18 -13.82
CA VAL D 134 15.61 -14.89 -13.90
C VAL D 134 15.69 -15.89 -12.75
N PRO D 135 15.99 -17.19 -13.02
CA PRO D 135 16.06 -18.20 -11.97
C PRO D 135 17.21 -17.95 -11.02
N GLY D 136 16.92 -18.04 -9.71
CA GLY D 136 17.93 -17.89 -8.66
C GLY D 136 18.20 -16.42 -8.29
N LYS D 137 17.45 -15.46 -8.88
CA LYS D 137 17.69 -14.04 -8.65
C LYS D 137 16.61 -13.46 -7.71
N GLU D 138 17.07 -12.78 -6.65
CA GLU D 138 16.20 -12.07 -5.70
C GLU D 138 16.52 -10.57 -5.80
N SER D 139 15.48 -9.75 -5.99
CA SER D 139 15.64 -8.29 -6.04
C SER D 139 15.10 -7.67 -4.76
N ARG D 140 15.98 -6.97 -4.03
CA ARG D 140 15.64 -6.32 -2.78
C ARG D 140 15.81 -4.82 -2.95
N VAL D 141 14.81 -4.05 -2.52
CA VAL D 141 14.87 -2.60 -2.56
C VAL D 141 14.95 -2.07 -1.13
N TYR D 142 16.06 -1.37 -0.83
CA TYR D 142 16.30 -0.82 0.50
C TYR D 142 15.93 0.66 0.50
N ARG D 143 15.14 1.07 1.50
CA ARG D 143 14.71 2.45 1.63
C ARG D 143 15.50 3.07 2.77
N SER D 144 16.28 4.10 2.45
CA SER D 144 17.15 4.74 3.44
C SER D 144 17.03 6.27 3.33
N ALA D 145 17.58 6.95 4.34
CA ALA D 145 17.58 8.41 4.37
C ALA D 145 18.39 8.96 3.20
N ILE D 146 18.01 10.14 2.72
CA ILE D 146 18.73 10.78 1.62
C ILE D 146 20.14 11.14 2.08
N GLY D 147 20.25 11.73 3.27
CA GLY D 147 21.53 12.18 3.79
C GLY D 147 21.38 13.55 4.48
N VAL D 148 21.70 14.62 3.74
CA VAL D 148 21.56 15.97 4.25
C VAL D 148 20.50 16.70 3.42
N VAL D 149 19.57 17.36 4.12
CA VAL D 149 18.55 18.17 3.47
C VAL D 149 18.77 19.62 3.86
N GLY D 150 18.84 20.50 2.85
CA GLY D 150 18.90 21.93 3.06
C GLY D 150 17.50 22.55 2.91
N VAL D 151 17.09 23.29 3.93
CA VAL D 151 15.75 23.86 3.99
C VAL D 151 15.86 25.38 3.97
N ILE D 152 15.19 26.00 3.00
CA ILE D 152 15.05 27.45 2.95
C ILE D 152 13.68 27.85 3.52
N SER D 153 13.69 28.75 4.52
CA SER D 153 12.51 29.14 5.27
C SER D 153 11.93 30.40 4.67
N PRO D 154 10.59 30.54 4.64
CA PRO D 154 9.95 31.81 4.25
C PRO D 154 9.77 32.78 5.43
N TRP D 155 9.41 34.02 5.12
CA TRP D 155 9.12 35.00 6.15
C TRP D 155 7.66 34.88 6.61
N ASN D 156 6.81 34.22 5.80
CA ASN D 156 5.36 34.25 5.99
C ASN D 156 4.97 33.45 7.25
N PHE D 157 5.16 32.13 7.19
CA PHE D 157 4.83 31.27 8.33
C PHE D 157 6.08 30.50 8.76
N PRO D 158 7.12 31.18 9.24
CA PRO D 158 8.45 30.57 9.32
C PRO D 158 8.45 29.28 10.14
N LEU D 159 7.87 29.31 11.35
CA LEU D 159 8.03 28.21 12.27
C LEU D 159 7.33 26.95 11.72
N HIS D 160 6.09 27.10 11.31
CA HIS D 160 5.30 25.94 10.90
C HIS D 160 5.88 25.34 9.61
N LEU D 161 6.21 26.21 8.65
CA LEU D 161 6.67 25.74 7.35
C LEU D 161 8.09 25.17 7.43
N THR D 162 8.92 25.67 8.36
CA THR D 162 10.23 25.09 8.58
C THR D 162 10.08 23.70 9.17
N GLN D 163 9.28 23.59 10.24
CA GLN D 163 9.09 22.32 10.95
C GLN D 163 8.45 21.26 10.04
N ARG D 164 7.62 21.69 9.08
CA ARG D 164 6.97 20.78 8.16
C ARG D 164 8.01 19.95 7.38
N SER D 165 9.19 20.53 7.06
CA SER D 165 10.27 19.77 6.43
C SER D 165 11.21 19.17 7.48
N ILE D 166 11.52 19.95 8.49
CA ILE D 166 12.55 19.59 9.47
C ILE D 166 12.13 18.31 10.21
N ALA D 167 10.91 18.29 10.78
CA ALA D 167 10.52 17.21 11.69
C ALA D 167 10.50 15.85 10.96
N PRO D 168 9.86 15.70 9.77
CA PRO D 168 9.93 14.43 9.07
C PRO D 168 11.34 14.07 8.56
N ALA D 169 12.11 15.06 8.10
CA ALA D 169 13.46 14.78 7.56
C ALA D 169 14.34 14.18 8.66
N LEU D 170 14.28 14.77 9.83
CA LEU D 170 15.10 14.35 10.93
C LEU D 170 14.65 12.96 11.40
N ALA D 171 13.34 12.74 11.46
CA ALA D 171 12.80 11.50 12.00
C ALA D 171 13.22 10.32 11.13
N LEU D 172 13.31 10.54 9.82
CA LEU D 172 13.57 9.47 8.87
C LEU D 172 15.08 9.27 8.69
N GLY D 173 15.90 9.86 9.60
CA GLY D 173 17.33 9.57 9.65
C GLY D 173 18.22 10.57 8.87
N ASN D 174 17.65 11.67 8.37
CA ASN D 174 18.45 12.70 7.70
C ASN D 174 19.05 13.67 8.72
N ALA D 175 20.01 14.48 8.24
CA ALA D 175 20.40 15.72 8.90
C ALA D 175 19.87 16.92 8.10
N VAL D 176 19.80 18.08 8.76
CA VAL D 176 19.24 19.28 8.14
C VAL D 176 20.18 20.46 8.37
N VAL D 177 20.23 21.36 7.36
CA VAL D 177 20.71 22.71 7.53
C VAL D 177 19.65 23.67 7.01
N VAL D 178 19.33 24.70 7.82
CA VAL D 178 18.23 25.61 7.51
C VAL D 178 18.78 27.01 7.24
N LYS D 179 18.20 27.67 6.23
CA LYS D 179 18.51 29.06 5.92
C LYS D 179 17.24 29.91 6.07
N PRO D 180 17.07 30.62 7.20
CA PRO D 180 15.84 31.36 7.43
C PRO D 180 15.84 32.71 6.74
N ALA D 181 14.66 33.29 6.60
CA ALA D 181 14.53 34.67 6.13
C ALA D 181 15.16 35.64 7.13
N SER D 182 15.68 36.74 6.61
CA SER D 182 16.51 37.66 7.39
C SER D 182 15.67 38.39 8.44
N ASP D 183 14.36 38.50 8.19
CA ASP D 183 13.48 39.20 9.10
C ASP D 183 13.03 38.28 10.24
N THR D 184 13.12 36.95 10.04
CA THR D 184 12.55 36.00 11.01
C THR D 184 13.54 34.88 11.28
N PRO D 185 14.77 35.18 11.75
CA PRO D 185 15.74 34.13 12.08
C PRO D 185 15.36 33.25 13.28
N VAL D 186 14.69 33.81 14.29
CA VAL D 186 14.41 33.05 15.49
C VAL D 186 13.31 31.99 15.20
N CYS D 187 12.17 32.43 14.67
CA CYS D 187 11.09 31.48 14.29
C CYS D 187 11.47 30.79 12.98
N GLY D 188 12.66 31.09 12.44
CA GLY D 188 13.14 30.52 11.17
C GLY D 188 13.90 29.24 11.39
N GLY D 189 14.01 28.79 12.65
CA GLY D 189 14.76 27.56 12.98
C GLY D 189 15.77 27.73 14.07
N LEU D 190 16.05 28.96 14.52
CA LEU D 190 16.94 29.12 15.70
C LEU D 190 16.17 28.56 16.91
N LEU D 191 14.88 28.91 17.03
CA LEU D 191 14.05 28.44 18.13
C LEU D 191 13.86 26.92 18.02
N LEU D 192 13.66 26.44 16.77
CA LEU D 192 13.41 25.01 16.54
C LEU D 192 14.66 24.22 16.92
N ALA D 193 15.84 24.80 16.63
CA ALA D 193 17.10 24.15 16.93
C ALA D 193 17.27 23.98 18.46
N ARG D 194 16.88 25.01 19.22
CA ARG D 194 16.94 24.96 20.69
C ARG D 194 16.00 23.89 21.24
N ILE D 195 14.78 23.82 20.68
CA ILE D 195 13.79 22.83 21.06
C ILE D 195 14.34 21.40 20.81
N PHE D 196 14.91 21.16 19.64
CA PHE D 196 15.37 19.81 19.30
C PHE D 196 16.56 19.42 20.17
N GLU D 197 17.37 20.42 20.55
CA GLU D 197 18.51 20.18 21.42
C GLU D 197 18.02 19.76 22.82
N GLU D 198 17.08 20.48 23.38
CA GLU D 198 16.53 20.10 24.68
C GLU D 198 15.86 18.72 24.58
N ALA D 199 15.38 18.35 23.37
CA ALA D 199 14.71 17.06 23.14
C ALA D 199 15.71 15.91 22.88
N GLY D 200 17.00 16.22 22.88
CA GLY D 200 18.03 15.20 22.91
C GLY D 200 18.57 14.85 21.52
N LEU D 201 18.35 15.74 20.54
CA LEU D 201 18.92 15.55 19.20
C LEU D 201 20.44 15.68 19.29
N PRO D 202 21.22 14.68 18.83
CA PRO D 202 22.69 14.83 18.78
C PRO D 202 23.18 16.08 18.04
N ALA D 203 24.34 16.59 18.50
CA ALA D 203 24.89 17.84 18.00
C ALA D 203 25.37 17.67 16.56
N GLY D 204 25.15 18.70 15.73
CA GLY D 204 25.64 18.69 14.36
C GLY D 204 24.54 18.31 13.34
N LEU D 205 23.45 17.65 13.82
CA LEU D 205 22.38 17.19 12.92
C LEU D 205 21.53 18.35 12.42
N PHE D 206 21.47 19.44 13.21
CA PHE D 206 20.65 20.60 12.87
C PHE D 206 21.50 21.89 12.98
N SER D 207 21.78 22.53 11.81
CA SER D 207 22.45 23.82 11.79
C SER D 207 21.55 24.88 11.13
N VAL D 208 21.72 26.14 11.59
CA VAL D 208 21.00 27.26 11.05
C VAL D 208 22.02 28.32 10.62
N VAL D 209 21.91 28.81 9.38
CA VAL D 209 22.89 29.72 8.81
C VAL D 209 22.23 31.03 8.51
N VAL D 210 22.62 32.06 9.27
CA VAL D 210 22.03 33.40 9.11
C VAL D 210 23.11 34.32 8.59
N GLY D 211 22.96 34.74 7.34
CA GLY D 211 24.03 35.42 6.64
C GLY D 211 23.51 36.33 5.56
N PRO D 212 24.36 37.23 5.02
CA PRO D 212 23.97 38.10 3.91
C PRO D 212 23.68 37.31 2.64
N GLY D 213 22.49 37.52 2.07
CA GLY D 213 22.02 36.74 0.92
C GLY D 213 22.93 36.92 -0.30
N SER D 214 23.68 38.04 -0.34
CA SER D 214 24.65 38.30 -1.41
C SER D 214 25.75 37.23 -1.39
N GLU D 215 26.33 37.00 -0.22
CA GLU D 215 27.44 36.05 -0.04
C GLU D 215 26.90 34.59 -0.08
N ILE D 216 26.05 34.22 0.90
CA ILE D 216 25.73 32.82 1.17
C ILE D 216 24.52 32.35 0.34
N GLY D 217 23.84 33.26 -0.37
CA GLY D 217 22.55 32.95 -0.98
C GLY D 217 22.61 31.74 -1.95
N ASP D 218 23.24 31.93 -3.11
CA ASP D 218 23.29 30.92 -4.14
C ASP D 218 24.08 29.70 -3.67
N ALA D 219 25.11 29.93 -2.84
CA ALA D 219 26.01 28.86 -2.41
C ALA D 219 25.26 27.81 -1.59
N PHE D 220 24.16 28.24 -0.89
CA PHE D 220 23.35 27.31 -0.09
C PHE D 220 22.78 26.23 -0.99
N VAL D 221 22.27 26.64 -2.16
CA VAL D 221 21.64 25.74 -3.10
C VAL D 221 22.71 24.96 -3.87
N GLU D 222 23.83 25.62 -4.24
CA GLU D 222 24.80 25.04 -5.18
C GLU D 222 25.67 23.99 -4.49
N HIS D 223 25.69 24.00 -3.15
CA HIS D 223 26.65 23.20 -2.41
C HIS D 223 26.50 21.73 -2.76
N PRO D 224 27.61 20.98 -2.87
CA PRO D 224 27.52 19.56 -3.25
C PRO D 224 26.97 18.61 -2.17
N VAL D 225 27.08 18.98 -0.88
CA VAL D 225 26.71 18.08 0.22
C VAL D 225 25.20 17.72 0.17
N PRO D 226 24.25 18.71 0.13
CA PRO D 226 22.83 18.37 0.28
C PRO D 226 22.31 17.47 -0.85
N GLY D 227 21.66 16.37 -0.48
CA GLY D 227 20.91 15.57 -1.43
C GLY D 227 19.62 16.27 -1.95
N LEU D 228 18.98 17.13 -1.11
CA LEU D 228 17.70 17.72 -1.45
C LEU D 228 17.63 19.15 -0.87
N VAL D 229 17.00 20.06 -1.64
CA VAL D 229 16.74 21.40 -1.18
C VAL D 229 15.24 21.67 -1.26
N THR D 230 14.66 22.16 -0.15
CA THR D 230 13.23 22.36 -0.04
C THR D 230 12.96 23.82 0.18
N PHE D 231 11.91 24.34 -0.47
CA PHE D 231 11.44 25.69 -0.28
C PHE D 231 9.94 25.70 -0.43
N THR D 232 9.26 26.30 0.55
CA THR D 232 7.84 26.64 0.44
C THR D 232 7.69 28.16 0.55
N GLY D 233 7.11 28.81 -0.46
CA GLY D 233 6.81 30.24 -0.32
C GLY D 233 6.63 30.98 -1.66
N SER D 234 7.29 32.14 -1.75
CA SER D 234 7.07 33.10 -2.82
C SER D 234 7.47 32.50 -4.19
N THR D 235 6.75 32.91 -5.24
CA THR D 235 7.00 32.40 -6.59
C THR D 235 8.36 32.90 -7.11
N PRO D 236 8.65 34.23 -7.12
CA PRO D 236 9.94 34.72 -7.64
C PRO D 236 11.13 34.09 -6.90
N VAL D 237 11.01 33.96 -5.57
CA VAL D 237 12.07 33.38 -4.76
C VAL D 237 12.26 31.93 -5.17
N GLY D 238 11.16 31.17 -5.25
CA GLY D 238 11.21 29.78 -5.63
C GLY D 238 11.79 29.61 -7.03
N ARG D 239 11.42 30.51 -7.95
CA ARG D 239 11.85 30.44 -9.33
C ARG D 239 13.37 30.57 -9.41
N ASN D 240 13.91 31.52 -8.64
CA ASN D 240 15.35 31.72 -8.58
C ASN D 240 16.02 30.45 -8.06
N ILE D 241 15.48 29.87 -6.97
CA ILE D 241 16.02 28.64 -6.40
C ILE D 241 16.07 27.54 -7.47
N GLY D 242 15.06 27.54 -8.36
CA GLY D 242 15.00 26.60 -9.48
C GLY D 242 16.22 26.69 -10.40
N ARG D 243 16.56 27.92 -10.84
CA ARG D 243 17.65 28.12 -11.79
C ARG D 243 19.00 27.82 -11.13
N ILE D 244 19.19 28.28 -9.89
CA ILE D 244 20.45 28.08 -9.22
C ILE D 244 20.72 26.57 -9.15
N ALA D 245 19.64 25.79 -8.91
CA ALA D 245 19.73 24.33 -8.84
C ALA D 245 20.18 23.76 -10.17
N SER D 246 19.49 24.13 -11.24
CA SER D 246 19.77 23.61 -12.56
C SER D 246 21.07 24.21 -13.11
N GLY D 247 21.30 25.50 -12.83
CA GLY D 247 22.44 26.23 -13.35
C GLY D 247 23.77 25.74 -12.79
N GLY D 248 23.74 25.22 -11.55
CA GLY D 248 24.96 24.90 -10.83
C GLY D 248 25.72 23.72 -11.47
N ALA D 249 27.02 23.62 -11.14
CA ALA D 249 27.85 22.49 -11.56
C ALA D 249 27.22 21.16 -11.13
N HIS D 250 26.76 21.10 -9.88
CA HIS D 250 26.06 19.92 -9.38
C HIS D 250 24.57 20.07 -9.69
N LEU D 251 23.91 18.96 -10.01
CA LEU D 251 22.47 18.98 -10.19
C LEU D 251 21.79 18.44 -8.95
N LYS D 252 20.88 19.24 -8.40
CA LYS D 252 20.30 18.98 -7.10
C LYS D 252 18.81 18.80 -7.27
N HIS D 253 18.25 17.80 -6.60
CA HIS D 253 16.83 17.66 -6.48
C HIS D 253 16.31 18.79 -5.58
N VAL D 254 15.26 19.46 -6.03
CA VAL D 254 14.65 20.52 -5.27
C VAL D 254 13.16 20.24 -5.18
N ALA D 255 12.60 20.46 -3.98
CA ALA D 255 11.17 20.35 -3.74
C ALA D 255 10.59 21.76 -3.52
N LEU D 256 9.81 22.23 -4.50
CA LEU D 256 9.30 23.60 -4.50
C LEU D 256 7.78 23.58 -4.41
N GLU D 257 7.25 24.19 -3.35
CA GLU D 257 5.83 24.47 -3.24
C GLU D 257 5.63 25.98 -3.32
N LEU D 258 5.08 26.44 -4.43
CA LEU D 258 4.99 27.84 -4.73
C LEU D 258 3.58 28.35 -4.48
N GLY D 259 3.47 29.44 -3.70
CA GLY D 259 2.19 30.07 -3.42
C GLY D 259 1.59 30.67 -4.68
N GLY D 260 0.27 30.76 -4.71
CA GLY D 260 -0.43 31.27 -5.87
C GLY D 260 -1.67 32.07 -5.49
N ASN D 261 -2.27 32.72 -6.48
CA ASN D 261 -3.57 33.30 -6.35
C ASN D 261 -4.62 32.16 -6.34
N SER D 262 -5.23 31.93 -5.17
CA SER D 262 -6.16 30.82 -4.96
C SER D 262 -7.59 31.31 -4.98
N PRO D 263 -8.48 30.71 -5.84
CA PRO D 263 -9.84 31.23 -6.03
C PRO D 263 -10.87 30.69 -5.05
N PHE D 264 -11.72 31.60 -4.59
CA PHE D 264 -12.86 31.29 -3.74
C PHE D 264 -14.14 31.55 -4.55
N VAL D 265 -14.87 30.46 -4.91
CA VAL D 265 -16.00 30.58 -5.82
C VAL D 265 -17.32 30.39 -5.04
N VAL D 266 -18.26 31.32 -5.25
CA VAL D 266 -19.58 31.27 -4.64
C VAL D 266 -20.63 31.15 -5.76
N LEU D 267 -21.26 29.97 -5.87
CA LEU D 267 -22.26 29.73 -6.90
C LEU D 267 -23.62 30.26 -6.44
N GLY D 268 -24.59 30.28 -7.36
CA GLY D 268 -25.83 31.03 -7.18
C GLY D 268 -26.70 30.49 -6.05
N ASP D 269 -26.64 29.17 -5.83
CA ASP D 269 -27.48 28.53 -4.83
C ASP D 269 -26.80 28.48 -3.46
N ALA D 270 -25.64 29.16 -3.31
CA ALA D 270 -24.86 29.06 -2.07
C ALA D 270 -25.65 29.64 -0.88
N ASP D 271 -25.33 29.14 0.35
CA ASP D 271 -25.73 29.80 1.58
C ASP D 271 -24.92 31.09 1.75
N LEU D 272 -25.60 32.24 1.60
CA LEU D 272 -24.93 33.53 1.53
C LEU D 272 -24.13 33.81 2.80
N GLU D 273 -24.79 33.68 3.95
CA GLU D 273 -24.19 34.07 5.22
C GLU D 273 -22.96 33.21 5.46
N GLN D 274 -23.07 31.92 5.13
CA GLN D 274 -21.98 30.98 5.36
C GLN D 274 -20.82 31.29 4.42
N ALA D 275 -21.13 31.69 3.19
CA ALA D 275 -20.10 32.01 2.22
C ALA D 275 -19.33 33.25 2.68
N VAL D 276 -20.06 34.25 3.19
CA VAL D 276 -19.43 35.49 3.62
C VAL D 276 -18.47 35.20 4.81
N SER D 277 -18.95 34.44 5.81
CA SER D 277 -18.14 34.14 7.00
C SER D 277 -16.87 33.39 6.60
N ALA D 278 -17.02 32.39 5.73
CA ALA D 278 -15.89 31.57 5.32
C ALA D 278 -14.86 32.43 4.59
N ALA D 279 -15.34 33.39 3.76
CA ALA D 279 -14.43 34.25 3.00
C ALA D 279 -13.65 35.15 3.94
N VAL D 280 -14.32 35.69 4.94
CA VAL D 280 -13.66 36.61 5.84
C VAL D 280 -12.61 35.85 6.66
N PHE D 281 -12.99 34.65 7.17
CA PHE D 281 -12.08 33.84 7.98
C PHE D 281 -10.89 33.43 7.14
N GLY D 282 -11.14 33.02 5.91
CA GLY D 282 -10.09 32.55 5.03
C GLY D 282 -9.08 33.66 4.68
N LYS D 283 -9.59 34.81 4.22
CA LYS D 283 -8.74 35.87 3.74
C LYS D 283 -8.04 36.58 4.92
N PHE D 284 -8.79 36.99 5.93
CA PHE D 284 -8.17 37.86 6.98
C PHE D 284 -7.73 37.08 8.22
N LEU D 285 -8.66 36.39 8.85
CA LEU D 285 -8.31 35.63 10.08
C LEU D 285 -7.29 34.57 9.64
N HIS D 286 -7.49 33.97 8.46
CA HIS D 286 -6.49 33.05 7.85
C HIS D 286 -6.56 31.63 8.41
N GLN D 287 -5.66 30.77 7.95
CA GLN D 287 -5.64 29.35 8.39
C GLN D 287 -5.87 29.30 9.90
N ALA D 293 -5.11 29.48 1.71
CA ALA D 293 -5.44 30.89 1.67
C ALA D 293 -6.46 31.20 0.55
N ILE D 294 -6.80 32.50 0.45
CA ILE D 294 -7.76 33.02 -0.51
C ILE D 294 -7.20 34.36 -1.00
N ASN D 295 -7.11 34.52 -2.33
CA ASN D 295 -6.60 35.77 -2.92
C ASN D 295 -7.65 36.41 -3.86
N ARG D 296 -8.62 35.61 -4.35
CA ARG D 296 -9.66 36.06 -5.30
C ARG D 296 -11.00 35.47 -4.92
N ILE D 297 -12.07 36.30 -4.97
CA ILE D 297 -13.42 35.81 -4.70
C ILE D 297 -14.30 36.04 -5.94
N ILE D 298 -14.85 34.93 -6.47
CA ILE D 298 -15.68 34.91 -7.66
C ILE D 298 -17.10 34.53 -7.25
N VAL D 299 -18.07 35.40 -7.58
CA VAL D 299 -19.47 35.20 -7.20
C VAL D 299 -20.35 35.23 -8.47
N GLU D 300 -21.28 34.30 -8.55
CA GLU D 300 -22.28 34.30 -9.59
C GLU D 300 -23.10 35.58 -9.52
N ASP D 301 -23.49 36.08 -10.69
CA ASP D 301 -24.04 37.41 -10.84
C ASP D 301 -25.26 37.64 -9.91
N SER D 302 -26.11 36.63 -9.79
CA SER D 302 -27.32 36.73 -8.98
C SER D 302 -26.97 36.97 -7.50
N LEU D 303 -25.82 36.45 -7.03
CA LEU D 303 -25.47 36.63 -5.62
C LEU D 303 -24.52 37.81 -5.40
N TYR D 304 -23.91 38.35 -6.49
CA TYR D 304 -22.72 39.20 -6.35
C TYR D 304 -23.01 40.44 -5.48
N ASP D 305 -24.02 41.24 -5.87
CA ASP D 305 -24.29 42.51 -5.18
C ASP D 305 -24.49 42.27 -3.68
N ALA D 306 -25.27 41.26 -3.32
CA ALA D 306 -25.58 41.03 -1.91
C ALA D 306 -24.33 40.54 -1.17
N PHE D 307 -23.51 39.73 -1.84
CA PHE D 307 -22.28 39.22 -1.25
C PHE D 307 -21.34 40.40 -0.92
N ALA D 308 -21.17 41.30 -1.90
CA ALA D 308 -20.26 42.44 -1.77
C ALA D 308 -20.62 43.30 -0.58
N ALA D 309 -21.91 43.64 -0.47
CA ALA D 309 -22.40 44.49 0.60
C ALA D 309 -22.12 43.87 1.98
N ARG D 310 -22.50 42.61 2.16
CA ARG D 310 -22.35 41.92 3.44
C ARG D 310 -20.86 41.73 3.75
N PHE D 311 -20.06 41.39 2.73
CA PHE D 311 -18.63 41.17 2.92
C PHE D 311 -17.97 42.45 3.42
N VAL D 312 -18.26 43.56 2.74
CA VAL D 312 -17.68 44.86 3.10
C VAL D 312 -18.08 45.22 4.53
N GLU D 313 -19.31 44.93 4.91
CA GLU D 313 -19.80 45.30 6.22
C GLU D 313 -18.99 44.56 7.31
N ARG D 314 -18.75 43.25 7.13
CA ARG D 314 -17.99 42.47 8.10
C ARG D 314 -16.55 42.98 8.15
N VAL D 315 -15.95 43.28 6.96
CA VAL D 315 -14.53 43.61 6.86
C VAL D 315 -14.28 44.91 7.63
N LYS D 316 -15.23 45.86 7.56
CA LYS D 316 -15.18 47.12 8.30
C LYS D 316 -15.13 46.86 9.79
N GLY D 317 -15.73 45.77 10.22
CA GLY D 317 -15.78 45.44 11.64
C GLY D 317 -14.47 44.86 12.15
N LEU D 318 -13.60 44.42 11.23
CA LEU D 318 -12.39 43.69 11.63
C LEU D 318 -11.48 44.63 12.37
N ARG D 319 -10.92 44.17 13.49
CA ARG D 319 -10.13 45.01 14.39
C ARG D 319 -8.67 44.98 13.95
N VAL D 320 -8.15 46.17 13.60
CA VAL D 320 -6.74 46.35 13.31
C VAL D 320 -6.07 46.89 14.53
N GLY D 321 -4.96 46.29 14.95
CA GLY D 321 -4.20 46.87 16.08
C GLY D 321 -3.06 45.98 16.54
N ASP D 322 -2.76 46.03 17.85
CA ASP D 322 -1.59 45.40 18.40
C ASP D 322 -1.77 43.88 18.34
N PRO D 323 -0.87 43.16 17.66
CA PRO D 323 -1.05 41.73 17.47
C PRO D 323 -1.01 40.87 18.74
N GLN D 324 -0.48 41.42 19.84
CA GLN D 324 -0.43 40.67 21.10
C GLN D 324 -1.85 40.40 21.62
N ARG D 325 -2.83 41.23 21.22
CA ARG D 325 -4.19 41.07 21.73
C ARG D 325 -4.87 39.86 21.06
N ALA D 326 -5.65 39.14 21.84
CA ALA D 326 -6.44 38.02 21.35
C ALA D 326 -7.55 38.48 20.42
N ASP D 327 -7.98 39.75 20.52
CA ASP D 327 -9.12 40.22 19.72
C ASP D 327 -8.65 40.89 18.42
N THR D 328 -7.35 40.98 18.20
CA THR D 328 -6.84 41.62 17.00
C THR D 328 -7.02 40.68 15.79
N ALA D 329 -7.69 41.19 14.74
CA ALA D 329 -7.87 40.44 13.50
C ALA D 329 -6.72 40.71 12.50
N VAL D 330 -6.33 41.96 12.35
CA VAL D 330 -5.30 42.34 11.40
C VAL D 330 -4.15 43.02 12.16
N GLY D 331 -2.93 42.55 11.92
CA GLY D 331 -1.74 43.10 12.56
C GLY D 331 -0.78 43.67 11.51
N PRO D 332 0.49 43.90 11.87
CA PRO D 332 1.43 44.57 10.96
C PRO D 332 2.01 43.66 9.88
N ILE D 333 2.31 44.26 8.73
CA ILE D 333 3.15 43.63 7.72
C ILE D 333 4.59 43.50 8.24
N VAL D 334 5.25 42.40 7.86
CA VAL D 334 6.47 41.97 8.52
C VAL D 334 7.62 42.96 8.26
N ASN D 335 7.75 43.48 7.02
CA ASN D 335 8.83 44.42 6.70
C ASN D 335 8.38 45.49 5.70
N ALA D 336 9.25 46.50 5.51
CA ALA D 336 8.99 47.66 4.65
C ALA D 336 8.81 47.24 3.18
N ARG D 337 9.58 46.25 2.74
CA ARG D 337 9.59 45.87 1.35
C ARG D 337 8.22 45.30 0.96
N GLN D 338 7.72 44.36 1.78
CA GLN D 338 6.41 43.76 1.55
C GLN D 338 5.32 44.84 1.59
N LEU D 339 5.43 45.81 2.51
CA LEU D 339 4.44 46.85 2.64
C LEU D 339 4.41 47.70 1.38
N GLU D 340 5.58 48.12 0.91
CA GLU D 340 5.69 48.97 -0.27
C GLU D 340 5.04 48.27 -1.47
N GLY D 341 5.26 46.93 -1.56
CA GLY D 341 4.68 46.10 -2.62
C GLY D 341 3.15 46.11 -2.60
N LEU D 342 2.56 46.01 -1.39
CA LEU D 342 1.12 45.95 -1.24
C LEU D 342 0.52 47.32 -1.55
N LEU D 343 1.19 48.39 -1.14
CA LEU D 343 0.73 49.76 -1.43
C LEU D 343 0.75 49.99 -2.95
N GLU D 344 1.74 49.41 -3.61
CA GLU D 344 1.87 49.54 -5.05
C GLU D 344 0.72 48.78 -5.73
N LYS D 345 0.38 47.60 -5.19
CA LYS D 345 -0.70 46.81 -5.78
C LYS D 345 -2.03 47.54 -5.61
N ILE D 346 -2.20 48.21 -4.48
CA ILE D 346 -3.40 49.03 -4.25
C ILE D 346 -3.48 50.12 -5.32
N ARG D 347 -2.39 50.83 -5.58
CA ARG D 347 -2.41 51.92 -6.54
C ARG D 347 -2.59 51.36 -7.96
N LEU D 348 -1.98 50.20 -8.24
CA LEU D 348 -2.11 49.58 -9.54
C LEU D 348 -3.56 49.15 -9.78
N ALA D 349 -4.23 48.69 -8.72
CA ALA D 349 -5.62 48.27 -8.81
C ALA D 349 -6.46 49.44 -9.28
N ARG D 350 -6.14 50.63 -8.75
CA ARG D 350 -6.94 51.82 -9.03
C ARG D 350 -6.79 52.19 -10.50
N GLN D 351 -5.55 52.15 -11.03
CA GLN D 351 -5.30 52.53 -12.42
C GLN D 351 -5.96 51.56 -13.37
N GLU D 352 -6.00 50.26 -13.00
CA GLU D 352 -6.53 49.22 -13.87
C GLU D 352 -8.08 49.29 -13.86
N GLY D 353 -8.65 50.12 -12.99
CA GLY D 353 -10.07 50.45 -13.03
C GLY D 353 -10.92 49.54 -12.11
N ALA D 354 -10.30 48.88 -11.14
CA ALA D 354 -11.04 48.14 -10.13
C ALA D 354 -11.80 49.13 -9.24
N LYS D 355 -13.01 48.76 -8.84
CA LYS D 355 -13.85 49.65 -8.08
C LYS D 355 -13.54 49.50 -6.60
N PRO D 356 -13.09 50.57 -5.91
CA PRO D 356 -12.80 50.48 -4.48
C PRO D 356 -14.05 50.44 -3.62
N LEU D 357 -14.22 49.33 -2.90
CA LEU D 357 -15.39 49.15 -2.06
C LEU D 357 -15.06 49.58 -0.63
N TYR D 358 -13.86 49.24 -0.14
CA TYR D 358 -13.45 49.65 1.20
C TYR D 358 -11.94 49.82 1.25
N GLU D 359 -11.49 50.95 1.79
CA GLU D 359 -10.07 51.26 1.88
C GLU D 359 -9.74 51.77 3.28
N GLY D 360 -9.05 50.92 4.08
CA GLY D 360 -8.67 51.26 5.45
C GLY D 360 -7.34 52.01 5.46
N GLY D 361 -7.11 52.76 6.51
CA GLY D 361 -5.92 53.60 6.55
C GLY D 361 -4.66 52.78 6.83
N VAL D 362 -3.57 53.02 6.05
CA VAL D 362 -2.24 52.51 6.40
C VAL D 362 -1.70 53.35 7.55
N ASP D 363 -1.28 52.67 8.62
CA ASP D 363 -0.73 53.30 9.81
C ASP D 363 0.57 52.59 10.18
N GLY D 364 1.69 53.13 9.70
CA GLY D 364 2.99 52.48 9.84
C GLY D 364 3.00 51.14 9.10
N GLN D 365 3.38 50.06 9.83
CA GLN D 365 3.34 48.70 9.29
C GLN D 365 1.90 48.13 9.30
N LEU D 366 0.97 48.78 10.01
CA LEU D 366 -0.41 48.30 10.03
C LEU D 366 -1.07 48.71 8.72
N LEU D 367 -1.28 47.75 7.82
CA LEU D 367 -2.08 47.95 6.62
C LEU D 367 -3.50 47.37 6.84
N ALA D 368 -4.50 48.25 6.88
CA ALA D 368 -5.87 47.85 7.15
C ALA D 368 -6.43 47.15 5.90
N PRO D 369 -7.58 46.45 5.98
CA PRO D 369 -8.14 45.77 4.81
C PRO D 369 -8.42 46.72 3.65
N HIS D 370 -8.14 46.24 2.42
CA HIS D 370 -8.54 46.92 1.20
C HIS D 370 -9.31 45.94 0.31
N VAL D 371 -10.55 46.29 -0.02
CA VAL D 371 -11.43 45.47 -0.87
C VAL D 371 -11.73 46.22 -2.17
N PHE D 372 -11.54 45.55 -3.30
CA PHE D 372 -11.90 46.09 -4.60
C PHE D 372 -12.98 45.23 -5.22
N GLY D 373 -13.80 45.85 -6.09
CA GLY D 373 -14.86 45.19 -6.81
C GLY D 373 -14.71 45.33 -8.33
N GLU D 374 -15.62 44.67 -9.08
CA GLU D 374 -15.67 44.71 -10.55
C GLU D 374 -14.33 44.25 -11.14
N VAL D 375 -13.69 43.29 -10.50
CA VAL D 375 -12.39 42.86 -10.96
C VAL D 375 -12.57 41.93 -12.15
N THR D 376 -11.56 41.89 -13.04
CA THR D 376 -11.53 40.96 -14.17
C THR D 376 -10.25 40.14 -14.14
N ALA D 377 -10.22 39.09 -14.95
CA ALA D 377 -9.20 38.07 -14.91
C ALA D 377 -7.82 38.64 -15.28
N THR D 378 -7.81 39.72 -16.11
CA THR D 378 -6.54 40.25 -16.63
C THR D 378 -5.87 41.17 -15.61
N MET D 379 -6.61 41.67 -14.60
CA MET D 379 -6.04 42.63 -13.66
C MET D 379 -4.99 41.94 -12.78
N GLU D 380 -3.99 42.70 -12.35
CA GLU D 380 -2.87 42.15 -11.60
C GLU D 380 -3.37 41.59 -10.26
N ILE D 381 -4.38 42.24 -9.68
CA ILE D 381 -4.94 41.80 -8.41
C ILE D 381 -5.56 40.40 -8.55
N ALA D 382 -6.02 40.05 -9.75
CA ALA D 382 -6.53 38.71 -10.02
C ALA D 382 -5.37 37.74 -10.32
N ARG D 383 -4.37 38.22 -11.04
CA ARG D 383 -3.35 37.35 -11.63
C ARG D 383 -2.34 36.93 -10.56
N ASP D 384 -1.81 37.90 -9.82
CA ASP D 384 -0.63 37.66 -8.99
C ASP D 384 -1.03 37.42 -7.53
N GLU D 385 -0.15 36.73 -6.80
CA GLU D 385 -0.40 36.35 -5.42
C GLU D 385 -0.28 37.58 -4.53
N ILE D 386 -1.13 37.64 -3.49
CA ILE D 386 -1.09 38.69 -2.51
C ILE D 386 -0.75 38.08 -1.14
N PHE D 387 0.20 38.70 -0.45
CA PHE D 387 0.52 38.30 0.91
C PHE D 387 0.16 39.43 1.85
N GLY D 388 -1.15 39.67 2.01
CA GLY D 388 -1.64 40.71 2.88
C GLY D 388 -3.13 40.94 2.72
N PRO D 389 -3.71 41.91 3.46
CA PRO D 389 -5.15 42.12 3.48
C PRO D 389 -5.69 42.94 2.31
N LEU D 390 -5.38 42.48 1.10
CA LEU D 390 -5.94 43.04 -0.14
C LEU D 390 -6.63 41.91 -0.91
N VAL D 391 -7.89 42.13 -1.34
CA VAL D 391 -8.62 41.10 -2.07
C VAL D 391 -9.56 41.73 -3.10
N GLY D 392 -9.76 41.00 -4.22
CA GLY D 392 -10.62 41.46 -5.30
C GLY D 392 -11.87 40.59 -5.44
N LEU D 393 -12.99 41.23 -5.75
CA LEU D 393 -14.26 40.55 -6.01
C LEU D 393 -14.55 40.55 -7.52
N LEU D 394 -14.81 39.35 -8.10
CA LEU D 394 -15.07 39.16 -9.55
C LEU D 394 -16.57 38.84 -9.73
N ARG D 395 -17.20 39.38 -10.78
CA ARG D 395 -18.56 38.98 -11.16
C ARG D 395 -18.48 37.85 -12.17
N ALA D 396 -19.27 36.78 -11.94
CA ALA D 396 -19.37 35.67 -12.89
C ALA D 396 -20.79 35.61 -13.49
N ARG D 397 -20.85 35.49 -14.83
CA ARG D 397 -22.11 35.50 -15.57
C ARG D 397 -22.92 34.25 -15.26
N ASP D 398 -22.24 33.07 -15.31
CA ASP D 398 -22.83 31.77 -15.06
C ASP D 398 -21.75 30.82 -14.54
N GLU D 399 -22.13 29.55 -14.32
CA GLU D 399 -21.21 28.54 -13.79
C GLU D 399 -20.00 28.35 -14.73
N ALA D 400 -20.24 28.29 -16.04
CA ALA D 400 -19.14 28.12 -16.99
C ALA D 400 -18.16 29.29 -16.90
N HIS D 401 -18.67 30.51 -16.79
CA HIS D 401 -17.84 31.70 -16.66
C HIS D 401 -17.05 31.67 -15.34
N ALA D 402 -17.72 31.21 -14.26
CA ALA D 402 -17.07 31.07 -12.96
C ALA D 402 -15.89 30.10 -13.06
N LEU D 403 -16.06 29.00 -13.81
CA LEU D 403 -15.01 28.03 -13.96
C LEU D 403 -13.82 28.65 -14.72
N GLU D 404 -14.12 29.36 -15.79
CA GLU D 404 -13.08 29.95 -16.62
C GLU D 404 -12.26 30.94 -15.78
N LEU D 405 -12.96 31.76 -14.98
CA LEU D 405 -12.29 32.75 -14.14
C LEU D 405 -11.40 32.03 -13.13
N ALA D 406 -11.91 30.96 -12.51
CA ALA D 406 -11.15 30.27 -11.46
C ALA D 406 -9.89 29.63 -12.05
N ASN D 407 -9.98 29.09 -13.28
CA ASN D 407 -8.85 28.40 -13.89
C ASN D 407 -7.93 29.37 -14.62
N ALA D 408 -8.31 30.66 -14.69
CA ALA D 408 -7.46 31.64 -15.38
C ALA D 408 -6.18 31.88 -14.58
N SER D 409 -6.27 31.67 -13.25
CA SER D 409 -5.15 31.90 -12.33
C SER D 409 -3.98 31.03 -12.72
N GLU D 410 -4.29 29.87 -13.32
CA GLU D 410 -3.32 28.86 -13.79
C GLU D 410 -2.63 28.19 -12.58
N TYR D 411 -1.91 28.97 -11.76
CA TYR D 411 -1.21 28.39 -10.62
C TYR D 411 -2.14 28.40 -9.40
N GLY D 412 -2.54 27.19 -8.96
CA GLY D 412 -3.58 27.01 -7.96
C GLY D 412 -3.16 26.04 -6.85
N LEU D 413 -2.76 26.59 -5.70
CA LEU D 413 -2.39 25.79 -4.54
C LEU D 413 -3.66 25.28 -3.86
N SER D 414 -4.60 26.20 -3.57
CA SER D 414 -5.85 25.86 -2.92
C SER D 414 -7.02 26.49 -3.68
N SER D 415 -8.24 26.11 -3.27
CA SER D 415 -9.46 26.67 -3.84
C SER D 415 -10.63 26.37 -2.92
N ALA D 416 -11.77 27.02 -3.18
CA ALA D 416 -13.00 26.77 -2.45
C ALA D 416 -14.19 27.03 -3.38
N VAL D 417 -15.27 26.28 -3.12
CA VAL D 417 -16.48 26.40 -3.92
C VAL D 417 -17.67 26.21 -2.98
N PHE D 418 -18.66 27.09 -3.12
CA PHE D 418 -19.81 27.13 -2.24
C PHE D 418 -21.07 26.94 -3.06
N SER D 419 -21.86 25.95 -2.67
CA SER D 419 -23.11 25.64 -3.33
C SER D 419 -23.85 24.60 -2.51
N ARG D 420 -25.15 24.79 -2.34
CA ARG D 420 -25.97 23.89 -1.57
C ARG D 420 -26.12 22.54 -2.27
N ASP D 421 -25.94 22.50 -3.59
CA ASP D 421 -25.98 21.24 -4.31
C ASP D 421 -24.57 20.61 -4.33
N LEU D 422 -24.37 19.57 -3.50
CA LEU D 422 -23.04 18.98 -3.30
C LEU D 422 -22.57 18.30 -4.58
N GLU D 423 -23.51 17.68 -5.28
CA GLU D 423 -23.20 17.01 -6.53
C GLU D 423 -22.61 18.01 -7.53
N ARG D 424 -23.27 19.17 -7.68
CA ARG D 424 -22.83 20.21 -8.59
C ARG D 424 -21.47 20.76 -8.13
N ALA D 425 -21.34 20.99 -6.82
CA ALA D 425 -20.14 21.56 -6.25
C ALA D 425 -18.94 20.64 -6.51
N VAL D 426 -19.15 19.33 -6.38
CA VAL D 426 -18.04 18.38 -6.48
C VAL D 426 -17.64 18.25 -7.95
N ARG D 427 -18.65 18.19 -8.82
CA ARG D 427 -18.42 18.12 -10.27
C ARG D 427 -17.66 19.38 -10.77
N PHE D 428 -18.02 20.56 -10.24
CA PHE D 428 -17.31 21.81 -10.54
C PHE D 428 -15.89 21.75 -9.97
N ALA D 429 -15.77 21.31 -8.70
CA ALA D 429 -14.47 21.23 -8.04
C ALA D 429 -13.48 20.39 -8.85
N ARG D 430 -13.97 19.30 -9.47
CA ARG D 430 -13.11 18.37 -10.19
C ARG D 430 -12.53 19.01 -11.46
N GLN D 431 -13.21 20.03 -12.00
CA GLN D 431 -12.74 20.70 -13.20
C GLN D 431 -11.69 21.78 -12.86
N LEU D 432 -11.55 22.13 -11.57
CA LEU D 432 -10.57 23.13 -11.15
C LEU D 432 -9.17 22.56 -11.33
N ARG D 433 -8.24 23.41 -11.76
CA ARG D 433 -6.86 22.99 -11.93
C ARG D 433 -6.09 23.34 -10.68
N ALA D 434 -6.44 22.69 -9.58
CA ALA D 434 -5.88 22.97 -8.27
C ALA D 434 -5.65 21.66 -7.53
N GLY D 435 -4.70 21.67 -6.59
CA GLY D 435 -4.31 20.49 -5.86
C GLY D 435 -5.31 20.16 -4.72
N MET D 436 -5.95 21.20 -4.14
CA MET D 436 -7.05 21.00 -3.19
C MET D 436 -8.21 21.96 -3.47
N THR D 437 -9.43 21.48 -3.20
CA THR D 437 -10.61 22.29 -3.16
C THR D 437 -11.38 21.96 -1.89
N HIS D 438 -11.87 22.99 -1.21
CA HIS D 438 -12.75 22.83 -0.06
C HIS D 438 -14.17 23.21 -0.46
N VAL D 439 -15.12 22.33 -0.20
CA VAL D 439 -16.51 22.56 -0.60
C VAL D 439 -17.34 22.87 0.65
N ASN D 440 -17.99 24.07 0.65
CA ASN D 440 -18.99 24.46 1.66
C ASN D 440 -18.38 24.41 3.07
N ASP D 441 -17.10 24.76 3.21
CA ASP D 441 -16.43 24.62 4.49
C ASP D 441 -16.95 25.69 5.46
N ILE D 442 -17.58 25.24 6.55
CA ILE D 442 -18.06 26.11 7.61
C ILE D 442 -16.93 26.32 8.64
N PRO D 443 -16.78 27.53 9.22
CA PRO D 443 -15.95 27.72 10.40
C PRO D 443 -16.79 27.54 11.68
N GLY D 459 -1.77 15.60 9.78
CA GLY D 459 -1.38 14.29 9.19
C GLY D 459 -2.55 13.66 8.47
N LEU D 460 -3.78 13.93 8.91
CA LEU D 460 -4.98 13.39 8.24
C LEU D 460 -5.06 13.95 6.81
N GLY D 461 -4.74 15.23 6.62
CA GLY D 461 -4.92 15.87 5.30
C GLY D 461 -3.68 16.60 4.85
N ARG D 462 -3.55 16.84 3.54
CA ARG D 462 -2.36 17.54 3.01
C ARG D 462 -1.12 16.68 3.31
N PHE D 463 -0.13 17.24 4.00
CA PHE D 463 1.13 16.47 4.18
C PHE D 463 0.79 15.16 4.87
N ASN D 464 1.39 14.07 4.39
CA ASN D 464 1.03 12.72 4.90
C ASN D 464 2.33 11.92 5.08
N GLY D 465 2.27 10.86 5.88
CA GLY D 465 3.47 10.05 6.11
C GLY D 465 3.94 9.44 4.81
N ASP D 466 3.00 8.99 3.97
CA ASP D 466 3.38 8.44 2.66
C ASP D 466 4.06 9.53 1.82
N TRP D 467 3.54 10.76 1.85
CA TRP D 467 4.20 11.86 1.12
C TRP D 467 5.59 12.14 1.71
N ALA D 468 5.71 12.12 3.03
CA ALA D 468 6.99 12.49 3.67
C ALA D 468 8.02 11.40 3.44
N ILE D 469 7.60 10.14 3.61
CA ILE D 469 8.58 9.03 3.49
C ILE D 469 9.15 9.11 2.05
N GLU D 470 8.27 9.24 1.06
CA GLU D 470 8.78 9.29 -0.32
C GLU D 470 9.75 10.47 -0.47
N GLU D 471 9.41 11.61 0.14
CA GLU D 471 10.10 12.86 -0.08
C GLU D 471 11.53 12.78 0.50
N PHE D 472 11.66 12.28 1.72
CA PHE D 472 12.91 12.41 2.45
C PHE D 472 13.63 11.05 2.56
N THR D 473 13.25 10.07 1.70
CA THR D 473 14.00 8.84 1.58
C THR D 473 14.28 8.57 0.11
N THR D 474 15.22 7.66 -0.11
CA THR D 474 15.55 7.20 -1.44
C THR D 474 15.63 5.67 -1.43
N ASP D 475 15.43 5.08 -2.63
CA ASP D 475 15.38 3.64 -2.78
C ASP D 475 16.61 3.16 -3.53
N HIS D 476 17.21 2.06 -3.03
CA HIS D 476 18.33 1.41 -3.69
C HIS D 476 17.92 -0.03 -4.05
N TRP D 477 17.78 -0.31 -5.34
CA TRP D 477 17.50 -1.66 -5.83
C TRP D 477 18.78 -2.50 -5.80
N ILE D 478 18.74 -3.61 -5.06
CA ILE D 478 19.87 -4.54 -4.99
C ILE D 478 19.39 -5.93 -5.38
N SER D 479 19.81 -6.39 -6.56
CA SER D 479 19.46 -7.72 -7.04
C SER D 479 20.58 -8.70 -6.66
N VAL D 480 20.18 -9.85 -6.06
CA VAL D 480 21.13 -10.83 -5.55
C VAL D 480 20.91 -12.14 -6.32
N GLN D 481 21.99 -12.66 -6.90
CA GLN D 481 21.95 -13.88 -7.70
C GLN D 481 22.63 -15.01 -6.91
N HIS D 482 21.84 -16.07 -6.61
CA HIS D 482 22.34 -17.24 -5.88
C HIS D 482 22.87 -18.26 -6.90
#